data_7S9V
#
_entry.id   7S9V
#
_cell.length_a   1.00
_cell.length_b   1.00
_cell.length_c   1.00
_cell.angle_alpha   90.00
_cell.angle_beta   90.00
_cell.angle_gamma   90.00
#
_symmetry.space_group_name_H-M   'P 1'
#
loop_
_entity.id
_entity.type
_entity.pdbx_description
1 polymer DrmA
2 polymer DrmB
3 non-polymer "ADENOSINE-5'-DIPHOSPHATE"
#
loop_
_entity_poly.entity_id
_entity_poly.type
_entity_poly.pdbx_seq_one_letter_code
_entity_poly.pdbx_strand_id
1 'polypeptide(L)'
;MTDNNKSSKTPNAWIAIDHNFSRAQVLTYYTLQLKGEHSLHQAISDNDWILVLDTTGNITRVGRILRIRSDLETTTIFFD
RMLQVKSVVSIGITPFKFPPNDRAGRIQWTDFIETLPKELHITIADIPKIEDQTYIRELLQLAVMDDLLGPAGGPNELIV
DMGVRDRYLVGKLAPREAAERGQEFPIDAEDIEDEEPDLIVKAKTAKVNSPSVLGSGETDTAEEIDAASNQSLVPSSLGM
TFCVDGDVDRVEIEARWGRYERVPNDEHQFFKSNGQKAKVWKRIPCGGKIVLPLIEGSISHNAPDSTSPEVRVQGSIRAK
NDNGDRLITLFLVNAQEEPDTNRDTAWVFQPELIVRAAKDAAKPAIFRRRPVLDADGMDPEREALEMIYRDRVEFAVGHG
VAVHAEIADDVTLATEVRTTVMPQYEVQATETPGLELSDRPAMREMVSSGLLDMQRLATLDIDPLVDALSVLTNDYATWI
DEQNLNVSSKAKGFDTQAQTAINRCQEIHTRLQEGINTLKSNENALAAFRFANQAMATQRIRSLYALAMRRGEDVTLDKF
DVLKNRSWRPFQLAFLLLSIPSLADPCHPDRVKPIEAYADLLWFPTGGGKTEAYLGVAAFTMAIRRMQGNLGGYDSSRGL
TVIMRYTLRLLTLQQFQRATALICAMEVLRREALNKGDKSLGTEPFTIGLWVGNKVTPGTTEDSHNAIEKTRNPGSYNAG
TASPVQLTSCPWCGTEIVPGQDVEVKKDKAGGRTFVYCGDKKGRCEFSKGKSSTQPHPGIPVLVVDEEIYHRPPTMMIAT
VDKFAMMAWRGQVRTLFGRVEKECERHGLLWPGANCTGNHQAFKGQPSAKVKAIPPIRPPDLIIQDEFHLISGPLGTMVG
LYETAVDELCSWTLNGKTVKPKIIASTATVRKAKEQVNNVFMRQVSVFPPHGLDVEDNFFSVQRHIKDKFGRRYLGVCSP
GSSRPAMLIRVYTAFLTAAQELFDHFGEPADPYMTMVGYFNSLRELGGMKRLAEDDVQTRSYRVQMSMVERPALAQRSVN
NIRELTSRVSSQDIPKYLDNLEVKFKAEFDSSAGKYVTKWQEGDTRAIDVVLATNMLSVGVDVNRLGLMAVNGQPKGTAE
YIQATSRVGRSFPGLVCTVLTWARPRDLSHYETFEHYHATFYKHVEAQSVTPFSPRAMDRGLTGSLLSLMRLKNNEFSPN
EGAGKLDMSNQSELAHAIEVLATRAGNVAEDNARKLLAENELKERADEWAKEASKGGRILGYEKRGPDKDKTVALIKSPG
LQAWDNWTVPMSMREVESGVRLIMDTKFIKDDHDWKPRPATKDED
;
A
2 'polypeptide(L)'
;MIINNKTPVGEVRPSQLLWTYGPGALIDLPSLSVVTLGIDRWERERCQPIQEARLLAAVRKVLGPQVENLRMPPFQKSEL
VDPWSAEANIGVPVRPFPRWMRCVKCGLLSPFDDGLLEIKEDRFRAERTRFVHKGCTGSKGNLPAKDADAVPARFLLACR
DGHLDDFPWHYFVHGGNSTCKGTLRFFESGASLQTENLWVRCDSCEASRSMAHAFGKAGKENLPACRGRHPHLDQFDIDC
GEEPRAVLLGATNSWFPITLSALAIPQSKNPLSQLIQDGWPLFEAITAEVMVPIVVQTLKLTGGLPGIDKYSVSDIWSAI
EMHRSGGDSEFVGEADIKGPEWEVLTEANPPTDYPHFMSKKIGTPAQFIPYISRVLLLERLREVNALLGFTRVEAPEGSG
EINERPQMASLARNKPEWVPANQVHGEGIFIQFNEKTLVAWESLDAVKQVDEMLRGGHTGWRNSRNLDPNEDYPGIRYAM
LHTLSHLLIRELALECGYNAASIRERIYADTSNGSPQAGILIYTAAADSDGTLGGLVDLGKPENLGRLLVQALNRSKICS
SDPLCSEHNPEKDRSLHAAACHACTLVAETSCEQGNRYLDRSLLIPTLERIHAAFFKGF
;
B
#
# COMPACT_ATOMS: atom_id res chain seq x y z
N ALA A 13 -14.07 -24.94 -43.55
CA ALA A 13 -15.00 -25.07 -44.65
C ALA A 13 -16.38 -25.51 -44.15
N TRP A 14 -17.07 -24.62 -43.45
CA TRP A 14 -18.37 -24.93 -42.86
C TRP A 14 -19.36 -23.80 -43.12
N ILE A 15 -20.64 -24.15 -43.08
CA ILE A 15 -21.72 -23.19 -43.17
C ILE A 15 -22.58 -23.30 -41.92
N ALA A 16 -22.86 -22.16 -41.30
CA ALA A 16 -23.67 -22.14 -40.09
C ALA A 16 -24.77 -21.10 -40.27
N ILE A 17 -25.62 -20.98 -39.25
CA ILE A 17 -26.74 -20.05 -39.26
C ILE A 17 -26.72 -19.26 -37.96
N ASP A 18 -26.79 -17.94 -38.06
CA ASP A 18 -26.79 -17.07 -36.90
C ASP A 18 -28.17 -17.04 -36.25
N HIS A 19 -28.20 -16.78 -34.95
CA HIS A 19 -29.45 -16.59 -34.23
C HIS A 19 -29.41 -15.49 -33.18
N ASN A 20 -28.28 -14.77 -33.05
CA ASN A 20 -28.17 -13.54 -32.26
C ASN A 20 -28.48 -13.78 -30.77
N PHE A 21 -27.71 -14.66 -30.14
CA PHE A 21 -27.95 -14.95 -28.73
C PHE A 21 -27.18 -14.03 -27.80
N SER A 22 -25.93 -13.71 -28.14
CA SER A 22 -25.07 -12.97 -27.23
C SER A 22 -25.53 -11.52 -27.10
N ARG A 23 -25.13 -10.89 -26.00
CA ARG A 23 -25.69 -9.60 -25.59
C ARG A 23 -24.73 -8.42 -25.80
N ALA A 24 -23.48 -8.54 -25.35
CA ALA A 24 -22.54 -7.43 -25.46
C ALA A 24 -22.13 -7.21 -26.92
N GLN A 25 -22.12 -5.95 -27.34
CA GLN A 25 -22.02 -5.61 -28.76
C GLN A 25 -20.65 -5.97 -29.33
N VAL A 26 -19.59 -5.66 -28.58
CA VAL A 26 -18.23 -5.98 -29.01
C VAL A 26 -18.07 -7.48 -29.20
N LEU A 27 -18.67 -8.26 -28.31
CA LEU A 27 -18.62 -9.72 -28.45
C LEU A 27 -19.44 -10.19 -29.63
N THR A 28 -20.56 -9.53 -29.93
CA THR A 28 -21.41 -10.00 -31.02
C THR A 28 -20.82 -9.70 -32.38
N TYR A 29 -19.97 -8.69 -32.49
CA TYR A 29 -19.27 -8.47 -33.76
C TYR A 29 -18.32 -9.61 -34.12
N TYR A 30 -17.59 -10.13 -33.14
CA TYR A 30 -16.44 -10.99 -33.45
C TYR A 30 -16.67 -12.47 -33.11
N THR A 31 -17.91 -12.89 -32.84
CA THR A 31 -18.14 -14.27 -32.42
C THR A 31 -19.34 -14.86 -33.16
N LEU A 32 -19.37 -16.20 -33.19
CA LEU A 32 -20.51 -16.99 -33.63
C LEU A 32 -20.85 -17.98 -32.53
N GLN A 33 -22.12 -18.06 -32.15
CA GLN A 33 -22.56 -18.91 -31.07
C GLN A 33 -23.49 -19.98 -31.61
N LEU A 34 -23.17 -21.24 -31.31
CA LEU A 34 -23.98 -22.37 -31.73
C LEU A 34 -24.63 -23.04 -30.53
N LYS A 35 -25.69 -23.79 -30.80
CA LYS A 35 -26.43 -24.49 -29.76
C LYS A 35 -26.00 -25.94 -29.70
N GLY A 36 -26.11 -26.52 -28.51
CA GLY A 36 -25.78 -27.92 -28.31
C GLY A 36 -24.38 -28.12 -27.75
N GLU A 37 -24.15 -29.33 -27.26
CA GLU A 37 -22.85 -29.72 -26.72
C GLU A 37 -21.84 -29.86 -27.86
N HIS A 38 -20.56 -29.71 -27.52
CA HIS A 38 -19.47 -29.82 -28.49
C HIS A 38 -19.26 -31.25 -28.98
N SER A 39 -19.91 -32.24 -28.37
CA SER A 39 -19.76 -33.63 -28.82
C SER A 39 -20.34 -33.85 -30.21
N LEU A 40 -21.34 -33.05 -30.60
CA LEU A 40 -21.84 -33.12 -31.97
C LEU A 40 -20.91 -32.43 -32.95
N HIS A 41 -20.20 -31.39 -32.51
CA HIS A 41 -19.41 -30.52 -33.36
C HIS A 41 -17.93 -30.88 -33.36
N GLN A 42 -17.58 -32.18 -33.32
CA GLN A 42 -16.18 -32.53 -33.18
C GLN A 42 -15.39 -32.39 -34.48
N ALA A 43 -16.07 -32.18 -35.60
CA ALA A 43 -15.38 -32.06 -36.88
C ALA A 43 -14.81 -30.68 -37.14
N ILE A 44 -15.00 -29.74 -36.22
CA ILE A 44 -14.55 -28.36 -36.40
C ILE A 44 -13.34 -28.10 -35.53
N SER A 45 -12.28 -27.56 -36.11
CA SER A 45 -11.04 -27.30 -35.40
C SER A 45 -10.53 -25.91 -35.79
N ASP A 46 -9.31 -25.60 -35.34
CA ASP A 46 -8.73 -24.29 -35.58
C ASP A 46 -8.27 -24.16 -37.04
N ASN A 47 -7.91 -22.93 -37.40
CA ASN A 47 -7.51 -22.55 -38.76
C ASN A 47 -8.56 -22.92 -39.80
N ASP A 48 -9.84 -22.72 -39.49
CA ASP A 48 -10.91 -23.13 -40.38
C ASP A 48 -11.73 -21.94 -40.81
N TRP A 49 -12.19 -21.96 -42.06
CA TRP A 49 -13.10 -20.94 -42.56
C TRP A 49 -14.54 -21.39 -42.32
N ILE A 50 -15.36 -20.48 -41.81
CA ILE A 50 -16.80 -20.68 -41.73
C ILE A 50 -17.48 -19.46 -42.31
N LEU A 51 -18.59 -19.68 -43.01
CA LEU A 51 -19.26 -18.64 -43.76
C LEU A 51 -20.65 -18.44 -43.16
N VAL A 52 -20.86 -17.31 -42.49
CA VAL A 52 -22.01 -17.08 -41.62
C VAL A 52 -23.15 -16.46 -42.44
N LEU A 53 -24.33 -17.03 -42.32
CA LEU A 53 -25.55 -16.50 -42.93
C LEU A 53 -26.50 -15.98 -41.86
N ASP A 54 -27.60 -15.41 -42.33
CA ASP A 54 -28.75 -15.10 -41.50
C ASP A 54 -29.84 -16.13 -41.74
N THR A 55 -31.03 -15.86 -41.19
CA THR A 55 -32.14 -16.81 -41.28
C THR A 55 -32.68 -16.96 -42.69
N THR A 56 -32.67 -15.89 -43.50
CA THR A 56 -33.30 -15.90 -44.81
C THR A 56 -32.48 -16.63 -45.88
N GLY A 57 -31.16 -16.70 -45.72
CA GLY A 57 -30.31 -17.22 -46.76
C GLY A 57 -29.41 -16.19 -47.44
N ASN A 58 -28.84 -15.26 -46.68
CA ASN A 58 -27.99 -14.23 -47.24
C ASN A 58 -26.61 -14.29 -46.62
N ILE A 59 -25.58 -14.23 -47.47
CA ILE A 59 -24.20 -14.27 -47.00
C ILE A 59 -23.84 -12.92 -46.38
N THR A 60 -23.35 -12.95 -45.15
CA THR A 60 -22.93 -11.73 -44.47
C THR A 60 -21.44 -11.70 -44.15
N ARG A 61 -20.91 -12.74 -43.52
CA ARG A 61 -19.56 -12.68 -42.99
C ARG A 61 -18.74 -13.88 -43.47
N VAL A 62 -17.44 -13.66 -43.59
CA VAL A 62 -16.47 -14.72 -43.83
C VAL A 62 -15.35 -14.56 -42.82
N GLY A 63 -15.05 -15.62 -42.07
CA GLY A 63 -14.12 -15.50 -40.98
C GLY A 63 -13.21 -16.71 -40.88
N ARG A 64 -12.23 -16.61 -39.98
CA ARG A 64 -11.27 -17.66 -39.72
C ARG A 64 -11.18 -17.88 -38.22
N ILE A 65 -11.11 -19.15 -37.80
CA ILE A 65 -11.30 -19.51 -36.40
C ILE A 65 -9.99 -19.42 -35.65
N LEU A 66 -10.03 -18.81 -34.46
CA LEU A 66 -8.90 -18.77 -33.56
C LEU A 66 -8.99 -19.83 -32.47
N ARG A 67 -10.13 -19.91 -31.79
CA ARG A 67 -10.25 -20.68 -30.58
C ARG A 67 -11.69 -21.17 -30.46
N ILE A 68 -11.88 -22.28 -29.74
CA ILE A 68 -13.20 -22.83 -29.44
C ILE A 68 -13.28 -23.07 -27.94
N ARG A 69 -14.39 -22.65 -27.34
CA ARG A 69 -14.72 -22.99 -25.98
C ARG A 69 -16.10 -23.64 -25.95
N SER A 70 -16.41 -24.30 -24.84
CA SER A 70 -17.64 -25.08 -24.76
C SER A 70 -18.19 -25.05 -23.34
N ASP A 71 -19.47 -25.41 -23.23
CA ASP A 71 -20.16 -25.45 -21.96
C ASP A 71 -21.16 -26.60 -22.06
N LEU A 72 -22.09 -26.68 -21.11
CA LEU A 72 -23.05 -27.78 -21.10
C LEU A 72 -24.14 -27.62 -22.15
N GLU A 73 -24.33 -26.42 -22.70
CA GLU A 73 -25.39 -26.22 -23.68
C GLU A 73 -24.94 -25.46 -24.92
N THR A 74 -23.91 -24.63 -24.81
CA THR A 74 -23.53 -23.74 -25.89
C THR A 74 -22.03 -23.83 -26.16
N THR A 75 -21.67 -23.56 -27.42
CA THR A 75 -20.27 -23.48 -27.84
C THR A 75 -20.04 -22.12 -28.48
N THR A 76 -18.92 -21.48 -28.14
CA THR A 76 -18.59 -20.14 -28.60
C THR A 76 -17.34 -20.18 -29.46
N ILE A 77 -17.40 -19.56 -30.64
CA ILE A 77 -16.30 -19.55 -31.59
C ILE A 77 -15.77 -18.13 -31.71
N PHE A 78 -14.47 -17.98 -31.48
CA PHE A 78 -13.78 -16.69 -31.55
C PHE A 78 -13.00 -16.61 -32.86
N PHE A 79 -13.10 -15.49 -33.57
CA PHE A 79 -12.44 -15.32 -34.85
C PHE A 79 -11.09 -14.62 -34.68
N ASP A 80 -10.29 -14.66 -35.74
CA ASP A 80 -9.06 -13.85 -35.80
C ASP A 80 -8.95 -13.00 -37.05
N ARG A 81 -9.39 -13.48 -38.19
CA ARG A 81 -9.56 -12.67 -39.38
C ARG A 81 -11.01 -12.73 -39.81
N MET A 82 -11.55 -11.59 -40.28
CA MET A 82 -12.94 -11.61 -40.72
C MET A 82 -13.18 -10.48 -41.70
N LEU A 83 -14.03 -10.76 -42.69
CA LEU A 83 -14.47 -9.77 -43.65
C LEU A 83 -15.97 -9.60 -43.52
N GLN A 84 -16.44 -8.36 -43.60
CA GLN A 84 -17.86 -8.03 -43.54
C GLN A 84 -18.35 -7.62 -44.92
N VAL A 85 -19.36 -8.32 -45.42
CA VAL A 85 -19.91 -7.99 -46.74
C VAL A 85 -20.76 -6.73 -46.63
N LYS A 86 -20.51 -5.78 -47.52
CA LYS A 86 -21.24 -4.52 -47.56
C LYS A 86 -22.51 -4.59 -48.40
N SER A 87 -22.49 -5.33 -49.50
CA SER A 87 -23.63 -5.47 -50.38
C SER A 87 -24.54 -6.61 -49.89
N VAL A 88 -25.48 -7.02 -50.74
CA VAL A 88 -26.39 -8.13 -50.44
C VAL A 88 -26.13 -9.24 -51.45
N VAL A 89 -25.80 -10.43 -50.95
CA VAL A 89 -25.47 -11.58 -51.78
C VAL A 89 -26.42 -12.72 -51.45
N SER A 90 -26.94 -13.38 -52.49
CA SER A 90 -27.92 -14.44 -52.35
C SER A 90 -27.26 -15.81 -52.45
N ILE A 91 -27.93 -16.82 -51.90
CA ILE A 91 -27.42 -18.18 -51.87
C ILE A 91 -27.79 -18.95 -53.14
N GLY A 92 -28.70 -18.41 -53.96
CA GLY A 92 -29.18 -19.15 -55.11
C GLY A 92 -28.11 -19.39 -56.16
N ILE A 93 -27.28 -18.38 -56.42
CA ILE A 93 -26.18 -18.55 -57.37
C ILE A 93 -25.08 -19.44 -56.83
N THR A 94 -24.98 -19.57 -55.49
CA THR A 94 -23.97 -20.43 -54.89
C THR A 94 -24.30 -21.90 -55.15
N PRO A 95 -23.32 -22.68 -55.61
CA PRO A 95 -23.57 -24.09 -55.94
C PRO A 95 -23.77 -25.00 -54.75
N PHE A 96 -23.64 -24.47 -53.53
CA PHE A 96 -23.49 -25.29 -52.34
C PHE A 96 -24.86 -25.78 -51.87
N LYS A 97 -24.85 -26.58 -50.80
CA LYS A 97 -26.08 -27.04 -50.19
C LYS A 97 -26.43 -26.18 -48.98
N PHE A 98 -27.73 -26.04 -48.74
CA PHE A 98 -28.23 -25.36 -47.56
C PHE A 98 -27.83 -26.16 -46.31
N PRO A 99 -27.63 -25.49 -45.18
CA PRO A 99 -27.25 -26.20 -43.94
C PRO A 99 -28.24 -27.28 -43.55
N PRO A 100 -27.76 -28.48 -43.24
CA PRO A 100 -28.66 -29.59 -42.94
C PRO A 100 -29.28 -29.45 -41.55
N ASN A 101 -30.58 -29.11 -41.53
CA ASN A 101 -31.39 -29.08 -40.31
C ASN A 101 -30.82 -28.16 -39.25
N ASP A 102 -30.32 -26.99 -39.68
CA ASP A 102 -29.81 -25.92 -38.82
C ASP A 102 -28.62 -26.38 -37.98
N ARG A 103 -27.77 -27.26 -38.52
CA ARG A 103 -26.52 -27.66 -37.92
C ARG A 103 -25.36 -27.19 -38.81
N ALA A 104 -24.16 -27.66 -38.49
CA ALA A 104 -23.00 -27.39 -39.34
C ALA A 104 -22.99 -28.34 -40.54
N GLY A 105 -22.44 -27.85 -41.66
CA GLY A 105 -22.36 -28.65 -42.87
C GLY A 105 -21.06 -28.38 -43.60
N ARG A 106 -20.60 -29.41 -44.30
CA ARG A 106 -19.27 -29.43 -44.92
C ARG A 106 -19.29 -28.77 -46.30
N ILE A 107 -18.23 -28.01 -46.58
CA ILE A 107 -18.06 -27.28 -47.83
C ILE A 107 -16.99 -27.95 -48.67
N GLN A 108 -17.28 -28.11 -49.97
CA GLN A 108 -16.25 -28.52 -50.91
C GLN A 108 -15.23 -27.39 -51.10
N TRP A 109 -13.95 -27.75 -51.10
CA TRP A 109 -12.87 -26.77 -51.08
C TRP A 109 -12.81 -25.99 -52.39
N THR A 110 -12.99 -26.67 -53.52
CA THR A 110 -12.74 -26.06 -54.83
C THR A 110 -13.77 -24.99 -55.16
N ASP A 111 -15.05 -25.26 -54.89
CA ASP A 111 -16.09 -24.29 -55.21
C ASP A 111 -15.99 -23.06 -54.31
N PHE A 112 -15.60 -23.27 -53.05
CA PHE A 112 -15.37 -22.15 -52.14
C PHE A 112 -14.22 -21.27 -52.63
N ILE A 113 -13.11 -21.90 -53.03
CA ILE A 113 -11.93 -21.16 -53.48
C ILE A 113 -12.24 -20.43 -54.79
N GLU A 114 -13.00 -21.05 -55.68
CA GLU A 114 -13.33 -20.40 -56.94
C GLU A 114 -14.37 -19.29 -56.76
N THR A 115 -15.30 -19.45 -55.82
CA THR A 115 -16.35 -18.47 -55.62
C THR A 115 -15.85 -17.24 -54.86
N LEU A 116 -14.79 -17.37 -54.06
CA LEU A 116 -14.25 -16.22 -53.33
C LEU A 116 -13.86 -15.03 -54.21
N PRO A 117 -13.20 -15.18 -55.39
CA PRO A 117 -13.04 -14.02 -56.26
C PRO A 117 -14.28 -13.75 -57.10
N LYS A 118 -15.00 -14.79 -57.48
CA LYS A 118 -16.09 -14.65 -58.44
C LYS A 118 -17.27 -13.91 -57.84
N GLU A 119 -17.72 -14.32 -56.65
CA GLU A 119 -18.91 -13.75 -56.05
C GLU A 119 -18.63 -13.03 -54.74
N LEU A 120 -17.36 -12.85 -54.37
CA LEU A 120 -17.01 -12.00 -53.24
C LEU A 120 -15.85 -11.06 -53.52
N HIS A 121 -15.21 -11.14 -54.70
CA HIS A 121 -14.23 -10.16 -55.18
C HIS A 121 -13.00 -10.07 -54.27
N ILE A 122 -12.64 -11.19 -53.65
CA ILE A 122 -11.53 -11.25 -52.69
C ILE A 122 -10.73 -12.53 -52.92
N THR A 123 -9.55 -12.59 -52.32
CA THR A 123 -8.75 -13.80 -52.24
C THR A 123 -8.52 -14.16 -50.78
N ILE A 124 -7.69 -15.18 -50.54
CA ILE A 124 -7.34 -15.56 -49.17
C ILE A 124 -6.53 -14.47 -48.49
N ALA A 125 -5.48 -13.99 -49.16
CA ALA A 125 -4.53 -13.08 -48.55
C ALA A 125 -5.04 -11.65 -48.43
N ASP A 126 -6.23 -11.35 -48.95
CA ASP A 126 -6.78 -10.00 -48.87
C ASP A 126 -7.68 -9.78 -47.66
N ILE A 127 -7.85 -10.78 -46.80
CA ILE A 127 -8.74 -10.67 -45.65
C ILE A 127 -8.13 -9.72 -44.62
N PRO A 128 -8.81 -8.64 -44.27
CA PRO A 128 -8.29 -7.75 -43.23
C PRO A 128 -8.35 -8.41 -41.86
N LYS A 129 -7.43 -7.99 -41.00
CA LYS A 129 -7.32 -8.54 -39.66
C LYS A 129 -8.03 -7.65 -38.66
N ILE A 130 -8.32 -8.22 -37.50
CA ILE A 130 -9.11 -7.55 -36.49
C ILE A 130 -8.27 -6.49 -35.77
N GLU A 131 -8.84 -5.31 -35.58
CA GLU A 131 -8.11 -4.14 -35.09
C GLU A 131 -8.49 -3.70 -33.69
N ASP A 132 -9.67 -4.07 -33.19
CA ASP A 132 -10.16 -3.59 -31.89
C ASP A 132 -9.31 -4.12 -30.75
N GLN A 133 -9.23 -3.35 -29.67
CA GLN A 133 -8.42 -3.76 -28.53
C GLN A 133 -9.25 -4.17 -27.31
N THR A 134 -10.53 -3.83 -27.30
CA THR A 134 -11.44 -4.39 -26.30
C THR A 134 -11.59 -5.89 -26.51
N TYR A 135 -11.63 -6.32 -27.77
CA TYR A 135 -11.62 -7.73 -28.10
C TYR A 135 -10.38 -8.42 -27.53
N ILE A 136 -9.24 -7.74 -27.62
CA ILE A 136 -7.98 -8.33 -27.18
C ILE A 136 -7.91 -8.42 -25.67
N ARG A 137 -8.40 -7.41 -24.95
CA ARG A 137 -8.41 -7.51 -23.49
C ARG A 137 -9.35 -8.62 -23.04
N GLU A 138 -10.44 -8.85 -23.80
CA GLU A 138 -11.35 -9.95 -23.47
C GLU A 138 -10.68 -11.30 -23.65
N LEU A 139 -9.95 -11.48 -24.77
CA LEU A 139 -9.29 -12.75 -25.04
C LEU A 139 -8.22 -13.04 -24.01
N LEU A 140 -7.46 -12.04 -23.61
CA LEU A 140 -6.46 -12.26 -22.57
C LEU A 140 -7.09 -12.65 -21.25
N GLN A 141 -8.22 -12.01 -20.91
CA GLN A 141 -8.91 -12.35 -19.67
C GLN A 141 -9.39 -13.79 -19.69
N LEU A 142 -9.96 -14.24 -20.82
CA LEU A 142 -10.41 -15.61 -20.94
C LEU A 142 -9.27 -16.61 -20.81
N ALA A 143 -8.12 -16.29 -21.41
CA ALA A 143 -6.96 -17.17 -21.34
C ALA A 143 -6.50 -17.38 -19.90
N VAL A 144 -6.33 -16.30 -19.15
CA VAL A 144 -5.85 -16.44 -17.78
C VAL A 144 -6.90 -17.13 -16.90
N MET A 145 -8.19 -16.86 -17.15
CA MET A 145 -9.27 -17.51 -16.42
C MET A 145 -9.28 -19.02 -16.64
N ASP A 146 -9.10 -19.45 -17.89
CA ASP A 146 -9.05 -20.88 -18.19
C ASP A 146 -7.86 -21.54 -17.54
N ASP A 147 -6.70 -20.90 -17.59
CA ASP A 147 -5.53 -21.61 -17.08
C ASP A 147 -5.48 -21.64 -15.55
N LEU A 148 -6.09 -20.66 -14.87
CA LEU A 148 -5.99 -20.65 -13.42
C LEU A 148 -7.17 -21.30 -12.70
N LEU A 149 -8.37 -21.27 -13.28
CA LEU A 149 -9.58 -21.76 -12.64
C LEU A 149 -10.11 -23.06 -13.23
N GLY A 150 -10.18 -23.14 -14.55
CA GLY A 150 -10.64 -24.35 -15.19
C GLY A 150 -12.14 -24.45 -15.22
N PRO A 151 -12.68 -25.48 -15.89
CA PRO A 151 -11.97 -26.49 -16.70
C PRO A 151 -11.47 -25.94 -18.02
N ALA A 152 -10.34 -26.46 -18.48
CA ALA A 152 -9.68 -25.88 -19.65
C ALA A 152 -9.95 -26.66 -20.92
N GLY A 153 -10.10 -27.97 -20.81
CA GLY A 153 -10.26 -28.78 -22.00
C GLY A 153 -11.70 -29.07 -22.37
N GLY A 154 -12.63 -28.29 -21.81
CA GLY A 154 -14.04 -28.56 -21.96
C GLY A 154 -14.60 -29.10 -20.67
N PRO A 155 -15.86 -29.54 -20.69
CA PRO A 155 -16.42 -30.19 -19.51
C PRO A 155 -16.09 -31.68 -19.42
N ASN A 156 -15.69 -32.29 -20.53
CA ASN A 156 -15.34 -33.71 -20.60
C ASN A 156 -13.87 -33.90 -20.94
N GLU A 157 -13.00 -33.17 -20.27
CA GLU A 157 -11.59 -33.13 -20.59
C GLU A 157 -10.85 -34.36 -20.09
N LEU A 158 -9.59 -34.49 -20.51
CA LEU A 158 -8.67 -35.52 -20.05
C LEU A 158 -7.40 -34.85 -19.57
N ILE A 159 -6.93 -35.25 -18.39
CA ILE A 159 -5.70 -34.74 -17.80
C ILE A 159 -4.67 -35.85 -17.75
N VAL A 160 -3.46 -35.57 -18.25
CA VAL A 160 -2.43 -36.56 -18.47
C VAL A 160 -1.21 -36.24 -17.61
N ASP A 161 -0.63 -37.28 -17.02
CA ASP A 161 0.72 -37.28 -16.46
C ASP A 161 0.87 -36.43 -15.20
N MET A 162 -0.21 -36.03 -14.56
CA MET A 162 -0.09 -35.27 -13.32
C MET A 162 -1.36 -35.45 -12.50
N GLY A 163 -1.30 -35.03 -11.24
CA GLY A 163 -2.44 -35.11 -10.35
C GLY A 163 -3.35 -33.90 -10.49
N VAL A 164 -4.65 -34.14 -10.33
CA VAL A 164 -5.64 -33.10 -10.59
C VAL A 164 -5.62 -31.99 -9.55
N ARG A 165 -5.10 -32.26 -8.35
CA ARG A 165 -5.16 -31.24 -7.32
C ARG A 165 -4.18 -30.10 -7.59
N ASP A 166 -3.03 -30.41 -8.16
CA ASP A 166 -2.01 -29.39 -8.40
C ASP A 166 -2.13 -28.74 -9.78
N ARG A 167 -2.98 -29.26 -10.65
CA ARG A 167 -3.19 -28.64 -11.96
C ARG A 167 -3.77 -27.25 -11.83
N TYR A 168 -4.67 -27.04 -10.88
CA TYR A 168 -5.43 -25.80 -10.75
C TYR A 168 -5.09 -25.11 -9.45
N LEU A 169 -5.26 -23.80 -9.45
CA LEU A 169 -4.84 -22.95 -8.34
C LEU A 169 -5.98 -22.50 -7.43
N VAL A 170 -7.15 -22.20 -7.98
CA VAL A 170 -8.23 -21.61 -7.21
C VAL A 170 -9.49 -22.47 -7.28
N GLY A 171 -10.31 -22.36 -6.24
CA GLY A 171 -11.67 -22.87 -6.27
C GLY A 171 -11.80 -24.37 -6.12
N LYS A 172 -11.37 -24.91 -4.98
CA LYS A 172 -11.47 -26.33 -4.75
C LYS A 172 -11.72 -26.60 -3.28
N LEU A 173 -12.59 -27.58 -3.02
CA LEU A 173 -13.06 -27.92 -1.68
C LEU A 173 -12.57 -29.31 -1.30
N ALA A 174 -12.11 -29.46 -0.08
CA ALA A 174 -11.50 -30.67 0.42
C ALA A 174 -12.48 -31.50 1.21
N PRO A 175 -12.29 -32.81 1.28
CA PRO A 175 -13.11 -33.63 2.19
C PRO A 175 -12.82 -33.31 3.64
N ARG A 176 -13.83 -33.53 4.47
CA ARG A 176 -13.82 -33.02 5.85
C ARG A 176 -12.72 -33.63 6.69
N GLU A 177 -12.32 -34.87 6.39
CA GLU A 177 -11.30 -35.53 7.20
C GLU A 177 -9.95 -34.85 7.02
N ALA A 178 -9.64 -34.39 5.81
CA ALA A 178 -8.36 -33.73 5.57
C ALA A 178 -8.29 -32.37 6.26
N ALA A 179 -9.42 -31.67 6.33
CA ALA A 179 -9.42 -30.29 6.80
C ALA A 179 -9.14 -30.18 8.29
N GLU A 180 -9.45 -31.23 9.06
CA GLU A 180 -9.23 -31.15 10.50
C GLU A 180 -7.77 -31.34 10.85
N ARG A 181 -7.04 -32.16 10.10
CA ARG A 181 -5.65 -32.43 10.44
C ARG A 181 -4.69 -31.41 9.83
N GLY A 182 -5.06 -30.77 8.73
CA GLY A 182 -4.24 -29.72 8.16
C GLY A 182 -3.06 -30.25 7.36
N GLN A 183 -2.06 -29.38 7.21
CA GLN A 183 -0.89 -29.66 6.39
C GLN A 183 0.37 -29.16 7.07
N GLU A 184 1.50 -29.68 6.59
CA GLU A 184 2.82 -29.17 6.96
C GLU A 184 3.72 -28.93 5.76
N PHE A 185 3.35 -29.40 4.59
CA PHE A 185 4.15 -29.30 3.37
C PHE A 185 3.19 -29.42 2.20
N PRO A 186 3.47 -28.73 1.09
CA PRO A 186 2.54 -28.79 -0.05
C PRO A 186 2.33 -30.18 -0.64
N ILE A 187 3.31 -31.06 -0.53
CA ILE A 187 3.23 -32.40 -1.11
C ILE A 187 3.26 -33.44 0.00
N ASP A 188 2.32 -34.39 -0.06
CA ASP A 188 2.30 -35.49 0.87
C ASP A 188 3.24 -36.59 0.40
N ALA A 189 3.90 -37.24 1.36
CA ALA A 189 4.97 -38.18 1.03
C ALA A 189 4.42 -39.46 0.39
N GLU A 190 3.25 -39.90 0.83
CA GLU A 190 2.70 -41.16 0.34
C GLU A 190 2.09 -41.05 -1.04
N ASP A 191 1.82 -39.83 -1.52
CA ASP A 191 1.20 -39.65 -2.83
C ASP A 191 2.22 -39.56 -3.97
N ILE A 192 3.51 -39.61 -3.67
CA ILE A 192 4.55 -39.37 -4.66
C ILE A 192 5.38 -40.63 -4.89
N GLU A 193 5.09 -41.69 -4.15
CA GLU A 193 5.87 -42.94 -4.21
C GLU A 193 5.57 -43.69 -5.50
N ASP A 194 6.28 -43.29 -6.56
CA ASP A 194 6.28 -44.05 -7.80
C ASP A 194 7.37 -45.11 -7.77
N GLU A 195 7.26 -46.09 -8.67
CA GLU A 195 8.27 -47.15 -8.73
C GLU A 195 9.63 -46.59 -9.14
N GLU A 196 9.67 -45.86 -10.24
CA GLU A 196 10.86 -45.18 -10.72
C GLU A 196 11.03 -43.85 -10.01
N PRO A 197 12.26 -43.32 -9.98
CA PRO A 197 12.44 -41.93 -9.55
C PRO A 197 11.83 -40.97 -10.56
N ASP A 198 11.76 -39.70 -10.15
CA ASP A 198 11.30 -38.67 -11.09
C ASP A 198 12.35 -38.51 -12.17
N LEU A 199 12.10 -39.06 -13.36
CA LEU A 199 13.13 -39.14 -14.38
C LEU A 199 13.34 -37.82 -15.12
N ILE A 200 12.46 -36.84 -14.92
CA ILE A 200 12.48 -35.62 -15.73
C ILE A 200 13.12 -34.52 -14.90
N VAL A 201 14.01 -34.89 -13.98
CA VAL A 201 14.70 -33.90 -13.17
C VAL A 201 15.79 -33.20 -13.98
N LYS A 202 16.05 -31.94 -13.63
CA LYS A 202 17.09 -31.13 -14.23
C LYS A 202 17.81 -30.38 -13.11
N ALA A 203 19.05 -29.97 -13.39
CA ALA A 203 19.88 -29.36 -12.37
C ALA A 203 19.33 -28.00 -11.96
N LYS A 204 19.34 -27.72 -10.65
CA LYS A 204 18.75 -26.52 -10.09
C LYS A 204 19.70 -25.35 -10.27
N THR A 205 19.74 -24.80 -11.48
CA THR A 205 20.75 -23.81 -11.83
C THR A 205 20.13 -22.65 -12.59
N ALA A 206 20.76 -21.48 -12.47
CA ALA A 206 20.40 -20.33 -13.28
C ALA A 206 20.92 -20.51 -14.70
N LYS A 207 20.30 -21.41 -15.45
CA LYS A 207 20.86 -21.87 -16.71
C LYS A 207 20.50 -20.91 -17.84
N VAL A 208 21.50 -20.54 -18.64
CA VAL A 208 21.37 -19.66 -19.79
C VAL A 208 20.72 -18.33 -19.41
N ASN A 209 21.15 -17.77 -18.28
CA ASN A 209 20.49 -16.63 -17.67
C ASN A 209 20.52 -15.39 -18.55
N SER A 210 21.70 -14.79 -18.71
CA SER A 210 21.89 -13.51 -19.42
C SER A 210 20.85 -12.49 -18.96
N PRO A 211 20.99 -12.07 -17.70
CA PRO A 211 19.94 -11.32 -17.01
C PRO A 211 19.69 -9.96 -17.66
N SER A 212 20.76 -9.29 -18.09
CA SER A 212 20.71 -7.94 -18.67
C SER A 212 20.03 -6.94 -17.75
N VAL A 213 20.16 -7.14 -16.44
CA VAL A 213 19.64 -6.20 -15.47
C VAL A 213 20.71 -5.16 -15.13
N LEU A 214 20.29 -3.92 -14.97
CA LEU A 214 21.25 -2.84 -14.74
C LEU A 214 21.90 -2.94 -13.37
N GLY A 215 21.20 -3.55 -12.41
CA GLY A 215 21.74 -3.88 -11.08
C GLY A 215 22.25 -2.64 -10.35
N SER A 216 21.50 -1.56 -10.40
CA SER A 216 21.84 -0.38 -9.63
C SER A 216 21.58 -0.61 -8.15
N GLY A 217 22.34 0.09 -7.31
CA GLY A 217 22.24 -0.15 -5.88
C GLY A 217 22.52 1.14 -5.11
N GLU A 218 21.95 1.21 -3.91
CA GLU A 218 22.07 2.34 -3.00
C GLU A 218 21.68 1.83 -1.61
N THR A 219 21.43 2.75 -0.69
CA THR A 219 21.08 2.42 0.68
C THR A 219 19.71 2.98 1.05
N ASP A 220 18.82 2.10 1.51
CA ASP A 220 17.48 2.48 1.98
C ASP A 220 16.89 1.31 2.77
N THR A 221 15.89 1.62 3.59
CA THR A 221 15.22 0.62 4.42
C THR A 221 13.77 1.03 4.66
N ALA A 222 12.96 0.05 5.07
CA ALA A 222 11.52 0.25 5.28
C ALA A 222 11.11 -0.51 6.55
N GLU A 223 9.80 -0.71 6.70
CA GLU A 223 9.24 -1.32 7.90
C GLU A 223 9.07 -2.83 7.71
N GLU A 224 8.43 -3.49 8.67
CA GLU A 224 8.29 -4.94 8.66
C GLU A 224 7.02 -5.35 9.38
N ILE A 225 6.56 -6.57 9.11
CA ILE A 225 5.34 -7.13 9.68
C ILE A 225 5.41 -8.65 9.60
N ASP A 226 4.37 -9.32 10.10
CA ASP A 226 4.30 -10.77 10.10
C ASP A 226 2.84 -11.21 10.21
N ALA A 227 2.59 -12.48 9.90
CA ALA A 227 1.25 -13.05 9.93
C ALA A 227 1.36 -14.56 10.12
N ALA A 228 0.20 -15.20 10.28
CA ALA A 228 0.15 -16.66 10.39
C ALA A 228 0.33 -17.30 9.01
N SER A 229 0.31 -18.63 8.98
CA SER A 229 0.72 -19.37 7.79
C SER A 229 -0.40 -19.45 6.76
N ASN A 230 -0.03 -19.44 5.49
CA ASN A 230 -0.93 -19.73 4.39
C ASN A 230 -0.76 -21.15 3.87
N GLN A 231 -0.03 -21.99 4.60
CA GLN A 231 0.22 -23.36 4.17
C GLN A 231 -0.70 -24.36 4.84
N SER A 232 -1.05 -24.14 6.11
CA SER A 232 -1.73 -25.12 6.93
C SER A 232 -3.24 -24.99 6.87
N LEU A 233 -3.80 -24.48 5.77
CA LEU A 233 -5.22 -24.19 5.69
C LEU A 233 -5.79 -24.75 4.40
N VAL A 234 -6.99 -25.30 4.51
CA VAL A 234 -7.84 -25.56 3.34
C VAL A 234 -9.30 -25.57 3.79
N PRO A 235 -10.18 -24.87 3.09
CA PRO A 235 -11.59 -24.88 3.47
C PRO A 235 -12.35 -25.99 2.77
N SER A 236 -13.49 -26.35 3.37
CA SER A 236 -14.32 -27.43 2.86
C SER A 236 -15.75 -27.01 2.55
N SER A 237 -16.08 -25.73 2.65
CA SER A 237 -17.44 -25.26 2.39
C SER A 237 -17.42 -23.78 2.04
N LEU A 238 -18.50 -23.35 1.39
CA LEU A 238 -18.69 -21.96 1.01
C LEU A 238 -20.16 -21.61 1.09
N GLY A 239 -20.46 -20.33 1.36
CA GLY A 239 -21.83 -19.87 1.46
C GLY A 239 -22.10 -18.45 0.99
N MET A 240 -23.27 -17.91 1.37
CA MET A 240 -23.62 -16.52 1.07
C MET A 240 -24.60 -16.05 2.15
N THR A 241 -25.25 -14.90 1.92
CA THR A 241 -26.32 -14.37 2.76
C THR A 241 -27.19 -13.44 1.94
N PHE A 242 -28.49 -13.70 1.88
CA PHE A 242 -29.36 -12.84 1.10
C PHE A 242 -30.67 -12.60 1.85
N CYS A 243 -31.24 -11.43 1.63
CA CYS A 243 -32.47 -10.99 2.28
C CYS A 243 -33.61 -10.98 1.27
N VAL A 244 -34.73 -11.59 1.64
CA VAL A 244 -35.83 -11.82 0.70
C VAL A 244 -37.09 -11.15 1.23
N ASP A 245 -37.95 -10.76 0.31
CA ASP A 245 -39.22 -10.12 0.65
C ASP A 245 -40.15 -11.12 1.34
N GLY A 246 -41.10 -10.59 2.11
CA GLY A 246 -42.17 -11.40 2.65
C GLY A 246 -43.18 -11.75 1.58
N ASP A 247 -44.30 -12.33 2.05
CA ASP A 247 -45.44 -12.78 1.24
C ASP A 247 -45.04 -13.64 0.04
N VAL A 248 -44.00 -14.45 0.21
CA VAL A 248 -43.65 -15.50 -0.74
C VAL A 248 -43.49 -16.80 0.02
N ASP A 249 -43.49 -17.90 -0.70
CA ASP A 249 -43.53 -19.20 -0.05
C ASP A 249 -42.36 -20.11 -0.40
N ARG A 250 -41.87 -20.11 -1.63
CA ARG A 250 -40.82 -21.04 -1.99
C ARG A 250 -39.94 -20.47 -3.09
N VAL A 251 -38.72 -21.00 -3.18
CA VAL A 251 -37.66 -20.52 -4.06
C VAL A 251 -37.04 -21.71 -4.78
N GLU A 252 -36.13 -21.42 -5.71
CA GLU A 252 -35.44 -22.43 -6.50
C GLU A 252 -33.94 -22.30 -6.30
N ILE A 253 -33.25 -23.43 -6.12
CA ILE A 253 -31.83 -23.47 -5.82
C ILE A 253 -31.15 -24.41 -6.80
N GLU A 254 -30.09 -23.94 -7.45
CA GLU A 254 -29.32 -24.75 -8.36
C GLU A 254 -27.85 -24.75 -7.95
N ALA A 255 -27.25 -25.93 -7.85
CA ALA A 255 -25.84 -26.07 -7.55
C ALA A 255 -25.20 -27.03 -8.54
N ARG A 256 -24.01 -26.67 -9.03
CA ARG A 256 -23.25 -27.50 -9.96
C ARG A 256 -21.79 -27.51 -9.55
N TRP A 257 -21.10 -28.61 -9.86
CA TRP A 257 -19.68 -28.75 -9.56
C TRP A 257 -19.07 -29.75 -10.52
N GLY A 258 -17.84 -30.20 -10.24
CA GLY A 258 -17.15 -31.13 -11.11
C GLY A 258 -16.37 -32.17 -10.34
N ARG A 259 -16.28 -33.37 -10.92
CA ARG A 259 -15.70 -34.53 -10.28
C ARG A 259 -14.70 -35.18 -11.22
N TYR A 260 -13.67 -35.82 -10.66
CA TYR A 260 -12.63 -36.46 -11.45
C TYR A 260 -12.47 -37.92 -11.08
N GLU A 261 -12.05 -38.72 -12.07
CA GLU A 261 -11.97 -40.17 -11.96
C GLU A 261 -10.82 -40.68 -12.80
N ARG A 262 -10.19 -41.77 -12.34
CA ARG A 262 -8.97 -42.31 -12.94
C ARG A 262 -9.29 -43.37 -13.99
N VAL A 263 -8.66 -43.25 -15.14
CA VAL A 263 -8.90 -44.13 -16.29
C VAL A 263 -7.95 -45.32 -16.21
N PRO A 264 -8.45 -46.56 -16.19
CA PRO A 264 -7.55 -47.72 -16.14
C PRO A 264 -6.71 -47.88 -17.40
N ASN A 265 -5.62 -48.65 -17.27
CA ASN A 265 -4.48 -48.54 -18.17
C ASN A 265 -4.78 -49.03 -19.58
N ASP A 266 -5.64 -50.03 -19.72
CA ASP A 266 -5.87 -50.60 -21.04
C ASP A 266 -6.75 -49.70 -21.92
N GLU A 267 -7.30 -48.62 -21.38
CA GLU A 267 -8.28 -47.82 -22.06
C GLU A 267 -7.70 -46.64 -22.83
N HIS A 268 -6.41 -46.33 -22.67
CA HIS A 268 -5.79 -45.21 -23.36
C HIS A 268 -4.47 -45.65 -23.98
N GLN A 269 -3.94 -44.80 -24.85
CA GLN A 269 -2.68 -45.07 -25.54
C GLN A 269 -1.77 -43.85 -25.47
N PHE A 270 -1.61 -43.31 -24.27
CA PHE A 270 -0.68 -42.20 -24.04
C PHE A 270 0.56 -42.75 -23.36
N PHE A 271 1.69 -42.70 -24.05
CA PHE A 271 2.93 -43.30 -23.59
C PHE A 271 3.88 -42.26 -23.02
N LYS A 272 4.68 -42.67 -22.05
CA LYS A 272 5.76 -41.85 -21.52
C LYS A 272 6.94 -41.80 -22.47
N SER A 273 8.08 -41.28 -22.00
CA SER A 273 9.29 -41.29 -22.81
C SER A 273 9.85 -42.70 -22.94
N ASN A 274 9.87 -43.46 -21.84
CA ASN A 274 10.48 -44.78 -21.83
C ASN A 274 9.52 -45.91 -22.21
N GLY A 275 8.45 -45.60 -22.95
CA GLY A 275 7.57 -46.61 -23.48
C GLY A 275 6.50 -47.11 -22.54
N GLN A 276 6.46 -46.64 -21.30
CA GLN A 276 5.44 -47.09 -20.37
C GLN A 276 4.19 -46.22 -20.48
N LYS A 277 3.10 -46.72 -19.91
CA LYS A 277 1.86 -45.97 -19.89
C LYS A 277 1.91 -44.87 -18.83
N ALA A 278 1.09 -43.85 -19.03
CA ALA A 278 1.01 -42.72 -18.11
C ALA A 278 -0.36 -42.67 -17.43
N LYS A 279 -0.42 -41.94 -16.33
CA LYS A 279 -1.67 -41.73 -15.62
C LYS A 279 -2.57 -40.78 -16.40
N VAL A 280 -3.84 -41.18 -16.54
CA VAL A 280 -4.86 -40.36 -17.20
C VAL A 280 -6.08 -40.30 -16.31
N TRP A 281 -6.58 -39.09 -16.05
CA TRP A 281 -7.83 -38.87 -15.35
C TRP A 281 -8.91 -38.43 -16.33
N LYS A 282 -10.15 -38.42 -15.85
CA LYS A 282 -11.31 -38.02 -16.63
C LYS A 282 -12.28 -37.26 -15.73
N ARG A 283 -13.05 -36.34 -16.32
CA ARG A 283 -13.93 -35.46 -15.56
C ARG A 283 -15.39 -35.73 -15.91
N ILE A 284 -16.25 -35.65 -14.90
CA ILE A 284 -17.69 -35.87 -15.08
C ILE A 284 -18.47 -34.76 -14.39
N PRO A 285 -19.51 -34.20 -15.02
CA PRO A 285 -20.29 -33.15 -14.39
C PRO A 285 -21.25 -33.66 -13.31
N CYS A 286 -21.65 -32.75 -12.42
CA CYS A 286 -22.49 -33.07 -11.27
C CYS A 286 -23.47 -31.94 -11.01
N GLY A 287 -24.50 -32.25 -10.24
CA GLY A 287 -25.38 -31.24 -9.67
C GLY A 287 -26.83 -31.39 -10.12
N GLY A 288 -27.70 -30.68 -9.38
CA GLY A 288 -29.12 -30.65 -9.66
C GLY A 288 -29.81 -29.55 -8.87
N LYS A 289 -31.12 -29.40 -9.13
CA LYS A 289 -31.95 -28.35 -8.55
C LYS A 289 -32.86 -28.87 -7.44
N ILE A 290 -33.12 -28.03 -6.45
CA ILE A 290 -34.07 -28.32 -5.38
C ILE A 290 -35.04 -27.15 -5.23
N VAL A 291 -36.11 -27.39 -4.47
CA VAL A 291 -37.12 -26.38 -4.15
C VAL A 291 -37.36 -26.39 -2.65
N LEU A 292 -37.34 -25.22 -2.02
CA LEU A 292 -37.29 -25.11 -0.56
C LEU A 292 -38.45 -24.28 -0.05
N PRO A 293 -39.29 -24.80 0.84
CA PRO A 293 -40.32 -23.96 1.47
C PRO A 293 -39.72 -23.00 2.48
N LEU A 294 -40.39 -21.85 2.65
CA LEU A 294 -39.91 -20.78 3.52
C LEU A 294 -40.59 -20.87 4.86
N ILE A 295 -40.05 -21.71 5.74
CA ILE A 295 -40.52 -21.85 7.12
C ILE A 295 -39.35 -21.47 8.02
N GLU A 296 -39.65 -20.76 9.10
CA GLU A 296 -38.62 -20.36 10.04
C GLU A 296 -38.00 -21.58 10.70
N GLY A 297 -36.69 -21.51 10.92
CA GLY A 297 -35.92 -22.60 11.49
C GLY A 297 -34.83 -23.07 10.54
N SER A 298 -33.97 -23.94 11.08
CA SER A 298 -32.85 -24.45 10.32
C SER A 298 -33.32 -25.38 9.20
N ILE A 299 -32.63 -25.29 8.07
CA ILE A 299 -32.97 -26.07 6.89
C ILE A 299 -32.51 -27.50 7.09
N SER A 300 -33.32 -28.46 6.64
CA SER A 300 -32.88 -29.85 6.61
C SER A 300 -31.76 -30.03 5.60
N HIS A 301 -30.90 -31.01 5.86
CA HIS A 301 -29.84 -31.36 4.91
C HIS A 301 -30.45 -31.96 3.66
N ASN A 302 -29.94 -31.58 2.50
CA ASN A 302 -30.45 -32.17 1.27
C ASN A 302 -29.30 -32.38 0.31
N ALA A 303 -29.46 -33.37 -0.57
CA ALA A 303 -28.45 -33.73 -1.55
C ALA A 303 -29.01 -33.55 -2.95
N PRO A 304 -28.41 -32.69 -3.78
CA PRO A 304 -28.97 -32.48 -5.12
C PRO A 304 -28.74 -33.64 -6.07
N ASP A 305 -27.55 -34.23 -6.06
CA ASP A 305 -27.23 -35.36 -6.92
C ASP A 305 -27.25 -36.62 -6.08
N SER A 306 -27.98 -37.63 -6.56
CA SER A 306 -28.16 -38.85 -5.77
C SER A 306 -26.91 -39.72 -5.79
N THR A 307 -26.11 -39.63 -6.85
CA THR A 307 -24.97 -40.52 -6.99
C THR A 307 -23.86 -40.22 -5.99
N SER A 308 -23.82 -39.00 -5.44
CA SER A 308 -22.89 -38.64 -4.37
C SER A 308 -23.70 -38.08 -3.21
N PRO A 309 -24.35 -38.94 -2.43
CA PRO A 309 -25.32 -38.45 -1.45
C PRO A 309 -24.69 -37.81 -0.23
N GLU A 310 -23.37 -37.80 -0.11
CA GLU A 310 -22.73 -37.37 1.12
C GLU A 310 -22.18 -35.93 0.99
N VAL A 311 -22.62 -35.20 -0.03
CA VAL A 311 -22.37 -33.77 -0.14
C VAL A 311 -23.70 -33.04 -0.01
N ARG A 312 -23.70 -31.94 0.73
CA ARG A 312 -24.90 -31.37 1.29
C ARG A 312 -25.14 -29.94 0.84
N VAL A 313 -26.16 -29.34 1.45
CA VAL A 313 -26.51 -27.93 1.39
C VAL A 313 -27.32 -27.63 2.64
N GLN A 314 -26.99 -26.55 3.33
CA GLN A 314 -27.66 -26.27 4.59
C GLN A 314 -27.64 -24.78 4.89
N GLY A 315 -28.15 -24.41 6.06
CA GLY A 315 -28.27 -23.01 6.44
C GLY A 315 -29.32 -22.84 7.52
N SER A 316 -29.81 -21.61 7.66
CA SER A 316 -30.87 -21.30 8.61
C SER A 316 -31.72 -20.16 8.08
N ILE A 317 -32.98 -20.12 8.52
CA ILE A 317 -33.95 -19.09 8.16
C ILE A 317 -34.45 -18.44 9.43
N ARG A 318 -34.53 -17.12 9.44
CA ARG A 318 -34.90 -16.38 10.64
C ARG A 318 -36.27 -15.74 10.50
N ALA A 319 -36.77 -15.20 11.60
CA ALA A 319 -38.11 -14.64 11.65
C ALA A 319 -38.19 -13.33 10.88
N LYS A 320 -39.41 -12.81 10.79
CA LYS A 320 -39.63 -11.57 10.06
C LYS A 320 -39.01 -10.39 10.79
N ASN A 321 -38.65 -9.36 10.01
CA ASN A 321 -37.98 -8.18 10.55
C ASN A 321 -38.98 -7.05 10.73
N ASP A 322 -38.44 -5.87 11.05
CA ASP A 322 -39.29 -4.72 11.36
C ASP A 322 -39.92 -4.13 10.12
N ASN A 323 -39.40 -4.44 8.93
CA ASN A 323 -39.94 -3.90 7.70
C ASN A 323 -40.81 -4.90 6.94
N GLY A 324 -40.52 -6.19 7.03
CA GLY A 324 -41.32 -7.18 6.32
C GLY A 324 -40.53 -8.13 5.46
N ASP A 325 -39.24 -8.28 5.73
CA ASP A 325 -38.35 -9.16 4.99
C ASP A 325 -37.81 -10.27 5.89
N ARG A 326 -36.97 -11.13 5.33
CA ARG A 326 -36.41 -12.27 6.04
C ARG A 326 -34.93 -12.42 5.75
N LEU A 327 -34.18 -12.91 6.74
CA LEU A 327 -32.77 -13.26 6.56
C LEU A 327 -32.63 -14.76 6.34
N ILE A 328 -31.87 -15.13 5.32
CA ILE A 328 -31.65 -16.52 4.95
C ILE A 328 -30.16 -16.71 4.66
N THR A 329 -29.58 -17.77 5.22
CA THR A 329 -28.19 -18.14 4.97
C THR A 329 -28.15 -19.51 4.30
N LEU A 330 -27.24 -19.67 3.35
CA LEU A 330 -27.09 -20.92 2.62
C LEU A 330 -25.64 -21.31 2.56
N PHE A 331 -25.37 -22.63 2.59
CA PHE A 331 -24.02 -23.18 2.55
C PHE A 331 -23.95 -24.29 1.51
N LEU A 332 -22.81 -24.96 1.44
CA LEU A 332 -22.56 -26.08 0.54
C LEU A 332 -21.34 -26.82 1.05
N VAL A 333 -21.51 -28.02 1.59
CA VAL A 333 -20.46 -28.65 2.38
C VAL A 333 -20.07 -29.97 1.72
N ASN A 334 -18.78 -30.29 1.80
CA ASN A 334 -18.26 -31.60 1.39
C ASN A 334 -18.02 -32.44 2.64
N ALA A 335 -18.75 -33.54 2.75
CA ALA A 335 -18.64 -34.43 3.91
C ALA A 335 -18.18 -35.82 3.53
N GLN A 336 -17.55 -35.98 2.37
CA GLN A 336 -17.15 -37.29 1.89
C GLN A 336 -16.01 -37.84 2.72
N GLU A 337 -15.64 -39.09 2.42
CA GLU A 337 -14.62 -39.81 3.15
C GLU A 337 -13.38 -40.02 2.30
N GLU A 338 -12.23 -39.99 2.96
CA GLU A 338 -10.93 -40.02 2.29
C GLU A 338 -10.49 -41.47 2.08
N PRO A 339 -10.30 -41.92 0.85
CA PRO A 339 -9.84 -43.29 0.63
C PRO A 339 -8.34 -43.40 0.84
N ASP A 340 -7.81 -44.60 0.61
CA ASP A 340 -6.39 -44.86 0.84
C ASP A 340 -5.56 -44.78 -0.44
N THR A 341 -6.13 -45.17 -1.57
CA THR A 341 -5.47 -45.09 -2.86
C THR A 341 -6.28 -44.16 -3.76
N ASN A 342 -5.56 -43.32 -4.52
CA ASN A 342 -6.15 -42.24 -5.33
C ASN A 342 -6.98 -41.30 -4.46
N ARG A 343 -6.26 -40.58 -3.60
CA ARG A 343 -6.88 -39.69 -2.63
C ARG A 343 -7.60 -38.50 -3.24
N ASP A 344 -7.42 -38.24 -4.52
CA ASP A 344 -8.01 -37.06 -5.14
C ASP A 344 -9.43 -37.27 -5.63
N THR A 345 -10.00 -38.46 -5.51
CA THR A 345 -11.33 -38.69 -6.02
C THR A 345 -12.42 -38.21 -5.08
N ALA A 346 -12.06 -37.67 -3.93
CA ALA A 346 -13.02 -37.15 -2.97
C ALA A 346 -13.02 -35.63 -2.89
N TRP A 347 -12.44 -34.95 -3.86
CA TRP A 347 -12.35 -33.49 -3.89
C TRP A 347 -13.32 -32.94 -4.92
N VAL A 348 -13.79 -31.72 -4.69
CA VAL A 348 -14.81 -31.08 -5.50
C VAL A 348 -14.20 -29.85 -6.16
N PHE A 349 -14.29 -29.78 -7.49
CA PHE A 349 -13.66 -28.73 -8.27
C PHE A 349 -14.70 -27.99 -9.08
N GLN A 350 -14.54 -26.66 -9.12
CA GLN A 350 -15.37 -25.65 -9.79
C GLN A 350 -16.80 -25.55 -9.28
N PRO A 351 -17.04 -25.21 -8.02
CA PRO A 351 -18.41 -25.15 -7.51
C PRO A 351 -19.07 -23.80 -7.82
N GLU A 352 -20.41 -23.80 -7.75
CA GLU A 352 -21.22 -22.60 -7.97
C GLU A 352 -22.63 -22.81 -7.45
N LEU A 353 -23.22 -21.74 -6.90
CA LEU A 353 -24.57 -21.74 -6.35
C LEU A 353 -25.42 -20.63 -6.99
N ILE A 354 -26.64 -20.97 -7.37
CA ILE A 354 -27.59 -20.01 -7.94
C ILE A 354 -28.90 -20.09 -7.17
N VAL A 355 -29.44 -18.93 -6.79
CA VAL A 355 -30.75 -18.81 -6.15
C VAL A 355 -31.63 -17.93 -7.00
N ARG A 356 -32.81 -18.42 -7.36
CA ARG A 356 -33.75 -17.67 -8.18
C ARG A 356 -35.15 -17.83 -7.59
N ALA A 357 -36.15 -17.43 -8.37
CA ALA A 357 -37.53 -17.58 -7.94
C ALA A 357 -38.11 -18.88 -8.51
N ALA A 358 -39.30 -19.21 -8.02
CA ALA A 358 -39.97 -20.41 -8.50
C ALA A 358 -40.42 -20.24 -9.94
N LYS A 359 -40.71 -21.37 -10.60
CA LYS A 359 -41.02 -21.33 -12.02
C LYS A 359 -42.40 -20.77 -12.30
N ASP A 360 -43.28 -20.74 -11.30
CA ASP A 360 -44.69 -20.40 -11.49
C ASP A 360 -45.11 -19.11 -10.77
N ALA A 361 -44.16 -18.31 -10.32
CA ALA A 361 -44.50 -17.07 -9.62
C ALA A 361 -44.97 -16.01 -10.62
N ALA A 362 -45.60 -14.97 -10.07
CA ALA A 362 -46.10 -13.89 -10.92
C ALA A 362 -45.03 -12.84 -11.21
N LYS A 363 -44.28 -12.44 -10.17
CA LYS A 363 -43.28 -11.39 -10.31
C LYS A 363 -41.91 -11.94 -9.92
N PRO A 364 -40.89 -11.81 -10.77
CA PRO A 364 -39.58 -12.39 -10.46
C PRO A 364 -38.78 -11.65 -9.40
N ALA A 365 -38.84 -10.32 -9.39
CA ALA A 365 -37.94 -9.53 -8.56
C ALA A 365 -38.29 -9.64 -7.09
N ILE A 366 -37.61 -10.53 -6.37
CA ILE A 366 -37.94 -10.81 -4.98
C ILE A 366 -36.78 -10.56 -4.04
N PHE A 367 -35.65 -10.10 -4.54
CA PHE A 367 -34.48 -9.88 -3.70
C PHE A 367 -34.35 -8.40 -3.39
N ARG A 368 -34.17 -8.08 -2.11
CA ARG A 368 -34.22 -6.72 -1.63
C ARG A 368 -32.90 -6.37 -0.94
N ARG A 369 -32.82 -5.12 -0.50
CA ARG A 369 -31.63 -4.60 0.15
C ARG A 369 -31.41 -5.27 1.50
N ARG A 370 -30.15 -5.37 1.90
CA ARG A 370 -29.83 -5.81 3.24
C ARG A 370 -30.32 -4.73 4.23
N PRO A 371 -30.66 -5.12 5.45
CA PRO A 371 -30.98 -4.11 6.47
C PRO A 371 -29.82 -3.16 6.71
N VAL A 372 -30.17 -1.92 7.03
CA VAL A 372 -29.24 -0.79 6.95
C VAL A 372 -28.11 -0.91 7.98
N LEU A 373 -28.33 -1.69 9.05
CA LEU A 373 -27.37 -1.88 10.15
C LEU A 373 -27.05 -0.53 10.81
N ASP A 374 -28.10 0.14 11.27
CA ASP A 374 -27.95 1.43 11.94
C ASP A 374 -27.35 1.26 13.32
N ALA A 375 -26.77 2.34 13.83
CA ALA A 375 -26.09 2.31 15.13
C ALA A 375 -26.43 3.53 15.98
N ASP A 376 -27.63 4.10 15.77
CA ASP A 376 -28.17 5.20 16.58
C ASP A 376 -27.26 6.42 16.59
N GLY A 377 -26.69 6.74 15.44
CA GLY A 377 -25.88 7.93 15.29
C GLY A 377 -25.90 8.41 13.85
N MET A 378 -25.93 9.73 13.69
CA MET A 378 -26.02 10.33 12.36
C MET A 378 -24.90 11.36 12.18
N ASP A 379 -24.40 11.43 10.94
CA ASP A 379 -23.38 12.37 10.51
C ASP A 379 -23.91 12.91 9.19
N PRO A 380 -24.05 14.23 9.05
CA PRO A 380 -24.64 14.78 7.81
C PRO A 380 -23.84 14.46 6.54
N GLU A 381 -22.52 14.37 6.64
CA GLU A 381 -21.72 13.99 5.48
C GLU A 381 -22.02 12.56 5.07
N ARG A 382 -22.23 11.67 6.04
CA ARG A 382 -22.56 10.29 5.74
C ARG A 382 -23.92 10.19 5.02
N GLU A 383 -24.91 10.95 5.49
CA GLU A 383 -26.22 10.95 4.83
C GLU A 383 -26.13 11.54 3.43
N ALA A 384 -25.28 12.54 3.24
CA ALA A 384 -25.05 13.08 1.90
C ALA A 384 -24.47 12.01 0.99
N LEU A 385 -23.50 11.25 1.50
CA LEU A 385 -22.92 10.16 0.73
C LEU A 385 -23.94 9.09 0.36
N GLU A 386 -24.85 8.77 1.30
CA GLU A 386 -25.92 7.83 0.98
C GLU A 386 -26.90 8.43 -0.04
N MET A 387 -27.05 9.75 -0.07
CA MET A 387 -27.92 10.36 -1.06
C MET A 387 -27.31 10.31 -2.45
N ILE A 388 -25.99 10.47 -2.54
CA ILE A 388 -25.32 10.51 -3.83
C ILE A 388 -25.32 9.13 -4.50
N TYR A 389 -25.09 8.08 -3.72
CA TYR A 389 -24.87 6.73 -4.24
C TYR A 389 -26.14 5.89 -4.22
N ARG A 390 -27.29 6.47 -4.53
CA ARG A 390 -28.56 5.79 -4.31
C ARG A 390 -28.94 4.82 -5.43
N ASP A 391 -28.14 4.67 -6.47
CA ASP A 391 -28.40 3.64 -7.48
C ASP A 391 -27.38 2.51 -7.47
N ARG A 392 -26.46 2.50 -6.51
CA ARG A 392 -25.58 1.36 -6.27
C ARG A 392 -26.11 0.67 -5.00
N VAL A 393 -26.69 -0.52 -5.17
CA VAL A 393 -27.38 -1.21 -4.09
C VAL A 393 -26.67 -2.53 -3.83
N GLU A 394 -26.39 -2.83 -2.57
CA GLU A 394 -25.68 -4.03 -2.18
C GLU A 394 -26.67 -5.08 -1.70
N PHE A 395 -26.76 -6.19 -2.42
CA PHE A 395 -27.82 -7.16 -2.20
C PHE A 395 -27.42 -8.35 -1.34
N ALA A 396 -26.16 -8.80 -1.39
CA ALA A 396 -25.78 -10.01 -0.71
C ALA A 396 -24.31 -9.95 -0.35
N VAL A 397 -23.89 -10.85 0.54
CA VAL A 397 -22.50 -10.92 0.99
C VAL A 397 -22.08 -12.38 1.02
N GLY A 398 -20.84 -12.67 0.62
CA GLY A 398 -20.37 -14.03 0.53
C GLY A 398 -19.51 -14.46 1.71
N HIS A 399 -19.55 -15.74 1.99
CA HIS A 399 -18.79 -16.34 3.09
C HIS A 399 -17.77 -17.28 2.48
N GLY A 400 -16.51 -16.84 2.41
CA GLY A 400 -15.48 -17.63 1.77
C GLY A 400 -15.56 -17.64 0.27
N VAL A 401 -16.32 -16.73 -0.33
CA VAL A 401 -16.45 -16.64 -1.78
C VAL A 401 -17.04 -15.26 -2.09
N ALA A 402 -16.92 -14.82 -3.33
CA ALA A 402 -17.54 -13.58 -3.74
C ALA A 402 -18.93 -13.83 -4.32
N VAL A 403 -19.72 -12.75 -4.49
CA VAL A 403 -21.13 -12.82 -4.87
C VAL A 403 -21.41 -11.87 -6.01
N HIS A 404 -22.62 -11.98 -6.55
CA HIS A 404 -23.03 -11.26 -7.74
C HIS A 404 -24.56 -11.27 -7.81
N ALA A 405 -25.14 -10.17 -8.32
CA ALA A 405 -26.59 -10.03 -8.39
C ALA A 405 -26.99 -9.45 -9.74
N GLU A 406 -28.17 -9.87 -10.22
CA GLU A 406 -28.75 -9.36 -11.46
C GLU A 406 -29.89 -8.41 -11.14
N ILE A 407 -29.79 -7.18 -11.64
CA ILE A 407 -30.68 -6.09 -11.25
C ILE A 407 -31.81 -5.95 -12.26
N ALA A 408 -33.03 -5.82 -11.75
CA ALA A 408 -34.23 -5.72 -12.57
C ALA A 408 -34.40 -4.28 -13.08
N ASP A 409 -35.57 -3.98 -13.65
CA ASP A 409 -35.83 -2.63 -14.16
C ASP A 409 -35.87 -1.60 -13.02
N ASP A 410 -36.50 -1.93 -11.91
CA ASP A 410 -36.35 -1.12 -10.71
C ASP A 410 -34.92 -1.30 -10.20
N VAL A 411 -34.28 -0.20 -9.82
CA VAL A 411 -32.90 -0.27 -9.36
C VAL A 411 -32.79 -0.56 -7.87
N THR A 412 -33.88 -0.98 -7.23
CA THR A 412 -33.85 -1.43 -5.84
C THR A 412 -34.30 -2.87 -5.68
N LEU A 413 -34.47 -3.60 -6.77
CA LEU A 413 -34.93 -4.99 -6.73
C LEU A 413 -34.09 -5.84 -7.68
N ALA A 414 -33.87 -7.09 -7.30
CA ALA A 414 -33.05 -8.02 -8.06
C ALA A 414 -33.75 -9.35 -8.23
N THR A 415 -33.51 -10.00 -9.36
CA THR A 415 -34.19 -11.24 -9.71
C THR A 415 -33.36 -12.50 -9.45
N GLU A 416 -32.03 -12.43 -9.60
CA GLU A 416 -31.15 -13.57 -9.48
C GLU A 416 -29.94 -13.18 -8.65
N VAL A 417 -29.46 -14.11 -7.83
CA VAL A 417 -28.18 -13.95 -7.15
C VAL A 417 -27.36 -15.22 -7.37
N ARG A 418 -26.03 -15.10 -7.31
CA ARG A 418 -25.14 -16.24 -7.48
C ARG A 418 -23.80 -15.92 -6.84
N THR A 419 -22.81 -16.78 -7.11
CA THR A 419 -21.48 -16.69 -6.53
C THR A 419 -20.41 -16.68 -7.62
N THR A 420 -19.30 -16.00 -7.32
CA THR A 420 -18.19 -15.89 -8.25
C THR A 420 -16.90 -16.17 -7.50
N VAL A 421 -16.04 -17.01 -8.09
CA VAL A 421 -14.77 -17.33 -7.46
C VAL A 421 -13.73 -16.27 -7.77
N MET A 422 -13.62 -15.86 -9.03
CA MET A 422 -12.79 -14.74 -9.42
C MET A 422 -13.67 -13.63 -10.00
N PRO A 423 -13.94 -12.57 -9.25
CA PRO A 423 -14.90 -11.56 -9.68
C PRO A 423 -14.30 -10.45 -10.51
N GLN A 424 -15.13 -9.84 -11.34
CA GLN A 424 -14.75 -8.75 -12.23
C GLN A 424 -15.74 -7.60 -12.14
N TYR A 425 -15.26 -6.37 -12.40
CA TYR A 425 -16.11 -5.19 -12.45
C TYR A 425 -15.38 -4.07 -13.18
N GLU A 426 -16.10 -3.37 -14.06
CA GLU A 426 -15.55 -2.34 -14.92
C GLU A 426 -16.03 -0.96 -14.50
N VAL A 427 -15.10 -0.01 -14.38
CA VAL A 427 -15.36 1.32 -13.81
C VAL A 427 -15.48 2.35 -14.91
N GLN A 428 -16.47 3.23 -14.78
CA GLN A 428 -16.74 4.27 -15.77
C GLN A 428 -15.70 5.38 -15.71
N ALA A 429 -15.52 6.06 -16.83
CA ALA A 429 -14.41 6.98 -17.03
C ALA A 429 -14.86 8.43 -16.84
N THR A 430 -14.16 9.16 -15.97
CA THR A 430 -14.44 10.57 -15.73
C THR A 430 -13.78 11.44 -16.79
N GLU A 431 -14.56 12.36 -17.37
CA GLU A 431 -14.06 13.27 -18.38
C GLU A 431 -14.64 14.65 -18.16
N THR A 432 -14.10 15.61 -18.87
CA THR A 432 -14.61 16.98 -18.82
C THR A 432 -15.47 17.26 -20.04
N PRO A 433 -16.66 17.80 -19.87
CA PRO A 433 -17.60 17.92 -21.00
C PRO A 433 -17.17 19.01 -21.97
N GLY A 434 -17.63 18.87 -23.21
CA GLY A 434 -17.36 19.87 -24.21
C GLY A 434 -17.11 19.35 -25.61
N LEU A 435 -16.80 18.07 -25.75
CA LEU A 435 -16.43 17.53 -27.05
C LEU A 435 -17.48 16.63 -27.67
N GLU A 436 -18.40 16.08 -26.88
CA GLU A 436 -19.39 15.14 -27.39
C GLU A 436 -20.61 15.88 -27.94
N LEU A 437 -21.38 15.17 -28.75
CA LEU A 437 -22.53 15.79 -29.41
C LEU A 437 -23.76 15.88 -28.52
N SER A 438 -23.70 15.36 -27.30
CA SER A 438 -24.86 15.35 -26.42
C SER A 438 -24.67 16.15 -25.13
N ASP A 439 -23.72 17.08 -25.10
CA ASP A 439 -23.51 17.90 -23.92
C ASP A 439 -24.36 19.16 -23.98
N ARG A 440 -24.13 20.07 -23.03
CA ARG A 440 -24.88 21.32 -23.01
C ARG A 440 -24.43 22.21 -24.17
N PRO A 441 -25.36 22.93 -24.81
CA PRO A 441 -25.00 23.71 -26.01
C PRO A 441 -24.00 24.83 -25.76
N ALA A 442 -23.94 25.37 -24.55
CA ALA A 442 -23.05 26.50 -24.31
C ALA A 442 -21.59 26.07 -24.26
N MET A 443 -21.31 24.86 -23.74
CA MET A 443 -19.95 24.34 -23.77
C MET A 443 -19.48 24.08 -25.20
N ARG A 444 -20.37 23.55 -26.04
CA ARG A 444 -20.02 23.35 -27.43
C ARG A 444 -19.83 24.68 -28.15
N GLU A 445 -20.59 25.70 -27.75
CA GLU A 445 -20.37 27.04 -28.30
C GLU A 445 -19.02 27.58 -27.89
N MET A 446 -18.62 27.37 -26.63
CA MET A 446 -17.31 27.84 -26.17
C MET A 446 -16.18 27.15 -26.90
N VAL A 447 -16.30 25.85 -27.13
CA VAL A 447 -15.25 25.12 -27.84
C VAL A 447 -15.19 25.51 -29.31
N SER A 448 -16.36 25.65 -29.95
CA SER A 448 -16.39 25.87 -31.40
C SER A 448 -15.94 27.27 -31.77
N SER A 449 -16.26 28.27 -30.95
CA SER A 449 -15.89 29.64 -31.27
C SER A 449 -14.55 30.05 -30.66
N GLY A 450 -13.98 29.23 -29.78
CA GLY A 450 -12.66 29.52 -29.24
C GLY A 450 -12.61 30.57 -28.15
N LEU A 451 -13.49 30.48 -27.17
CA LEU A 451 -13.51 31.45 -26.08
C LEU A 451 -12.66 31.04 -24.90
N LEU A 452 -11.96 29.91 -24.99
CA LEU A 452 -11.02 29.49 -23.96
C LEU A 452 -9.57 29.65 -24.39
N ASP A 453 -9.34 30.28 -25.55
CA ASP A 453 -8.00 30.47 -26.08
C ASP A 453 -7.21 31.44 -25.21
N MET A 454 -6.03 31.02 -24.76
CA MET A 454 -5.27 31.86 -23.83
C MET A 454 -4.60 33.03 -24.52
N GLN A 455 -4.38 32.95 -25.83
CA GLN A 455 -3.85 34.10 -26.56
C GLN A 455 -4.93 35.13 -26.82
N ARG A 456 -6.16 34.68 -27.07
CA ARG A 456 -7.27 35.58 -27.34
C ARG A 456 -7.63 36.40 -26.10
N LEU A 457 -7.61 35.78 -24.93
CA LEU A 457 -8.06 36.44 -23.72
C LEU A 457 -7.07 37.45 -23.16
N ALA A 458 -5.86 37.53 -23.71
CA ALA A 458 -4.91 38.55 -23.26
C ALA A 458 -4.96 39.82 -24.09
N THR A 459 -5.72 39.85 -25.18
CA THR A 459 -5.76 40.99 -26.08
C THR A 459 -7.13 41.65 -26.18
N LEU A 460 -8.16 41.11 -25.54
CA LEU A 460 -9.49 41.67 -25.66
C LEU A 460 -9.63 42.96 -24.86
N ASP A 461 -10.57 43.80 -25.29
CA ASP A 461 -10.98 44.94 -24.49
C ASP A 461 -11.84 44.46 -23.32
N ILE A 462 -12.14 45.38 -22.41
CA ILE A 462 -12.79 44.98 -21.15
C ILE A 462 -14.22 44.53 -21.38
N ASP A 463 -14.94 45.17 -22.30
CA ASP A 463 -16.34 44.80 -22.52
C ASP A 463 -16.48 43.47 -23.25
N PRO A 464 -15.74 43.17 -24.33
CA PRO A 464 -15.75 41.78 -24.83
C PRO A 464 -15.20 40.77 -23.84
N LEU A 465 -14.32 41.18 -22.92
CA LEU A 465 -13.86 40.28 -21.87
C LEU A 465 -15.02 39.86 -20.96
N VAL A 466 -15.83 40.84 -20.54
CA VAL A 466 -16.99 40.52 -19.71
C VAL A 466 -18.00 39.70 -20.50
N ASP A 467 -18.17 40.02 -21.78
CA ASP A 467 -19.07 39.26 -22.66
C ASP A 467 -18.64 37.80 -22.72
N ALA A 468 -17.33 37.55 -22.88
CA ALA A 468 -16.85 36.18 -23.00
C ALA A 468 -16.94 35.44 -21.67
N LEU A 469 -16.60 36.11 -20.56
CA LEU A 469 -16.61 35.42 -19.28
C LEU A 469 -18.00 35.21 -18.72
N SER A 470 -19.01 35.92 -19.22
CA SER A 470 -20.35 35.82 -18.64
C SER A 470 -21.07 34.53 -18.99
N VAL A 471 -20.69 33.86 -20.08
CA VAL A 471 -21.41 32.69 -20.56
C VAL A 471 -21.31 31.55 -19.56
N LEU A 472 -20.13 31.38 -18.95
CA LEU A 472 -19.91 30.29 -18.01
C LEU A 472 -20.82 30.42 -16.80
N THR A 473 -20.91 31.63 -16.25
CA THR A 473 -21.72 31.83 -15.06
C THR A 473 -23.22 31.79 -15.39
N ASN A 474 -23.60 32.26 -16.58
CA ASN A 474 -25.00 32.16 -17.00
C ASN A 474 -25.45 30.72 -17.11
N ASP A 475 -24.61 29.86 -17.72
CA ASP A 475 -24.98 28.46 -17.89
C ASP A 475 -24.95 27.73 -16.56
N TYR A 476 -24.02 28.10 -15.66
CA TYR A 476 -24.01 27.50 -14.33
C TYR A 476 -25.29 27.82 -13.56
N ALA A 477 -25.75 29.07 -13.65
CA ALA A 477 -27.00 29.45 -13.00
C ALA A 477 -28.18 28.69 -13.59
N THR A 478 -28.19 28.52 -14.91
CA THR A 478 -29.26 27.74 -15.54
C THR A 478 -29.27 26.31 -15.04
N TRP A 479 -28.09 25.68 -14.96
CA TRP A 479 -28.00 24.29 -14.51
C TRP A 479 -28.51 24.14 -13.08
N ILE A 480 -28.17 25.09 -12.20
CA ILE A 480 -28.73 25.07 -10.86
C ILE A 480 -30.24 25.26 -10.90
N ASP A 481 -30.76 26.01 -11.88
CA ASP A 481 -32.20 26.21 -11.97
C ASP A 481 -32.95 24.93 -12.31
N GLU A 482 -32.46 24.14 -13.28
CA GLU A 482 -33.11 22.83 -13.46
C GLU A 482 -32.73 21.82 -12.39
N GLN A 483 -31.75 22.12 -11.52
CA GLN A 483 -31.50 21.18 -10.43
C GLN A 483 -32.52 21.28 -9.31
N ASN A 484 -33.36 22.32 -9.30
CA ASN A 484 -34.26 22.56 -8.17
C ASN A 484 -35.67 22.01 -8.39
N LEU A 485 -35.97 21.48 -9.58
CA LEU A 485 -37.27 20.89 -9.81
C LEU A 485 -37.42 19.54 -9.13
N ASN A 486 -36.31 18.91 -8.74
CA ASN A 486 -36.30 17.52 -8.29
C ASN A 486 -35.96 17.38 -6.81
N VAL A 487 -36.40 18.32 -5.98
CA VAL A 487 -36.04 18.29 -4.56
C VAL A 487 -36.74 17.13 -3.86
N SER A 488 -38.04 16.98 -4.08
CA SER A 488 -38.82 15.92 -3.47
C SER A 488 -39.32 14.88 -4.46
N SER A 489 -39.09 15.09 -5.76
CA SER A 489 -39.58 14.17 -6.77
C SER A 489 -38.65 12.97 -6.93
N LYS A 490 -37.35 13.23 -7.11
CA LYS A 490 -36.39 12.18 -7.41
C LYS A 490 -35.48 11.83 -6.26
N ALA A 491 -35.53 12.56 -5.15
CA ALA A 491 -34.65 12.36 -4.01
C ALA A 491 -35.44 12.03 -2.76
N LYS A 492 -36.39 11.11 -2.88
CA LYS A 492 -37.35 10.83 -1.82
C LYS A 492 -36.68 10.28 -0.58
N GLY A 493 -37.02 10.86 0.58
CA GLY A 493 -36.39 10.53 1.83
C GLY A 493 -35.20 11.40 2.17
N PHE A 494 -34.74 12.24 1.25
CA PHE A 494 -33.54 13.04 1.43
C PHE A 494 -33.80 14.53 1.16
N ASP A 495 -34.81 15.12 1.79
CA ASP A 495 -35.15 16.50 1.47
C ASP A 495 -34.12 17.47 2.04
N THR A 496 -33.66 17.22 3.26
CA THR A 496 -32.69 18.10 3.92
C THR A 496 -31.40 18.19 3.12
N GLN A 497 -30.90 17.04 2.68
CA GLN A 497 -29.68 17.01 1.88
C GLN A 497 -29.89 17.59 0.50
N ALA A 498 -31.08 17.41 -0.07
CA ALA A 498 -31.35 18.01 -1.37
C ALA A 498 -31.45 19.52 -1.30
N GLN A 499 -31.69 20.09 -0.13
CA GLN A 499 -31.65 21.55 -0.01
C GLN A 499 -30.23 22.05 0.27
N THR A 500 -29.52 21.36 1.17
CA THR A 500 -28.16 21.76 1.52
C THR A 500 -27.23 21.61 0.33
N ALA A 501 -27.56 20.73 -0.62
CA ALA A 501 -26.77 20.63 -1.84
C ALA A 501 -26.87 21.89 -2.69
N ILE A 502 -28.06 22.48 -2.79
CA ILE A 502 -28.25 23.62 -3.68
C ILE A 502 -27.72 24.90 -3.04
N ASN A 503 -27.69 24.96 -1.71
CA ASN A 503 -27.21 26.17 -1.04
C ASN A 503 -25.76 26.50 -1.41
N ARG A 504 -24.90 25.47 -1.44
CA ARG A 504 -23.48 25.72 -1.71
C ARG A 504 -23.22 26.05 -3.17
N CYS A 505 -24.01 25.49 -4.09
CA CYS A 505 -23.89 25.87 -5.49
C CYS A 505 -24.28 27.33 -5.69
N GLN A 506 -25.30 27.79 -4.96
CA GLN A 506 -25.67 29.20 -5.03
C GLN A 506 -24.56 30.10 -4.49
N GLU A 507 -23.91 29.68 -3.40
CA GLU A 507 -22.77 30.45 -2.90
C GLU A 507 -21.63 30.51 -3.92
N ILE A 508 -21.40 29.41 -4.63
CA ILE A 508 -20.35 29.36 -5.66
C ILE A 508 -20.65 30.35 -6.77
N HIS A 509 -21.90 30.43 -7.21
CA HIS A 509 -22.25 31.38 -8.26
C HIS A 509 -22.08 32.82 -7.78
N THR A 510 -22.42 33.09 -6.52
CA THR A 510 -22.23 34.43 -5.97
C THR A 510 -20.76 34.84 -6.00
N ARG A 511 -19.87 33.94 -5.61
CA ARG A 511 -18.44 34.25 -5.58
C ARG A 511 -17.84 34.39 -6.99
N LEU A 512 -18.33 33.64 -7.97
CA LEU A 512 -17.88 33.83 -9.35
C LEU A 512 -18.24 35.22 -9.85
N GLN A 513 -19.48 35.65 -9.61
CA GLN A 513 -19.88 36.99 -10.04
C GLN A 513 -19.11 38.07 -9.32
N GLU A 514 -18.81 37.85 -8.03
CA GLU A 514 -17.98 38.80 -7.29
C GLU A 514 -16.60 38.94 -7.89
N GLY A 515 -16.01 37.81 -8.33
CA GLY A 515 -14.70 37.87 -8.96
C GLY A 515 -14.70 38.67 -10.25
N ILE A 516 -15.74 38.47 -11.08
CA ILE A 516 -15.82 39.25 -12.32
C ILE A 516 -16.02 40.73 -12.03
N ASN A 517 -16.83 41.06 -11.02
CA ASN A 517 -17.05 42.46 -10.64
C ASN A 517 -15.76 43.11 -10.17
N THR A 518 -14.95 42.40 -9.38
CA THR A 518 -13.65 42.91 -8.96
C THR A 518 -12.73 43.13 -10.15
N LEU A 519 -12.79 42.23 -11.14
CA LEU A 519 -11.98 42.42 -12.34
C LEU A 519 -12.42 43.64 -13.13
N LYS A 520 -13.70 43.98 -13.10
CA LYS A 520 -14.19 45.11 -13.91
C LYS A 520 -13.79 46.47 -13.35
N SER A 521 -13.72 46.60 -12.03
CA SER A 521 -13.51 47.90 -11.39
C SER A 521 -12.06 48.15 -11.02
N ASN A 522 -11.11 47.66 -11.81
CA ASN A 522 -9.70 47.79 -11.49
C ASN A 522 -8.87 47.76 -12.76
N GLU A 523 -7.63 48.23 -12.64
CA GLU A 523 -6.68 48.25 -13.75
C GLU A 523 -5.43 47.43 -13.49
N ASN A 524 -4.96 47.42 -12.24
CA ASN A 524 -3.88 46.52 -11.85
C ASN A 524 -4.30 45.07 -12.03
N ALA A 525 -5.56 44.76 -11.70
CA ALA A 525 -6.06 43.40 -11.83
C ALA A 525 -6.11 42.97 -13.28
N LEU A 526 -6.55 43.86 -14.16
CA LEU A 526 -6.60 43.52 -15.58
C LEU A 526 -5.21 43.33 -16.16
N ALA A 527 -4.25 44.16 -15.72
CA ALA A 527 -2.86 43.99 -16.15
C ALA A 527 -2.31 42.64 -15.71
N ALA A 528 -2.56 42.26 -14.45
CA ALA A 528 -2.06 41.00 -13.92
C ALA A 528 -2.72 39.81 -14.62
N PHE A 529 -4.01 39.93 -14.95
CA PHE A 529 -4.71 38.89 -15.69
C PHE A 529 -4.07 38.65 -17.06
N ARG A 530 -3.80 39.74 -17.79
CA ARG A 530 -3.17 39.62 -19.10
C ARG A 530 -1.77 39.02 -19.00
N PHE A 531 -1.00 39.43 -17.98
CA PHE A 531 0.35 38.92 -17.79
C PHE A 531 0.35 37.42 -17.52
N ALA A 532 -0.56 36.96 -16.65
CA ALA A 532 -0.61 35.54 -16.30
C ALA A 532 -1.02 34.69 -17.50
N ASN A 533 -1.99 35.17 -18.29
CA ASN A 533 -2.42 34.40 -19.45
C ASN A 533 -1.29 34.27 -20.48
N GLN A 534 -0.56 35.37 -20.73
CA GLN A 534 0.54 35.33 -21.70
C GLN A 534 1.63 34.37 -21.26
N ALA A 535 2.05 34.46 -19.99
CA ALA A 535 3.12 33.61 -19.49
C ALA A 535 2.74 32.14 -19.54
N MET A 536 1.50 31.82 -19.14
CA MET A 536 1.07 30.43 -19.14
C MET A 536 1.02 29.85 -20.54
N ALA A 537 0.52 30.63 -21.51
CA ALA A 537 0.47 30.11 -22.88
C ALA A 537 1.86 29.83 -23.41
N THR A 538 2.81 30.74 -23.17
CA THR A 538 4.17 30.54 -23.70
C THR A 538 4.85 29.32 -23.08
N GLN A 539 4.75 29.16 -21.75
CA GLN A 539 5.36 28.01 -21.10
C GLN A 539 4.73 26.70 -21.56
N ARG A 540 3.40 26.71 -21.73
CA ARG A 540 2.68 25.54 -22.20
C ARG A 540 3.12 25.12 -23.59
N ILE A 541 3.38 26.09 -24.48
CA ILE A 541 3.90 25.72 -25.79
C ILE A 541 5.31 25.15 -25.68
N ARG A 542 6.18 25.79 -24.89
CA ARG A 542 7.61 25.45 -25.00
C ARG A 542 8.02 24.18 -24.30
N SER A 543 7.25 23.71 -23.30
CA SER A 543 7.65 22.50 -22.59
C SER A 543 7.64 21.27 -23.51
N LEU A 544 6.67 21.20 -24.43
CA LEU A 544 6.59 20.07 -25.35
C LEU A 544 7.77 20.06 -26.32
N TYR A 545 8.18 21.24 -26.79
CA TYR A 545 9.36 21.35 -27.63
C TYR A 545 10.62 20.90 -26.90
N ALA A 546 10.74 21.26 -25.61
CA ALA A 546 11.89 20.82 -24.84
C ALA A 546 11.92 19.30 -24.72
N LEU A 547 10.75 18.70 -24.47
CA LEU A 547 10.69 17.24 -24.35
C LEU A 547 11.00 16.55 -25.67
N ALA A 548 10.57 17.14 -26.79
CA ALA A 548 10.85 16.55 -28.09
C ALA A 548 12.33 16.65 -28.44
N MET A 549 12.96 17.78 -28.08
CA MET A 549 14.39 17.94 -28.38
C MET A 549 15.26 17.04 -27.54
N ARG A 550 14.90 16.85 -26.25
CA ARG A 550 15.77 16.08 -25.36
C ARG A 550 15.80 14.60 -25.74
N ARG A 551 14.76 14.10 -26.39
CA ARG A 551 14.74 12.72 -26.84
C ARG A 551 15.40 12.52 -28.19
N GLY A 552 15.98 13.57 -28.77
CA GLY A 552 16.76 13.44 -29.98
C GLY A 552 15.98 13.42 -31.27
N GLU A 553 14.70 13.80 -31.25
CA GLU A 553 13.94 13.91 -32.48
C GLU A 553 14.22 15.23 -33.15
N ASP A 554 13.76 15.36 -34.39
CA ASP A 554 13.95 16.57 -35.19
C ASP A 554 12.64 17.32 -35.30
N VAL A 555 12.53 18.44 -34.59
CA VAL A 555 11.30 19.25 -34.57
C VAL A 555 11.66 20.72 -34.70
N THR A 556 10.68 21.52 -35.08
CA THR A 556 10.79 22.98 -35.13
C THR A 556 9.71 23.59 -34.23
N LEU A 557 9.90 24.88 -33.91
CA LEU A 557 9.04 25.53 -32.91
C LEU A 557 7.64 25.82 -33.43
N ASP A 558 7.48 26.05 -34.73
CA ASP A 558 6.17 26.43 -35.25
C ASP A 558 5.23 25.24 -35.41
N LYS A 559 5.70 24.02 -35.18
CA LYS A 559 4.82 22.86 -35.26
C LYS A 559 3.85 22.82 -34.09
N PHE A 560 4.30 23.25 -32.91
CA PHE A 560 3.53 23.11 -31.68
C PHE A 560 2.60 24.29 -31.39
N ASP A 561 2.64 25.35 -32.19
CA ASP A 561 1.83 26.54 -31.91
C ASP A 561 0.51 26.43 -32.69
N VAL A 562 -0.38 25.57 -32.19
CA VAL A 562 -1.71 25.41 -32.73
C VAL A 562 -2.72 25.64 -31.61
N LEU A 563 -4.00 25.67 -31.99
CA LEU A 563 -5.06 26.06 -31.06
C LEU A 563 -5.31 24.99 -30.01
N LYS A 564 -4.95 23.74 -30.30
CA LYS A 564 -5.15 22.65 -29.36
C LYS A 564 -4.34 22.84 -28.07
N ASN A 565 -3.19 23.50 -28.17
CA ASN A 565 -2.23 23.52 -27.08
C ASN A 565 -2.37 24.71 -26.14
N ARG A 566 -3.09 25.75 -26.51
CA ARG A 566 -3.09 26.98 -25.72
C ARG A 566 -4.50 27.35 -25.26
N SER A 567 -5.24 26.37 -24.75
CA SER A 567 -6.60 26.58 -24.31
C SER A 567 -6.75 26.14 -22.86
N TRP A 568 -7.78 26.68 -22.21
CA TRP A 568 -8.08 26.36 -20.82
C TRP A 568 -9.01 25.15 -20.72
N ARG A 569 -9.23 24.72 -19.48
CA ARG A 569 -10.32 23.84 -19.12
C ARG A 569 -11.17 24.53 -18.06
N PRO A 570 -12.50 24.36 -18.10
CA PRO A 570 -13.39 25.28 -17.36
C PRO A 570 -13.20 25.32 -15.86
N PHE A 571 -12.83 24.22 -15.21
CA PHE A 571 -12.68 24.30 -13.77
C PHE A 571 -11.42 25.07 -13.38
N GLN A 572 -10.42 25.11 -14.26
CA GLN A 572 -9.22 25.88 -13.98
C GLN A 572 -9.49 27.38 -14.05
N LEU A 573 -10.17 27.83 -15.11
CA LEU A 573 -10.54 29.24 -15.23
C LEU A 573 -11.51 29.65 -14.14
N ALA A 574 -12.43 28.75 -13.77
CA ALA A 574 -13.36 29.04 -12.69
C ALA A 574 -12.62 29.20 -11.37
N PHE A 575 -11.64 28.35 -11.09
CA PHE A 575 -10.84 28.49 -9.88
C PHE A 575 -10.08 29.80 -9.88
N LEU A 576 -9.59 30.21 -11.05
CA LEU A 576 -8.88 31.48 -11.16
C LEU A 576 -9.79 32.67 -10.83
N LEU A 577 -11.03 32.64 -11.33
CA LEU A 577 -11.96 33.75 -11.07
C LEU A 577 -12.43 33.75 -9.62
N LEU A 578 -12.58 32.58 -9.00
CA LEU A 578 -12.81 32.52 -7.56
C LEU A 578 -11.68 33.16 -6.79
N SER A 579 -10.44 32.95 -7.22
CA SER A 579 -9.30 33.28 -6.37
C SER A 579 -8.91 34.74 -6.41
N ILE A 580 -9.47 35.53 -7.33
CA ILE A 580 -8.97 36.89 -7.56
C ILE A 580 -9.22 37.85 -6.39
N PRO A 581 -10.46 38.05 -5.89
CA PRO A 581 -10.68 39.19 -4.97
C PRO A 581 -9.97 39.10 -3.64
N SER A 582 -9.53 37.91 -3.22
CA SER A 582 -8.82 37.80 -1.96
C SER A 582 -7.35 38.16 -2.09
N LEU A 583 -6.80 38.16 -3.31
CA LEU A 583 -5.39 38.47 -3.52
C LEU A 583 -5.18 39.88 -4.04
N ALA A 584 -6.20 40.48 -4.66
CA ALA A 584 -6.08 41.80 -5.26
C ALA A 584 -6.23 42.93 -4.26
N ASP A 585 -6.48 42.63 -3.00
CA ASP A 585 -6.63 43.64 -1.95
C ASP A 585 -6.35 43.02 -0.59
N PRO A 586 -5.42 43.56 0.18
CA PRO A 586 -5.17 43.02 1.52
C PRO A 586 -6.27 43.31 2.52
N CYS A 587 -7.25 44.16 2.18
CA CYS A 587 -8.30 44.55 3.11
C CYS A 587 -9.58 43.73 2.94
N HIS A 588 -9.56 42.67 2.15
CA HIS A 588 -10.73 41.81 1.99
C HIS A 588 -11.04 41.11 3.31
N PRO A 589 -12.31 40.80 3.58
CA PRO A 589 -12.67 40.14 4.85
C PRO A 589 -12.04 38.77 5.05
N ASP A 590 -11.61 38.09 3.99
CA ASP A 590 -10.98 36.78 4.16
C ASP A 590 -9.61 36.87 4.83
N ARG A 591 -9.04 38.07 4.95
CA ARG A 591 -7.68 38.22 5.41
C ARG A 591 -7.56 39.14 6.62
N VAL A 592 -8.67 39.60 7.19
CA VAL A 592 -8.60 40.56 8.28
C VAL A 592 -9.33 40.09 9.53
N LYS A 593 -9.97 38.93 9.47
CA LYS A 593 -10.72 38.50 10.64
C LYS A 593 -10.48 37.02 10.95
N PRO A 594 -10.48 36.64 12.23
CA PRO A 594 -10.19 35.25 12.60
C PRO A 594 -11.39 34.30 12.55
N ILE A 595 -12.52 34.74 12.01
CA ILE A 595 -13.72 33.90 11.87
C ILE A 595 -14.18 34.06 10.43
N GLU A 596 -14.73 32.98 9.86
CA GLU A 596 -15.24 32.93 8.49
C GLU A 596 -14.18 33.23 7.44
N ALA A 597 -12.94 32.83 7.70
CA ALA A 597 -11.88 32.96 6.70
C ALA A 597 -11.80 31.66 5.91
N TYR A 598 -12.42 31.64 4.74
CA TYR A 598 -12.58 30.40 4.00
C TYR A 598 -11.26 30.00 3.35
N ALA A 599 -10.80 28.77 3.64
CA ALA A 599 -9.59 28.23 3.05
C ALA A 599 -10.01 27.25 1.96
N ASP A 600 -9.65 27.54 0.72
CA ASP A 600 -10.15 26.77 -0.40
C ASP A 600 -9.48 25.40 -0.46
N LEU A 601 -10.29 24.38 -0.74
CA LEU A 601 -9.82 23.00 -0.91
C LEU A 601 -10.32 22.50 -2.24
N LEU A 602 -9.42 21.99 -3.07
CA LEU A 602 -9.73 21.59 -4.43
C LEU A 602 -9.52 20.10 -4.57
N TRP A 603 -10.56 19.37 -4.96
CA TRP A 603 -10.39 17.94 -5.20
C TRP A 603 -11.12 17.55 -6.47
N PHE A 604 -10.56 16.56 -7.17
CA PHE A 604 -10.95 16.22 -8.53
C PHE A 604 -10.34 14.87 -8.84
N PRO A 605 -10.92 14.09 -9.77
CA PRO A 605 -10.27 12.84 -10.19
C PRO A 605 -8.91 13.08 -10.81
N THR A 606 -7.98 12.15 -10.53
CA THR A 606 -6.59 12.31 -10.95
C THR A 606 -6.47 12.15 -12.45
N GLY A 607 -5.80 13.11 -13.07
CA GLY A 607 -5.65 13.13 -14.51
C GLY A 607 -6.07 14.46 -15.11
N GLY A 608 -7.13 15.05 -14.57
CA GLY A 608 -7.41 16.44 -14.88
C GLY A 608 -6.35 17.34 -14.29
N GLY A 609 -6.16 18.50 -14.89
CA GLY A 609 -5.03 19.33 -14.54
C GLY A 609 -5.17 20.18 -13.30
N LYS A 610 -5.00 19.59 -12.12
CA LYS A 610 -5.03 20.41 -10.93
C LYS A 610 -3.76 21.23 -10.78
N THR A 611 -2.63 20.75 -11.32
CA THR A 611 -1.36 21.43 -11.12
C THR A 611 -1.29 22.72 -11.94
N GLU A 612 -1.71 22.65 -13.21
CA GLU A 612 -1.81 23.89 -13.96
C GLU A 612 -2.98 24.76 -13.51
N ALA A 613 -3.92 24.21 -12.75
CA ALA A 613 -4.93 25.04 -12.12
C ALA A 613 -4.33 25.89 -11.02
N TYR A 614 -3.50 25.30 -10.17
CA TYR A 614 -3.00 26.05 -9.03
C TYR A 614 -1.65 26.71 -9.27
N LEU A 615 -1.08 26.58 -10.48
CA LEU A 615 0.10 27.40 -10.79
C LEU A 615 -0.29 28.79 -11.30
N GLY A 616 -1.45 28.91 -11.96
CA GLY A 616 -1.89 30.21 -12.43
C GLY A 616 -2.19 31.19 -11.31
N VAL A 617 -2.67 30.69 -10.17
CA VAL A 617 -2.89 31.55 -9.02
C VAL A 617 -1.57 32.12 -8.51
N ALA A 618 -0.51 31.30 -8.54
CA ALA A 618 0.80 31.78 -8.13
C ALA A 618 1.35 32.82 -9.10
N ALA A 619 1.13 32.61 -10.40
CA ALA A 619 1.55 33.61 -11.38
C ALA A 619 0.84 34.94 -11.17
N PHE A 620 -0.48 34.90 -10.98
CA PHE A 620 -1.26 36.10 -10.73
C PHE A 620 -0.82 36.79 -9.45
N THR A 621 -0.54 36.02 -8.40
CA THR A 621 -0.08 36.60 -7.15
C THR A 621 1.27 37.28 -7.32
N MET A 622 2.15 36.67 -8.11
CA MET A 622 3.49 37.23 -8.30
C MET A 622 3.44 38.54 -9.08
N ALA A 623 2.62 38.60 -10.12
CA ALA A 623 2.58 39.82 -10.93
C ALA A 623 1.91 40.97 -10.19
N ILE A 624 0.88 40.69 -9.38
CA ILE A 624 0.08 41.77 -8.82
C ILE A 624 0.81 42.47 -7.68
N ARG A 625 1.75 41.77 -7.02
CA ARG A 625 2.38 42.32 -5.81
C ARG A 625 3.28 43.50 -6.14
N ARG A 626 3.93 43.48 -7.30
CA ARG A 626 4.84 44.56 -7.66
C ARG A 626 4.12 45.79 -8.20
N MET A 627 2.82 45.71 -8.47
CA MET A 627 2.06 46.84 -8.97
C MET A 627 1.34 47.62 -7.87
N GLN A 628 1.52 47.27 -6.60
CA GLN A 628 0.74 47.93 -5.56
C GLN A 628 1.47 49.10 -4.93
N GLY A 629 2.71 48.92 -4.51
CA GLY A 629 3.45 49.95 -3.82
C GLY A 629 3.74 49.59 -2.38
N ASN A 630 4.48 50.48 -1.71
CA ASN A 630 4.98 50.20 -0.37
C ASN A 630 3.93 50.59 0.67
N LEU A 631 2.91 49.75 0.77
CA LEU A 631 1.83 49.95 1.71
C LEU A 631 2.28 49.62 3.14
N GLY A 632 1.88 50.48 4.08
CA GLY A 632 2.14 50.21 5.47
C GLY A 632 3.58 50.38 5.92
N GLY A 633 4.42 50.97 5.09
CA GLY A 633 5.82 51.10 5.44
C GLY A 633 6.64 49.84 5.24
N TYR A 634 6.25 48.97 4.32
CA TYR A 634 6.99 47.76 4.01
C TYR A 634 7.41 47.77 2.55
N ASP A 635 8.62 47.31 2.27
CA ASP A 635 9.08 47.17 0.89
C ASP A 635 8.28 46.09 0.19
N SER A 636 8.11 46.25 -1.12
CA SER A 636 7.24 45.35 -1.85
C SER A 636 7.75 45.00 -3.25
N SER A 637 8.97 45.38 -3.61
CA SER A 637 9.50 45.08 -4.94
C SER A 637 10.43 43.87 -4.95
N ARG A 638 10.59 43.19 -3.82
CA ARG A 638 11.45 42.02 -3.74
C ARG A 638 11.04 41.20 -2.54
N GLY A 639 11.55 39.97 -2.47
CA GLY A 639 11.30 39.08 -1.36
C GLY A 639 10.43 37.90 -1.76
N LEU A 640 10.32 36.97 -0.82
CA LEU A 640 9.57 35.74 -1.05
C LEU A 640 8.08 36.01 -1.09
N THR A 641 7.39 35.38 -2.04
CA THR A 641 5.96 35.57 -2.26
C THR A 641 5.14 34.33 -1.98
N VAL A 642 5.45 33.22 -2.63
CA VAL A 642 4.65 32.00 -2.60
C VAL A 642 5.50 30.88 -2.02
N ILE A 643 4.95 30.15 -1.07
CA ILE A 643 5.58 28.96 -0.51
C ILE A 643 4.80 27.75 -0.97
N MET A 644 5.52 26.73 -1.46
CA MET A 644 4.89 25.54 -2.02
C MET A 644 5.55 24.30 -1.41
N ARG A 645 4.83 23.60 -0.55
CA ARG A 645 5.42 22.60 0.34
C ARG A 645 4.78 21.22 0.14
N TYR A 646 5.60 20.17 0.22
CA TYR A 646 5.23 18.79 -0.07
C TYR A 646 5.68 17.86 1.06
N THR A 647 5.31 16.58 0.93
CA THR A 647 5.49 15.57 1.96
C THR A 647 6.69 14.67 1.73
N LEU A 648 6.80 14.08 0.54
CA LEU A 648 7.85 13.13 0.22
C LEU A 648 9.12 13.86 -0.23
N ARG A 649 10.07 13.11 -0.79
CA ARG A 649 11.30 13.69 -1.27
C ARG A 649 11.45 13.62 -2.79
N LEU A 650 10.86 12.62 -3.44
CA LEU A 650 11.12 12.47 -4.87
C LEU A 650 10.15 13.32 -5.70
N LEU A 651 8.89 13.44 -5.28
CA LEU A 651 7.93 14.24 -6.03
C LEU A 651 8.31 15.70 -6.05
N THR A 652 8.98 16.20 -5.00
CA THR A 652 9.47 17.57 -5.00
C THR A 652 10.46 17.81 -6.12
N LEU A 653 11.42 16.88 -6.27
CA LEU A 653 12.40 16.99 -7.34
C LEU A 653 11.74 16.85 -8.70
N GLN A 654 10.65 16.10 -8.79
CA GLN A 654 9.96 16.05 -10.08
C GLN A 654 9.19 17.32 -10.40
N GLN A 655 8.66 18.01 -9.38
CA GLN A 655 7.86 19.21 -9.63
C GLN A 655 8.72 20.46 -9.84
N PHE A 656 9.96 20.45 -9.34
CA PHE A 656 10.86 21.57 -9.53
C PHE A 656 11.12 21.84 -11.01
N GLN A 657 11.22 20.78 -11.81
CA GLN A 657 11.42 20.93 -13.25
C GLN A 657 10.22 21.60 -13.91
N ARG A 658 9.01 21.31 -13.43
CA ARG A 658 7.83 21.97 -13.98
C ARG A 658 7.78 23.44 -13.61
N ALA A 659 8.20 23.78 -12.39
CA ALA A 659 8.12 25.18 -11.96
C ALA A 659 9.16 26.05 -12.65
N THR A 660 10.32 25.45 -13.01
CA THR A 660 11.38 26.22 -13.66
C THR A 660 10.93 26.82 -14.99
N ALA A 661 10.09 26.11 -15.75
CA ALA A 661 9.69 26.62 -17.06
C ALA A 661 8.84 27.88 -16.93
N LEU A 662 7.93 27.91 -15.96
CA LEU A 662 7.13 29.09 -15.71
C LEU A 662 8.00 30.26 -15.27
N ILE A 663 8.97 30.01 -14.39
CA ILE A 663 9.88 31.08 -13.98
C ILE A 663 10.69 31.60 -15.16
N CYS A 664 11.13 30.70 -16.04
CA CYS A 664 11.88 31.11 -17.23
C CYS A 664 11.05 31.98 -18.15
N ALA A 665 9.79 31.60 -18.40
CA ALA A 665 8.94 32.40 -19.27
C ALA A 665 8.65 33.77 -18.68
N MET A 666 8.44 33.83 -17.37
CA MET A 666 8.21 35.12 -16.73
C MET A 666 9.44 36.01 -16.83
N GLU A 667 10.63 35.42 -16.72
CA GLU A 667 11.85 36.20 -16.87
C GLU A 667 12.03 36.72 -18.29
N VAL A 668 11.65 35.92 -19.29
CA VAL A 668 11.72 36.36 -20.68
C VAL A 668 10.82 37.57 -20.93
N LEU A 669 9.57 37.50 -20.46
CA LEU A 669 8.68 38.65 -20.69
C LEU A 669 9.10 39.87 -19.87
N ARG A 670 9.65 39.67 -18.67
CA ARG A 670 10.14 40.81 -17.91
C ARG A 670 11.31 41.48 -18.61
N ARG A 671 12.20 40.69 -19.21
CA ARG A 671 13.32 41.28 -19.93
C ARG A 671 12.87 41.99 -21.19
N GLU A 672 11.90 41.42 -21.90
CA GLU A 672 11.45 42.07 -23.14
C GLU A 672 10.65 43.33 -22.86
N ALA A 673 9.99 43.40 -21.71
CA ALA A 673 9.16 44.56 -21.40
C ALA A 673 10.01 45.78 -21.07
N LEU A 674 11.14 45.58 -20.39
CA LEU A 674 11.98 46.68 -19.95
C LEU A 674 12.65 47.39 -21.12
N ASN A 675 12.86 46.69 -22.23
CA ASN A 675 13.48 47.29 -23.40
C ASN A 675 12.62 48.37 -24.05
N LYS A 676 11.32 48.38 -23.78
CA LYS A 676 10.40 49.40 -24.27
C LYS A 676 10.24 50.55 -23.30
N GLY A 677 10.98 50.56 -22.20
CA GLY A 677 10.85 51.62 -21.21
C GLY A 677 9.74 51.42 -20.20
N ASP A 678 9.05 50.29 -20.24
CA ASP A 678 7.96 50.01 -19.31
C ASP A 678 8.55 49.41 -18.04
N LYS A 679 8.51 50.17 -16.94
CA LYS A 679 9.12 49.75 -15.70
C LYS A 679 8.10 49.34 -14.64
N SER A 680 6.93 48.84 -15.06
CA SER A 680 5.93 48.37 -14.11
C SER A 680 6.41 47.13 -13.38
N LEU A 681 7.08 46.22 -14.09
CA LEU A 681 7.50 44.96 -13.49
C LEU A 681 8.72 45.10 -12.60
N GLY A 682 9.38 46.26 -12.60
CA GLY A 682 10.49 46.49 -11.70
C GLY A 682 11.83 46.18 -12.32
N THR A 683 12.84 46.10 -11.45
CA THR A 683 14.21 45.80 -11.86
C THR A 683 14.69 44.43 -11.44
N GLU A 684 14.36 44.00 -10.22
CA GLU A 684 14.79 42.70 -9.72
C GLU A 684 14.13 41.57 -10.50
N PRO A 685 14.88 40.52 -10.82
CA PRO A 685 14.32 39.39 -11.59
C PRO A 685 13.65 38.36 -10.70
N PHE A 686 12.99 37.41 -11.37
CA PHE A 686 12.28 36.32 -10.70
C PHE A 686 13.18 35.09 -10.61
N THR A 687 13.36 34.58 -9.39
CA THR A 687 14.19 33.40 -9.16
C THR A 687 13.44 32.41 -8.27
N ILE A 688 13.84 31.14 -8.34
CA ILE A 688 13.17 30.05 -7.63
C ILE A 688 14.20 29.12 -7.01
N GLY A 689 14.03 28.78 -5.74
CA GLY A 689 14.98 27.93 -5.06
C GLY A 689 14.31 26.76 -4.37
N LEU A 690 15.10 25.72 -4.12
CA LEU A 690 14.71 24.57 -3.32
C LEU A 690 14.98 24.83 -1.85
N TRP A 691 14.34 24.04 -1.00
CA TRP A 691 14.72 24.07 0.41
C TRP A 691 14.43 22.66 0.96
N VAL A 692 15.44 21.80 0.87
CA VAL A 692 15.34 20.40 1.26
C VAL A 692 16.55 20.06 2.12
N GLY A 693 16.66 18.79 2.50
CA GLY A 693 17.66 18.38 3.46
C GLY A 693 19.07 18.43 2.89
N ASN A 694 20.05 18.29 3.81
CA ASN A 694 21.45 18.48 3.44
C ASN A 694 22.05 17.27 2.74
N LYS A 695 21.33 16.14 2.68
CA LYS A 695 21.82 15.01 1.91
C LYS A 695 21.80 15.30 0.41
N VAL A 696 20.84 16.07 -0.06
CA VAL A 696 20.62 16.25 -1.49
C VAL A 696 21.39 17.47 -2.00
N THR A 697 21.44 18.53 -1.20
CA THR A 697 21.97 19.80 -1.65
C THR A 697 23.05 20.26 -0.68
N PRO A 698 24.07 20.96 -1.17
CA PRO A 698 25.14 21.44 -0.29
C PRO A 698 24.67 22.58 0.60
N GLY A 699 25.42 22.79 1.68
CA GLY A 699 25.07 23.82 2.64
C GLY A 699 25.69 25.17 2.36
N THR A 700 27.01 25.20 2.14
CA THR A 700 27.75 26.44 1.99
C THR A 700 28.50 26.43 0.67
N THR A 701 29.08 27.59 0.34
CA THR A 701 29.76 27.75 -0.95
C THR A 701 31.05 26.95 -1.00
N GLU A 702 31.67 26.71 0.17
CA GLU A 702 32.87 25.88 0.24
C GLU A 702 32.59 24.47 -0.27
N ASP A 703 31.45 23.90 0.13
CA ASP A 703 31.08 22.57 -0.34
C ASP A 703 30.73 22.59 -1.83
N SER A 704 30.16 23.69 -2.31
CA SER A 704 29.88 23.82 -3.73
C SER A 704 31.16 23.85 -4.55
N HIS A 705 32.22 24.45 -3.99
CA HIS A 705 33.52 24.38 -4.63
C HIS A 705 34.11 22.98 -4.56
N ASN A 706 33.97 22.32 -3.40
CA ASN A 706 34.54 21.00 -3.20
C ASN A 706 33.93 19.97 -4.15
N ALA A 707 32.63 20.09 -4.43
CA ALA A 707 31.98 19.13 -5.32
C ALA A 707 32.52 19.22 -6.74
N ILE A 708 32.68 20.45 -7.25
CA ILE A 708 33.25 20.62 -8.59
C ILE A 708 34.72 20.22 -8.61
N GLU A 709 35.46 20.47 -7.52
CA GLU A 709 36.85 20.03 -7.44
C GLU A 709 36.96 18.52 -7.49
N LYS A 710 36.08 17.82 -6.77
CA LYS A 710 36.06 16.37 -6.80
C LYS A 710 35.50 15.83 -8.11
N THR A 711 34.80 16.66 -8.89
CA THR A 711 34.25 16.22 -10.16
C THR A 711 35.33 16.02 -11.22
N ARG A 712 36.36 16.87 -11.23
CA ARG A 712 37.33 16.90 -12.31
C ARG A 712 38.50 15.93 -12.12
N ASN A 713 38.49 15.12 -11.07
CA ASN A 713 39.56 14.14 -10.86
C ASN A 713 39.00 12.80 -10.41
N SER A 723 25.57 17.97 -4.40
CA SER A 723 25.81 18.30 -5.80
C SER A 723 24.84 19.35 -6.30
N PRO A 724 25.35 20.56 -6.58
CA PRO A 724 24.48 21.64 -7.07
C PRO A 724 23.90 21.41 -8.46
N VAL A 725 24.32 20.37 -9.18
CA VAL A 725 23.76 20.10 -10.51
C VAL A 725 22.54 19.23 -10.30
N GLN A 726 21.41 19.88 -10.02
CA GLN A 726 20.14 19.20 -9.88
C GLN A 726 19.35 19.15 -11.19
N LEU A 727 19.89 19.71 -12.26
CA LEU A 727 19.24 19.76 -13.55
C LEU A 727 20.03 18.91 -14.53
N THR A 728 19.33 18.25 -15.44
CA THR A 728 19.98 17.43 -16.45
C THR A 728 20.02 18.10 -17.81
N SER A 729 18.91 18.68 -18.25
CA SER A 729 18.86 19.39 -19.52
C SER A 729 18.32 20.79 -19.28
N CYS A 730 18.44 21.63 -20.30
CA CYS A 730 17.97 23.00 -20.18
C CYS A 730 16.45 23.04 -20.31
N PRO A 731 15.74 23.69 -19.38
CA PRO A 731 14.27 23.78 -19.50
C PRO A 731 13.80 24.49 -20.76
N TRP A 732 14.51 25.53 -21.19
CA TRP A 732 13.97 26.42 -22.21
C TRP A 732 14.29 25.93 -23.62
N CYS A 733 15.38 25.18 -23.80
CA CYS A 733 15.80 24.78 -25.14
C CYS A 733 16.07 23.29 -25.30
N GLY A 734 16.35 22.55 -24.23
CA GLY A 734 16.52 21.11 -24.35
C GLY A 734 17.92 20.63 -24.68
N THR A 735 18.91 21.51 -24.67
CA THR A 735 20.29 21.10 -24.88
C THR A 735 20.83 20.40 -23.64
N GLU A 736 21.68 19.40 -23.86
CA GLU A 736 22.28 18.64 -22.77
C GLU A 736 23.22 19.52 -21.93
N ILE A 737 23.13 19.36 -20.61
CA ILE A 737 23.98 20.11 -19.67
C ILE A 737 25.07 19.17 -19.19
N VAL A 738 26.32 19.54 -19.49
CA VAL A 738 27.49 18.77 -19.04
C VAL A 738 28.01 19.43 -17.77
N PRO A 739 28.08 18.71 -16.65
CA PRO A 739 28.48 19.34 -15.38
C PRO A 739 29.92 19.82 -15.34
N GLY A 740 30.77 19.35 -16.26
CA GLY A 740 32.18 19.72 -16.21
C GLY A 740 32.43 21.19 -16.49
N GLN A 741 31.77 21.75 -17.50
CA GLN A 741 32.12 23.07 -18.01
C GLN A 741 31.03 24.12 -17.86
N ASP A 742 29.86 23.78 -17.33
CA ASP A 742 28.74 24.71 -17.26
C ASP A 742 28.48 25.22 -15.85
N VAL A 743 29.47 25.19 -14.96
CA VAL A 743 29.29 25.64 -13.59
C VAL A 743 30.41 26.60 -13.23
N GLU A 744 30.04 27.77 -12.71
CA GLU A 744 31.00 28.74 -12.19
C GLU A 744 30.69 28.97 -10.72
N VAL A 745 31.73 28.97 -9.90
CA VAL A 745 31.63 29.30 -8.48
C VAL A 745 32.56 30.49 -8.24
N LYS A 746 31.99 31.63 -7.88
CA LYS A 746 32.80 32.81 -7.59
C LYS A 746 33.59 32.59 -6.31
N LYS A 747 34.72 33.27 -6.20
CA LYS A 747 35.55 33.16 -5.01
C LYS A 747 34.83 33.76 -3.82
N ASP A 748 35.21 33.28 -2.64
CA ASP A 748 34.45 33.53 -1.41
C ASP A 748 35.37 33.74 -0.20
N LYS A 749 35.71 35.00 0.06
CA LYS A 749 36.34 35.31 1.34
C LYS A 749 35.33 35.18 2.47
N ALA A 750 34.06 35.48 2.18
CA ALA A 750 32.97 35.26 3.12
C ALA A 750 31.72 34.68 2.48
N GLY A 751 31.63 34.66 1.15
CA GLY A 751 30.44 34.13 0.49
C GLY A 751 30.54 34.34 -1.00
N GLY A 752 29.91 33.43 -1.74
CA GLY A 752 29.99 33.43 -3.19
C GLY A 752 28.64 33.20 -3.83
N ARG A 753 28.63 33.20 -5.16
CA ARG A 753 27.43 33.00 -5.95
C ARG A 753 27.69 31.92 -7.00
N THR A 754 26.86 30.88 -7.00
CA THR A 754 26.99 29.79 -7.95
C THR A 754 26.06 30.02 -9.13
N PHE A 755 26.59 29.83 -10.34
CA PHE A 755 25.82 30.03 -11.54
C PHE A 755 25.82 28.75 -12.37
N VAL A 756 24.74 28.55 -13.12
CA VAL A 756 24.58 27.42 -14.01
C VAL A 756 24.18 27.96 -15.36
N TYR A 757 24.84 27.49 -16.42
CA TYR A 757 24.64 28.03 -17.76
C TYR A 757 24.05 26.97 -18.67
N CYS A 758 23.46 27.43 -19.76
CA CYS A 758 22.99 26.52 -20.80
C CYS A 758 24.17 25.95 -21.57
N GLY A 759 23.94 24.79 -22.20
CA GLY A 759 24.96 24.09 -22.93
C GLY A 759 24.99 24.38 -24.41
N ASP A 760 24.34 25.44 -24.87
CA ASP A 760 24.35 25.76 -26.29
C ASP A 760 25.73 26.26 -26.72
N LYS A 761 26.12 25.90 -27.95
CA LYS A 761 27.42 26.27 -28.47
C LYS A 761 27.36 27.43 -29.46
N LYS A 762 26.26 27.57 -30.20
CA LYS A 762 26.16 28.65 -31.16
C LYS A 762 25.86 29.99 -30.49
N GLY A 763 25.07 29.98 -29.42
CA GLY A 763 24.72 31.20 -28.73
C GLY A 763 23.39 31.79 -29.16
N ARG A 764 22.35 30.97 -29.23
CA ARG A 764 21.00 31.44 -29.52
C ARG A 764 20.02 31.29 -28.37
N CYS A 765 20.36 30.52 -27.34
CA CYS A 765 19.52 30.46 -26.16
C CYS A 765 19.73 31.70 -25.31
N GLU A 766 18.66 32.19 -24.69
CA GLU A 766 18.75 33.38 -23.85
C GLU A 766 19.44 33.13 -22.52
N PHE A 767 19.74 31.87 -22.19
CA PHE A 767 20.36 31.54 -20.91
C PHE A 767 21.77 31.00 -21.07
N SER A 768 22.38 31.16 -22.25
CA SER A 768 23.75 30.73 -22.46
C SER A 768 24.72 31.80 -21.98
N LYS A 769 26.01 31.48 -22.04
CA LYS A 769 27.02 32.43 -21.60
C LYS A 769 27.26 33.54 -22.61
N GLY A 770 26.79 33.39 -23.85
CA GLY A 770 26.98 34.44 -24.83
C GLY A 770 26.04 35.61 -24.68
N LYS A 771 24.91 35.43 -24.00
CA LYS A 771 23.87 36.45 -23.94
C LYS A 771 23.61 36.98 -22.54
N SER A 772 23.53 36.10 -21.55
CA SER A 772 23.02 36.48 -20.24
C SER A 772 24.10 36.96 -19.28
N SER A 773 25.34 37.15 -19.75
CA SER A 773 26.44 37.43 -18.84
C SER A 773 26.34 38.80 -18.18
N THR A 774 25.55 39.71 -18.73
CA THR A 774 25.44 41.05 -18.18
C THR A 774 24.26 41.23 -17.24
N GLN A 775 23.45 40.20 -17.00
CA GLN A 775 22.27 40.31 -16.17
C GLN A 775 22.65 40.26 -14.69
N PRO A 776 21.79 40.80 -13.82
CA PRO A 776 22.04 40.68 -12.37
C PRO A 776 22.03 39.24 -11.86
N HIS A 777 21.37 38.32 -12.56
CA HIS A 777 21.45 36.89 -12.24
C HIS A 777 21.62 36.14 -13.54
N PRO A 778 22.87 35.95 -13.98
CA PRO A 778 23.13 35.32 -15.28
C PRO A 778 22.77 33.84 -15.29
N GLY A 779 22.42 33.34 -16.47
CA GLY A 779 22.16 31.92 -16.65
C GLY A 779 20.78 31.50 -16.20
N ILE A 780 20.67 30.22 -15.86
CA ILE A 780 19.41 29.66 -15.36
C ILE A 780 19.11 30.27 -14.01
N PRO A 781 17.94 30.88 -13.81
CA PRO A 781 17.65 31.60 -12.55
C PRO A 781 17.13 30.71 -11.42
N VAL A 782 18.03 29.91 -10.85
CA VAL A 782 17.70 29.00 -9.76
C VAL A 782 18.63 29.28 -8.59
N LEU A 783 18.32 28.67 -7.45
CA LEU A 783 19.21 28.69 -6.30
C LEU A 783 19.15 27.32 -5.65
N VAL A 784 20.30 26.79 -5.25
CA VAL A 784 20.36 25.43 -4.72
C VAL A 784 21.03 25.43 -3.35
N VAL A 785 21.99 26.31 -3.15
CA VAL A 785 22.79 26.35 -1.93
C VAL A 785 22.02 27.14 -0.88
N ASP A 786 22.04 26.65 0.37
CA ASP A 786 21.21 27.21 1.42
C ASP A 786 21.62 28.63 1.78
N GLU A 787 22.93 28.86 1.98
CA GLU A 787 23.39 30.18 2.36
C GLU A 787 23.24 31.18 1.23
N GLU A 788 23.19 30.70 -0.01
CA GLU A 788 22.89 31.59 -1.12
C GLU A 788 21.44 32.04 -1.09
N ILE A 789 20.54 31.17 -0.63
CA ILE A 789 19.14 31.52 -0.49
C ILE A 789 18.92 32.49 0.66
N TYR A 790 19.65 32.29 1.75
CA TYR A 790 19.46 33.15 2.92
C TYR A 790 20.06 34.54 2.74
N HIS A 791 20.68 34.84 1.59
CA HIS A 791 21.23 36.17 1.32
C HIS A 791 20.42 36.95 0.31
N ARG A 792 19.95 36.31 -0.75
CA ARG A 792 19.11 36.94 -1.78
C ARG A 792 17.89 36.06 -1.97
N PRO A 793 16.80 36.35 -1.24
CA PRO A 793 15.67 35.45 -1.21
C PRO A 793 14.94 35.42 -2.54
N PRO A 794 14.56 34.25 -3.01
CA PRO A 794 13.91 34.14 -4.30
C PRO A 794 12.44 34.54 -4.21
N THR A 795 11.80 34.64 -5.37
CA THR A 795 10.38 34.92 -5.41
C THR A 795 9.57 33.71 -4.95
N MET A 796 9.94 32.52 -5.41
CA MET A 796 9.20 31.29 -5.18
C MET A 796 10.07 30.33 -4.38
N MET A 797 9.44 29.50 -3.56
CA MET A 797 10.14 28.45 -2.82
C MET A 797 9.38 27.15 -2.90
N ILE A 798 10.11 26.05 -3.11
CA ILE A 798 9.56 24.70 -3.09
C ILE A 798 10.30 23.90 -2.05
N ALA A 799 9.63 23.56 -0.95
CA ALA A 799 10.28 22.93 0.18
C ALA A 799 9.57 21.63 0.54
N THR A 800 10.15 20.92 1.50
CA THR A 800 9.54 19.76 2.11
C THR A 800 9.13 20.11 3.53
N VAL A 801 8.21 19.30 4.09
CA VAL A 801 7.66 19.59 5.40
C VAL A 801 8.73 19.51 6.48
N ASP A 802 9.61 18.51 6.39
CA ASP A 802 10.51 18.21 7.49
C ASP A 802 11.62 19.23 7.66
N LYS A 803 11.86 20.07 6.65
CA LYS A 803 12.88 21.10 6.77
C LYS A 803 12.47 22.19 7.75
N PHE A 804 11.16 22.34 7.99
CA PHE A 804 10.68 23.42 8.84
C PHE A 804 11.02 23.23 10.31
N ALA A 805 11.50 22.05 10.70
CA ALA A 805 11.92 21.86 12.08
C ALA A 805 13.24 22.54 12.39
N MET A 806 13.94 23.05 11.38
CA MET A 806 15.24 23.68 11.57
C MET A 806 15.15 25.11 12.08
N MET A 807 13.93 25.62 12.33
CA MET A 807 13.81 27.02 12.75
C MET A 807 14.41 27.26 14.12
N ALA A 808 14.21 26.32 15.05
CA ALA A 808 14.71 26.53 16.40
C ALA A 808 16.22 26.37 16.51
N TRP A 809 16.88 25.83 15.49
CA TRP A 809 18.33 25.67 15.52
C TRP A 809 19.03 26.87 14.90
N ARG A 810 18.73 27.17 13.65
CA ARG A 810 19.43 28.20 12.90
C ARG A 810 18.65 29.52 12.94
N GLY A 811 19.32 30.58 13.36
CA GLY A 811 18.69 31.89 13.49
C GLY A 811 18.74 32.78 12.26
N GLN A 812 19.34 32.33 11.17
CA GLN A 812 19.44 33.13 9.98
C GLN A 812 18.28 32.91 9.02
N VAL A 813 17.26 32.15 9.44
CA VAL A 813 16.14 31.84 8.56
C VAL A 813 15.19 33.02 8.44
N ARG A 814 15.29 34.00 9.34
CA ARG A 814 14.35 35.11 9.38
C ARG A 814 14.47 36.04 8.19
N THR A 815 15.51 35.89 7.38
CA THR A 815 15.59 36.64 6.13
C THR A 815 14.48 36.21 5.17
N LEU A 816 14.10 34.94 5.23
CA LEU A 816 13.06 34.41 4.34
C LEU A 816 11.70 35.02 4.62
N PHE A 817 11.46 35.48 5.83
CA PHE A 817 10.22 36.14 6.18
C PHE A 817 10.31 37.66 6.05
N GLY A 818 11.47 38.20 5.70
CA GLY A 818 11.60 39.62 5.48
C GLY A 818 11.87 40.46 6.71
N ARG A 819 12.47 39.88 7.76
CA ARG A 819 12.79 40.62 8.97
C ARG A 819 14.26 41.01 8.94
N VAL A 820 14.56 42.13 8.27
CA VAL A 820 15.92 42.57 8.00
C VAL A 820 16.08 44.01 8.46
N GLU A 821 17.33 44.44 8.60
CA GLU A 821 17.62 45.82 8.91
C GLU A 821 18.72 46.43 8.04
N LYS A 822 19.77 45.66 7.75
CA LYS A 822 20.99 46.18 7.14
C LYS A 822 21.33 45.39 5.90
N GLU A 823 22.24 45.94 5.09
CA GLU A 823 22.64 45.28 3.85
C GLU A 823 24.02 45.78 3.43
N CYS A 824 24.79 44.87 2.86
CA CYS A 824 26.08 45.17 2.24
C CYS A 824 25.93 45.12 0.74
N GLU A 825 26.59 46.06 0.05
CA GLU A 825 26.46 46.13 -1.41
C GLU A 825 27.19 44.99 -2.09
N ARG A 826 28.21 44.43 -1.46
CA ARG A 826 29.02 43.40 -2.08
C ARG A 826 28.54 42.00 -1.79
N HIS A 827 27.82 41.79 -0.70
CA HIS A 827 27.40 40.45 -0.31
C HIS A 827 25.88 40.26 -0.35
N GLY A 828 25.14 41.04 0.42
CA GLY A 828 23.69 40.90 0.46
C GLY A 828 23.13 41.32 1.80
N LEU A 829 22.02 40.69 2.18
CA LEU A 829 21.34 41.01 3.42
C LEU A 829 22.07 40.39 4.61
N LEU A 830 21.98 41.07 5.75
CA LEU A 830 22.75 40.70 6.93
C LEU A 830 21.83 40.34 8.09
N TRP A 831 22.31 39.45 8.93
CA TRP A 831 21.68 39.05 10.19
C TRP A 831 22.72 39.18 11.29
N PRO A 832 22.30 39.28 12.55
CA PRO A 832 23.26 39.40 13.64
C PRO A 832 24.18 38.19 13.73
N GLY A 833 25.45 38.45 14.04
CA GLY A 833 26.42 37.39 14.22
C GLY A 833 26.98 36.79 12.95
N ALA A 834 26.83 37.47 11.80
CA ALA A 834 27.34 36.95 10.54
C ALA A 834 28.81 37.33 10.35
N ASN A 835 29.33 37.08 9.16
CA ASN A 835 30.72 37.40 8.86
C ASN A 835 30.90 38.86 8.52
N CYS A 836 30.33 39.30 7.41
CA CYS A 836 30.49 40.68 6.96
C CYS A 836 29.64 41.62 7.80
N THR A 837 30.23 42.75 8.19
CA THR A 837 29.50 43.79 8.89
C THR A 837 29.22 44.99 8.01
N GLY A 838 29.52 44.90 6.72
CA GLY A 838 29.15 45.94 5.78
C GLY A 838 30.20 47.00 5.49
N ASN A 839 31.45 46.77 5.88
CA ASN A 839 32.52 47.72 5.62
C ASN A 839 33.71 47.01 4.98
N HIS A 840 34.33 47.65 4.00
CA HIS A 840 35.40 47.04 3.23
C HIS A 840 36.38 48.13 2.80
N GLN A 841 37.55 47.69 2.33
CA GLN A 841 38.50 48.55 1.64
C GLN A 841 38.52 48.20 0.15
N ALA A 842 39.22 49.02 -0.62
CA ALA A 842 39.33 48.76 -2.04
C ALA A 842 40.28 47.59 -2.29
N PHE A 843 39.86 46.67 -3.17
CA PHE A 843 40.58 45.41 -3.35
C PHE A 843 40.09 44.74 -4.63
N LYS A 844 41.05 44.19 -5.39
CA LYS A 844 40.88 43.86 -6.82
C LYS A 844 40.36 45.03 -7.65
N GLY A 845 40.62 46.27 -7.23
CA GLY A 845 40.13 47.42 -7.94
C GLY A 845 38.69 47.80 -7.67
N GLN A 846 37.93 46.96 -6.97
CA GLN A 846 36.55 47.29 -6.63
C GLN A 846 36.51 48.42 -5.61
N PRO A 847 35.62 49.38 -5.80
CA PRO A 847 35.57 50.52 -4.88
C PRO A 847 35.08 50.11 -3.50
N SER A 848 35.53 50.84 -2.50
CA SER A 848 35.11 50.56 -1.14
C SER A 848 33.66 51.01 -0.95
N ALA A 849 32.98 50.34 -0.03
CA ALA A 849 31.56 50.59 0.21
C ALA A 849 31.31 50.65 1.71
N LYS A 850 30.11 51.13 2.06
CA LYS A 850 29.72 51.32 3.45
C LYS A 850 28.29 50.82 3.62
N VAL A 851 27.97 50.37 4.84
CA VAL A 851 26.67 49.78 5.15
C VAL A 851 25.59 50.85 5.07
N LYS A 852 24.35 50.40 4.81
CA LYS A 852 23.19 51.28 4.77
C LYS A 852 22.00 50.60 5.45
N ALA A 853 21.03 51.41 5.86
CA ALA A 853 19.83 50.94 6.55
C ALA A 853 18.62 51.01 5.62
N ILE A 854 17.70 50.07 5.81
CA ILE A 854 16.63 49.79 4.85
C ILE A 854 15.36 49.43 5.61
N PRO A 855 14.22 49.94 5.17
CA PRO A 855 12.93 49.57 5.79
C PRO A 855 12.59 48.11 5.51
N PRO A 856 11.78 47.48 6.36
CA PRO A 856 11.55 46.04 6.25
C PRO A 856 10.73 45.67 5.03
N ILE A 857 10.64 44.36 4.79
CA ILE A 857 10.02 43.79 3.60
C ILE A 857 8.73 43.08 4.00
N ARG A 858 7.83 42.92 3.03
CA ARG A 858 6.51 42.39 3.30
C ARG A 858 6.54 40.86 3.34
N PRO A 859 5.97 40.24 4.38
CA PRO A 859 5.93 38.78 4.48
C PRO A 859 5.08 38.14 3.39
N PRO A 860 5.15 36.82 3.18
CA PRO A 860 4.53 36.24 1.99
C PRO A 860 3.01 36.23 2.06
N ASP A 861 2.41 36.03 0.89
CA ASP A 861 0.98 36.22 0.71
C ASP A 861 0.20 34.93 0.52
N LEU A 862 0.84 33.82 0.16
CA LEU A 862 0.13 32.61 -0.23
C LEU A 862 0.88 31.37 0.24
N ILE A 863 0.13 30.41 0.77
CA ILE A 863 0.66 29.11 1.16
C ILE A 863 -0.10 28.05 0.38
N ILE A 864 0.62 27.10 -0.20
CA ILE A 864 0.04 26.05 -1.02
C ILE A 864 0.49 24.70 -0.51
N GLN A 865 -0.47 23.79 -0.32
CA GLN A 865 -0.21 22.45 0.19
C GLN A 865 -0.74 21.41 -0.79
N ASP A 866 0.07 20.41 -1.09
CA ASP A 866 -0.31 19.35 -2.01
C ASP A 866 -0.24 18.01 -1.29
N GLU A 867 -1.05 17.07 -1.76
CA GLU A 867 -1.26 15.76 -1.13
C GLU A 867 -1.65 15.93 0.33
N PHE A 868 -2.73 16.67 0.56
CA PHE A 868 -3.16 17.05 1.90
C PHE A 868 -3.81 15.89 2.64
N HIS A 869 -4.17 14.80 1.95
CA HIS A 869 -4.77 13.65 2.61
C HIS A 869 -3.75 12.84 3.39
N LEU A 870 -2.46 12.99 3.08
CA LEU A 870 -1.42 12.33 3.86
C LEU A 870 -1.08 13.09 5.12
N ILE A 871 -1.65 14.28 5.31
CA ILE A 871 -1.42 15.03 6.54
C ILE A 871 -2.43 14.52 7.57
N SER A 872 -2.08 13.40 8.21
CA SER A 872 -2.96 12.77 9.18
C SER A 872 -2.11 11.87 10.06
N GLY A 873 -2.65 11.54 11.22
CA GLY A 873 -1.90 10.77 12.17
C GLY A 873 -0.83 11.60 12.85
N PRO A 874 0.27 10.96 13.23
CA PRO A 874 1.35 11.68 13.94
C PRO A 874 2.00 12.76 13.11
N LEU A 875 2.14 12.52 11.80
CA LEU A 875 2.70 13.56 10.93
C LEU A 875 1.79 14.78 10.89
N GLY A 876 0.48 14.56 10.80
CA GLY A 876 -0.46 15.67 10.81
C GLY A 876 -0.44 16.43 12.11
N THR A 877 -0.33 15.71 13.24
CA THR A 877 -0.28 16.39 14.53
C THR A 877 0.98 17.24 14.66
N MET A 878 2.12 16.70 14.21
CA MET A 878 3.38 17.43 14.31
C MET A 878 3.43 18.62 13.37
N VAL A 879 2.80 18.52 12.19
CA VAL A 879 2.65 19.69 11.32
C VAL A 879 1.77 20.72 12.00
N GLY A 880 0.68 20.28 12.63
CA GLY A 880 -0.27 21.21 13.20
C GLY A 880 0.28 22.00 14.37
N LEU A 881 1.14 21.38 15.18
CA LEU A 881 1.67 22.14 16.31
C LEU A 881 2.72 23.16 15.88
N TYR A 882 3.48 22.89 14.83
CA TYR A 882 4.49 23.85 14.38
C TYR A 882 3.90 24.92 13.49
N GLU A 883 2.63 24.81 13.11
CA GLU A 883 1.98 25.79 12.26
C GLU A 883 1.50 27.00 13.04
N THR A 884 1.59 26.97 14.37
CA THR A 884 1.34 28.17 15.16
C THR A 884 2.33 29.26 14.82
N ALA A 885 3.59 28.88 14.64
CA ALA A 885 4.64 29.85 14.34
C ALA A 885 4.56 30.38 12.92
N VAL A 886 4.23 29.51 11.96
CA VAL A 886 4.20 29.94 10.56
C VAL A 886 3.07 30.92 10.31
N ASP A 887 1.93 30.73 10.96
CA ASP A 887 0.82 31.69 10.84
C ASP A 887 1.14 33.00 11.54
N GLU A 888 1.89 32.95 12.64
CA GLU A 888 2.21 34.16 13.38
C GLU A 888 3.26 35.02 12.68
N LEU A 889 4.30 34.39 12.12
CA LEU A 889 5.41 35.14 11.56
C LEU A 889 5.08 35.81 10.24
N CYS A 890 4.06 35.34 9.53
CA CYS A 890 3.70 35.89 8.24
C CYS A 890 2.64 36.99 8.30
N SER A 891 2.57 37.72 9.42
CA SER A 891 1.51 38.70 9.66
C SER A 891 2.09 40.11 9.77
N TRP A 892 1.21 41.10 9.58
CA TRP A 892 1.60 42.51 9.58
C TRP A 892 0.36 43.36 9.81
N THR A 893 0.56 44.68 9.85
CA THR A 893 -0.50 45.64 10.15
C THR A 893 -0.75 46.57 8.98
N LEU A 894 -1.98 47.05 8.87
CA LEU A 894 -2.37 47.99 7.82
C LEU A 894 -3.62 48.72 8.31
N ASN A 895 -3.45 50.00 8.67
CA ASN A 895 -4.52 50.85 9.20
C ASN A 895 -5.15 50.24 10.46
N GLY A 896 -4.33 49.65 11.32
CA GLY A 896 -4.83 49.06 12.55
C GLY A 896 -5.21 47.60 12.43
N LYS A 897 -5.74 47.21 11.27
CA LYS A 897 -6.11 45.83 11.04
C LYS A 897 -4.87 44.96 10.90
N THR A 898 -5.06 43.65 11.03
CA THR A 898 -3.98 42.67 10.94
C THR A 898 -4.21 41.77 9.74
N VAL A 899 -3.22 41.67 8.86
CA VAL A 899 -3.35 40.95 7.61
C VAL A 899 -2.69 39.57 7.77
N LYS A 900 -3.37 38.55 7.25
CA LYS A 900 -2.94 37.17 7.37
C LYS A 900 -2.95 36.55 5.98
N PRO A 901 -2.12 35.53 5.73
CA PRO A 901 -1.96 35.03 4.37
C PRO A 901 -3.11 34.11 3.93
N LYS A 902 -3.11 33.84 2.63
CA LYS A 902 -4.11 33.01 2.00
C LYS A 902 -3.60 31.58 1.86
N ILE A 903 -4.48 30.61 2.10
CA ILE A 903 -4.10 29.20 2.15
C ILE A 903 -4.95 28.41 1.15
N ILE A 904 -4.28 27.58 0.34
CA ILE A 904 -4.92 26.72 -0.65
C ILE A 904 -4.36 25.31 -0.50
N ALA A 905 -5.24 24.30 -0.52
CA ALA A 905 -4.84 22.91 -0.45
C ALA A 905 -5.49 22.13 -1.58
N SER A 906 -4.98 20.92 -1.82
CA SER A 906 -5.53 20.06 -2.86
C SER A 906 -5.44 18.60 -2.41
N THR A 907 -6.52 17.85 -2.66
CA THR A 907 -6.61 16.46 -2.26
C THR A 907 -7.13 15.63 -3.42
N ALA A 908 -7.09 14.31 -3.23
CA ALA A 908 -7.73 13.36 -4.13
C ALA A 908 -9.01 12.80 -3.56
N THR A 909 -9.04 12.53 -2.26
CA THR A 909 -10.25 12.05 -1.58
C THR A 909 -10.53 12.94 -0.38
N VAL A 910 -11.77 13.38 -0.26
CA VAL A 910 -12.23 14.21 0.84
C VAL A 910 -13.01 13.34 1.82
N ARG A 911 -12.69 13.47 3.12
CA ARG A 911 -13.37 12.73 4.17
C ARG A 911 -13.09 13.43 5.49
N LYS A 912 -14.13 13.94 6.14
CA LYS A 912 -14.03 14.71 7.38
C LYS A 912 -13.07 15.88 7.23
N ALA A 913 -13.24 16.63 6.14
CA ALA A 913 -12.31 17.72 5.83
C ALA A 913 -12.45 18.88 6.79
N LYS A 914 -13.64 19.08 7.34
CA LYS A 914 -13.92 20.25 8.18
C LYS A 914 -13.06 20.26 9.43
N GLU A 915 -13.05 19.15 10.17
CA GLU A 915 -12.27 19.07 11.39
C GLU A 915 -10.78 19.06 11.08
N GLN A 916 -10.38 18.47 9.95
CA GLN A 916 -8.97 18.43 9.57
C GLN A 916 -8.45 19.84 9.29
N VAL A 917 -9.21 20.63 8.52
CA VAL A 917 -8.78 21.98 8.19
C VAL A 917 -8.80 22.86 9.42
N ASN A 918 -9.81 22.71 10.28
CA ASN A 918 -9.87 23.53 11.48
C ASN A 918 -8.75 23.18 12.45
N ASN A 919 -8.32 21.92 12.48
CA ASN A 919 -7.26 21.53 13.40
C ASN A 919 -5.89 21.90 12.87
N VAL A 920 -5.68 21.81 11.56
CA VAL A 920 -4.38 22.09 10.99
C VAL A 920 -4.19 23.59 10.79
N PHE A 921 -5.07 24.21 10.00
CA PHE A 921 -4.88 25.59 9.59
C PHE A 921 -5.67 26.60 10.41
N MET A 922 -6.71 26.15 11.13
CA MET A 922 -7.66 26.98 11.87
C MET A 922 -8.32 27.99 10.93
N ARG A 923 -9.15 27.45 10.04
CA ARG A 923 -9.94 28.22 9.11
C ARG A 923 -11.30 27.54 8.95
N GLN A 924 -12.14 28.13 8.11
CA GLN A 924 -13.29 27.41 7.57
C GLN A 924 -12.85 26.62 6.35
N VAL A 925 -13.80 26.09 5.60
CA VAL A 925 -13.47 25.26 4.44
C VAL A 925 -14.37 25.69 3.30
N SER A 926 -13.92 25.46 2.06
CA SER A 926 -14.73 25.69 0.87
C SER A 926 -14.30 24.71 -0.21
N VAL A 927 -15.00 23.58 -0.29
CA VAL A 927 -14.68 22.55 -1.25
C VAL A 927 -15.25 22.95 -2.60
N PHE A 928 -14.39 22.98 -3.62
CA PHE A 928 -14.79 23.32 -4.97
C PHE A 928 -14.31 22.20 -5.88
N PRO A 929 -15.13 21.72 -6.83
CA PRO A 929 -16.54 21.99 -7.13
C PRO A 929 -17.48 21.27 -6.17
N PRO A 930 -18.72 21.72 -6.05
CA PRO A 930 -19.67 21.13 -5.09
C PRO A 930 -20.21 19.77 -5.55
N HIS A 931 -21.15 19.24 -4.76
CA HIS A 931 -21.63 17.87 -4.94
C HIS A 931 -22.53 17.75 -6.17
N GLY A 932 -23.68 18.40 -6.14
CA GLY A 932 -24.77 18.03 -7.03
C GLY A 932 -25.64 16.96 -6.41
N LEU A 933 -26.70 16.59 -7.13
CA LEU A 933 -27.63 15.57 -6.65
C LEU A 933 -27.27 14.17 -7.13
N ASP A 934 -26.25 14.02 -7.96
CA ASP A 934 -25.88 12.74 -8.54
C ASP A 934 -24.36 12.66 -8.63
N VAL A 935 -23.83 11.44 -8.58
CA VAL A 935 -22.39 11.25 -8.71
C VAL A 935 -21.96 11.36 -10.16
N GLU A 936 -22.91 11.34 -11.10
CA GLU A 936 -22.61 11.21 -12.52
C GLU A 936 -22.65 12.52 -13.28
N ASP A 937 -23.41 13.51 -12.82
CA ASP A 937 -23.70 14.68 -13.65
C ASP A 937 -23.59 15.98 -12.88
N ASN A 938 -22.50 16.20 -12.14
CA ASN A 938 -22.27 17.56 -11.66
C ASN A 938 -21.75 18.42 -12.81
N PHE A 939 -21.59 19.72 -12.56
CA PHE A 939 -21.52 20.66 -13.68
C PHE A 939 -20.21 20.53 -14.45
N PHE A 940 -19.11 20.31 -13.75
CA PHE A 940 -17.80 20.34 -14.37
C PHE A 940 -17.26 18.96 -14.73
N SER A 941 -17.90 17.88 -14.30
CA SER A 941 -17.43 16.54 -14.61
C SER A 941 -18.59 15.69 -15.09
N VAL A 942 -18.31 14.80 -16.03
CA VAL A 942 -19.32 13.88 -16.56
C VAL A 942 -18.73 12.47 -16.53
N GLN A 943 -19.41 11.56 -15.83
CA GLN A 943 -18.99 10.17 -15.72
C GLN A 943 -19.65 9.40 -16.85
N ARG A 944 -18.87 9.09 -17.89
CA ARG A 944 -19.39 8.60 -19.15
C ARG A 944 -19.93 7.17 -19.02
N HIS A 945 -20.42 6.64 -20.13
CA HIS A 945 -21.11 5.36 -20.14
C HIS A 945 -20.29 4.32 -20.89
N ILE A 946 -20.38 3.06 -20.44
CA ILE A 946 -19.60 1.95 -21.00
C ILE A 946 -19.97 1.66 -22.45
N LYS A 947 -21.22 1.91 -22.83
CA LYS A 947 -21.65 1.68 -24.21
C LYS A 947 -20.98 2.62 -25.21
N ASP A 948 -20.39 3.73 -24.75
CA ASP A 948 -19.84 4.72 -25.66
C ASP A 948 -18.38 5.03 -25.42
N LYS A 949 -17.82 4.71 -24.26
CA LYS A 949 -16.38 4.78 -24.04
C LYS A 949 -15.98 3.71 -23.05
N PHE A 950 -14.83 3.07 -23.28
CA PHE A 950 -14.42 1.94 -22.47
C PHE A 950 -14.00 2.38 -21.07
N GLY A 951 -13.79 1.41 -20.19
CA GLY A 951 -13.48 1.67 -18.81
C GLY A 951 -12.24 0.92 -18.38
N ARG A 952 -12.14 0.69 -17.07
CA ARG A 952 -10.95 0.07 -16.49
C ARG A 952 -11.39 -1.17 -15.70
N ARG A 953 -11.18 -2.35 -16.28
CA ARG A 953 -11.65 -3.59 -15.66
C ARG A 953 -10.73 -4.03 -14.55
N TYR A 954 -11.32 -4.62 -13.52
CA TYR A 954 -10.59 -5.18 -12.41
C TYR A 954 -10.89 -6.67 -12.34
N LEU A 955 -10.03 -7.40 -11.64
CA LEU A 955 -10.12 -8.85 -11.54
C LEU A 955 -9.42 -9.25 -10.26
N GLY A 956 -9.86 -10.34 -9.65
CA GLY A 956 -9.39 -10.70 -8.33
C GLY A 956 -9.10 -12.17 -8.23
N VAL A 957 -8.09 -12.49 -7.41
CA VAL A 957 -7.60 -13.86 -7.27
C VAL A 957 -7.31 -14.11 -5.79
N CYS A 958 -7.97 -15.11 -5.20
CA CYS A 958 -7.70 -15.49 -3.83
C CYS A 958 -7.62 -17.00 -3.73
N SER A 959 -6.61 -17.51 -3.03
CA SER A 959 -6.33 -18.93 -3.02
C SER A 959 -5.57 -19.34 -1.76
N PRO A 960 -6.10 -20.28 -0.98
CA PRO A 960 -5.38 -20.79 0.18
C PRO A 960 -4.46 -21.95 -0.20
N GLY A 961 -3.67 -22.37 0.78
CA GLY A 961 -2.78 -23.50 0.58
C GLY A 961 -1.42 -23.11 0.03
N SER A 962 -1.40 -22.43 -1.11
CA SER A 962 -0.15 -22.05 -1.76
C SER A 962 0.54 -20.95 -0.98
N SER A 963 1.86 -20.86 -1.15
CA SER A 963 2.65 -19.77 -0.60
C SER A 963 2.55 -18.56 -1.50
N ARG A 964 2.95 -17.41 -0.96
CA ARG A 964 2.96 -16.18 -1.74
C ARG A 964 3.91 -16.24 -2.96
N PRO A 965 5.14 -16.79 -2.87
CA PRO A 965 5.93 -16.97 -4.10
C PRO A 965 5.28 -17.83 -5.17
N ALA A 966 4.59 -18.91 -4.79
CA ALA A 966 4.00 -19.80 -5.79
C ALA A 966 2.89 -19.10 -6.55
N MET A 967 2.04 -18.36 -5.84
CA MET A 967 0.98 -17.60 -6.49
C MET A 967 1.54 -16.53 -7.40
N LEU A 968 2.59 -15.83 -6.94
CA LEU A 968 3.19 -14.78 -7.75
C LEU A 968 3.80 -15.34 -9.03
N ILE A 969 4.52 -16.46 -8.91
CA ILE A 969 5.16 -17.08 -10.07
C ILE A 969 4.11 -17.51 -11.08
N ARG A 970 3.03 -18.13 -10.61
CA ARG A 970 2.01 -18.66 -11.51
C ARG A 970 1.27 -17.55 -12.24
N VAL A 971 0.89 -16.49 -11.53
CA VAL A 971 0.16 -15.39 -12.17
C VAL A 971 1.05 -14.69 -13.19
N TYR A 972 2.31 -14.42 -12.82
CA TYR A 972 3.23 -13.74 -13.73
C TYR A 972 3.45 -14.55 -14.99
N THR A 973 3.67 -15.86 -14.84
CA THR A 973 3.90 -16.71 -16.00
C THR A 973 2.69 -16.77 -16.91
N ALA A 974 1.49 -16.85 -16.32
CA ALA A 974 0.28 -16.92 -17.13
C ALA A 974 0.08 -15.66 -17.96
N PHE A 975 0.26 -14.49 -17.35
CA PHE A 975 0.10 -13.25 -18.10
C PHE A 975 1.16 -13.10 -19.18
N LEU A 976 2.42 -13.40 -18.85
CA LEU A 976 3.52 -13.22 -19.79
C LEU A 976 3.37 -14.11 -21.01
N THR A 977 2.96 -15.37 -20.81
CA THR A 977 2.83 -16.30 -21.93
C THR A 977 1.52 -16.17 -22.68
N ALA A 978 0.46 -15.64 -22.07
CA ALA A 978 -0.75 -15.40 -22.85
C ALA A 978 -0.61 -14.17 -23.73
N ALA A 979 0.09 -13.15 -23.24
CA ALA A 979 0.33 -11.95 -24.04
C ALA A 979 1.11 -12.27 -25.31
N GLN A 980 2.06 -13.20 -25.21
CA GLN A 980 2.86 -13.58 -26.35
C GLN A 980 2.01 -14.26 -27.43
N GLU A 981 1.09 -15.13 -27.01
CA GLU A 981 0.18 -15.78 -27.94
C GLU A 981 -0.68 -14.76 -28.66
N LEU A 982 -1.16 -13.76 -27.92
CA LEU A 982 -1.92 -12.70 -28.58
C LEU A 982 -1.05 -11.93 -29.56
N PHE A 983 0.23 -11.72 -29.21
CA PHE A 983 1.16 -11.01 -30.11
C PHE A 983 1.37 -11.78 -31.40
N ASP A 984 1.49 -13.10 -31.32
CA ASP A 984 1.89 -13.91 -32.47
C ASP A 984 0.86 -13.89 -33.60
N HIS A 985 -0.41 -13.65 -33.30
CA HIS A 985 -1.46 -13.68 -34.32
C HIS A 985 -1.92 -12.31 -34.79
N PHE A 986 -1.92 -11.30 -33.92
CA PHE A 986 -2.52 -10.03 -34.27
C PHE A 986 -1.53 -8.93 -34.63
N GLY A 987 -0.39 -8.87 -33.95
CA GLY A 987 0.66 -7.94 -34.34
C GLY A 987 0.82 -6.80 -33.36
N GLU A 988 0.91 -5.58 -33.88
CA GLU A 988 1.16 -4.39 -33.08
C GLU A 988 0.05 -3.90 -32.15
N PRO A 989 -1.27 -4.19 -32.34
CA PRO A 989 -2.23 -3.73 -31.33
C PRO A 989 -2.07 -4.38 -29.97
N ALA A 990 -1.36 -5.50 -29.86
CA ALA A 990 -1.15 -6.14 -28.58
C ALA A 990 -0.04 -5.48 -27.77
N ASP A 991 0.59 -4.45 -28.32
CA ASP A 991 1.68 -3.74 -27.66
C ASP A 991 1.38 -3.22 -26.25
N PRO A 992 0.19 -2.69 -25.91
CA PRO A 992 -0.02 -2.27 -24.52
C PRO A 992 0.12 -3.38 -23.50
N TYR A 993 -0.15 -4.61 -23.87
CA TYR A 993 -0.19 -5.72 -22.93
C TYR A 993 1.05 -6.60 -22.99
N MET A 994 2.15 -6.12 -23.57
CA MET A 994 3.38 -6.90 -23.63
C MET A 994 4.37 -6.56 -22.55
N THR A 995 4.19 -5.45 -21.84
CA THR A 995 5.06 -5.08 -20.74
C THR A 995 4.23 -5.00 -19.47
N MET A 996 4.70 -5.67 -18.42
CA MET A 996 3.92 -5.91 -17.21
C MET A 996 4.45 -5.05 -16.09
N VAL A 997 3.57 -4.35 -15.40
CA VAL A 997 3.95 -3.51 -14.27
C VAL A 997 3.55 -4.21 -12.99
N GLY A 998 4.45 -4.25 -12.03
CA GLY A 998 4.17 -4.91 -10.78
C GLY A 998 4.31 -3.96 -9.62
N TYR A 999 3.21 -3.64 -8.95
CA TYR A 999 3.21 -2.62 -7.92
C TYR A 999 3.27 -3.27 -6.55
N PHE A 1000 4.10 -2.72 -5.68
CA PHE A 1000 4.40 -3.31 -4.39
C PHE A 1000 4.10 -2.31 -3.28
N ASN A 1001 4.16 -2.78 -2.04
CA ASN A 1001 3.84 -1.97 -0.88
C ASN A 1001 5.01 -1.74 0.06
N SER A 1002 6.12 -2.45 -0.14
CA SER A 1002 7.26 -2.30 0.75
C SER A 1002 8.53 -2.69 0.01
N LEU A 1003 9.66 -2.25 0.55
CA LEU A 1003 10.93 -2.51 -0.10
C LEU A 1003 11.40 -3.94 0.10
N ARG A 1004 11.10 -4.52 1.27
CA ARG A 1004 11.55 -5.87 1.57
C ARG A 1004 10.91 -6.90 0.66
N GLU A 1005 9.61 -6.77 0.40
CA GLU A 1005 8.91 -7.69 -0.48
C GLU A 1005 9.33 -7.54 -1.93
N LEU A 1006 9.63 -6.31 -2.36
CA LEU A 1006 10.19 -6.11 -3.69
C LEU A 1006 11.56 -6.74 -3.82
N GLY A 1007 12.38 -6.63 -2.77
CA GLY A 1007 13.67 -7.30 -2.78
C GLY A 1007 13.56 -8.80 -2.83
N GLY A 1008 12.56 -9.35 -2.13
CA GLY A 1008 12.32 -10.79 -2.21
C GLY A 1008 11.88 -11.24 -3.58
N MET A 1009 10.99 -10.48 -4.21
CA MET A 1009 10.50 -10.88 -5.53
C MET A 1009 11.55 -10.66 -6.61
N LYS A 1010 12.49 -9.75 -6.38
CA LYS A 1010 13.52 -9.45 -7.38
C LYS A 1010 14.39 -10.66 -7.68
N ARG A 1011 14.73 -11.44 -6.65
CA ARG A 1011 15.50 -12.66 -6.86
C ARG A 1011 14.72 -13.68 -7.69
N LEU A 1012 13.42 -13.82 -7.41
CA LEU A 1012 12.62 -14.81 -8.12
C LEU A 1012 12.32 -14.39 -9.54
N ALA A 1013 12.45 -13.08 -9.84
CA ALA A 1013 12.03 -12.59 -11.14
C ALA A 1013 12.93 -13.08 -12.26
N GLU A 1014 14.24 -13.02 -12.05
CA GLU A 1014 15.21 -13.33 -13.11
C GLU A 1014 15.69 -14.77 -13.10
N ASP A 1015 15.29 -15.58 -12.11
CA ASP A 1015 15.70 -16.97 -12.02
C ASP A 1015 14.60 -17.93 -12.48
N ASP A 1016 13.43 -17.86 -11.85
CA ASP A 1016 12.41 -18.89 -11.98
C ASP A 1016 11.42 -18.61 -13.10
N VAL A 1017 11.02 -17.35 -13.28
CA VAL A 1017 9.96 -17.03 -14.23
C VAL A 1017 10.43 -17.27 -15.66
N GLN A 1018 11.70 -16.97 -15.94
CA GLN A 1018 12.25 -17.21 -17.26
C GLN A 1018 12.31 -18.70 -17.58
N THR A 1019 12.72 -19.50 -16.60
CA THR A 1019 12.78 -20.95 -16.79
C THR A 1019 11.39 -21.53 -17.00
N ARG A 1020 10.44 -21.11 -16.17
CA ARG A 1020 9.08 -21.64 -16.25
C ARG A 1020 8.36 -21.14 -17.49
N SER A 1021 8.80 -20.01 -18.05
CA SER A 1021 8.19 -19.49 -19.25
C SER A 1021 8.83 -20.06 -20.51
N TYR A 1022 10.08 -20.49 -20.43
CA TYR A 1022 10.72 -21.10 -21.59
C TYR A 1022 10.15 -22.49 -21.85
N ARG A 1023 10.00 -23.30 -20.79
CA ARG A 1023 9.56 -24.67 -20.90
C ARG A 1023 8.05 -24.83 -20.78
N VAL A 1024 7.28 -23.83 -21.23
CA VAL A 1024 5.84 -23.83 -21.01
C VAL A 1024 5.12 -24.82 -21.89
N GLN A 1025 5.72 -25.28 -22.97
CA GLN A 1025 5.05 -26.23 -23.83
C GLN A 1025 5.93 -27.46 -24.06
N MET A 1026 6.53 -27.98 -22.99
CA MET A 1026 7.50 -29.06 -23.10
C MET A 1026 7.10 -30.31 -22.34
N SER A 1027 5.83 -30.44 -21.97
CA SER A 1027 5.36 -31.65 -21.32
C SER A 1027 4.13 -32.16 -22.07
N MET A 1028 3.52 -33.21 -21.53
CA MET A 1028 2.37 -33.83 -22.17
C MET A 1028 1.05 -33.25 -21.66
N VAL A 1029 1.09 -32.50 -20.56
CA VAL A 1029 -0.08 -31.75 -20.11
C VAL A 1029 -0.46 -30.71 -21.17
N GLU A 1030 -1.77 -30.55 -21.38
CA GLU A 1030 -2.29 -29.70 -22.44
C GLU A 1030 -2.65 -28.33 -21.88
N ARG A 1031 -2.05 -27.28 -22.43
CA ARG A 1031 -2.35 -25.90 -22.06
C ARG A 1031 -2.73 -25.14 -23.34
N PRO A 1032 -4.00 -24.73 -23.47
CA PRO A 1032 -4.48 -24.32 -24.79
C PRO A 1032 -4.07 -22.93 -25.22
N ALA A 1033 -3.90 -22.00 -24.28
CA ALA A 1033 -3.78 -20.60 -24.66
C ALA A 1033 -2.36 -20.04 -24.53
N LEU A 1034 -1.51 -20.62 -23.69
CA LEU A 1034 -0.19 -20.06 -23.48
C LEU A 1034 0.74 -20.39 -24.65
N ALA A 1035 1.87 -19.69 -24.72
CA ALA A 1035 2.79 -19.81 -25.85
C ALA A 1035 4.22 -19.56 -25.41
N GLN A 1036 5.14 -19.74 -26.36
CA GLN A 1036 6.58 -19.73 -26.11
C GLN A 1036 7.10 -18.30 -26.05
N ARG A 1037 7.74 -17.93 -24.93
CA ARG A 1037 8.24 -16.57 -24.74
C ARG A 1037 9.64 -16.60 -24.15
N SER A 1038 10.49 -15.68 -24.61
CA SER A 1038 11.84 -15.49 -24.09
C SER A 1038 11.92 -14.17 -23.32
N VAL A 1039 12.33 -14.23 -22.07
CA VAL A 1039 12.40 -13.06 -21.19
C VAL A 1039 13.87 -12.66 -21.08
N ASN A 1040 14.15 -11.37 -21.26
CA ASN A 1040 15.53 -10.89 -21.29
C ASN A 1040 15.81 -9.64 -20.47
N ASN A 1041 14.81 -8.83 -20.13
CA ASN A 1041 15.06 -7.47 -19.65
C ASN A 1041 14.18 -7.15 -18.46
N ILE A 1042 14.78 -6.65 -17.38
CA ILE A 1042 14.08 -6.32 -16.14
C ILE A 1042 14.68 -5.04 -15.57
N ARG A 1043 13.82 -4.08 -15.22
CA ARG A 1043 14.24 -2.82 -14.62
C ARG A 1043 13.55 -2.68 -13.27
N GLU A 1044 13.68 -1.50 -12.66
CA GLU A 1044 13.16 -1.26 -11.32
C GLU A 1044 13.14 0.23 -11.04
N LEU A 1045 11.99 0.74 -10.59
CA LEU A 1045 11.82 2.16 -10.29
C LEU A 1045 11.53 2.30 -8.80
N THR A 1046 12.48 2.84 -8.05
CA THR A 1046 12.35 2.97 -6.61
C THR A 1046 13.29 4.07 -6.14
N SER A 1047 13.28 4.33 -4.83
CA SER A 1047 14.10 5.39 -4.28
C SER A 1047 15.58 5.04 -4.27
N ARG A 1048 15.93 3.77 -4.46
CA ARG A 1048 17.32 3.37 -4.50
C ARG A 1048 17.95 3.55 -5.87
N VAL A 1049 17.20 3.98 -6.86
CA VAL A 1049 17.78 4.29 -8.16
C VAL A 1049 18.37 5.69 -8.12
N SER A 1050 19.57 5.86 -8.66
CA SER A 1050 20.25 7.15 -8.61
C SER A 1050 19.54 8.18 -9.48
N SER A 1051 19.64 9.44 -9.07
CA SER A 1051 18.81 10.49 -9.66
C SER A 1051 19.27 10.85 -11.07
N GLN A 1052 20.54 10.58 -11.38
CA GLN A 1052 21.02 10.81 -12.74
C GLN A 1052 20.43 9.80 -13.72
N ASP A 1053 20.20 8.57 -13.26
CA ASP A 1053 19.76 7.49 -14.13
C ASP A 1053 18.24 7.41 -14.31
N ILE A 1054 17.48 8.12 -13.47
CA ILE A 1054 16.01 8.00 -13.52
C ILE A 1054 15.41 8.45 -14.86
N PRO A 1055 15.75 9.63 -15.42
CA PRO A 1055 15.13 10.00 -16.71
C PRO A 1055 15.51 9.09 -17.86
N LYS A 1056 16.65 8.40 -17.77
CA LYS A 1056 16.99 7.43 -18.80
C LYS A 1056 16.06 6.23 -18.76
N TYR A 1057 15.67 5.78 -17.56
CA TYR A 1057 14.72 4.68 -17.46
C TYR A 1057 13.32 5.11 -17.87
N LEU A 1058 12.91 6.33 -17.48
CA LEU A 1058 11.61 6.82 -17.91
C LEU A 1058 11.55 7.04 -19.41
N ASP A 1059 12.66 7.41 -20.04
CA ASP A 1059 12.66 7.60 -21.48
C ASP A 1059 12.84 6.30 -22.25
N ASN A 1060 13.17 5.20 -21.56
CA ASN A 1060 13.29 3.91 -22.23
C ASN A 1060 11.95 3.21 -22.33
N LEU A 1061 10.99 3.58 -21.48
CA LEU A 1061 9.70 2.90 -21.43
C LEU A 1061 8.82 3.23 -22.63
N GLU A 1062 9.20 4.20 -23.46
CA GLU A 1062 8.34 4.61 -24.55
C GLU A 1062 8.66 3.93 -25.87
N VAL A 1063 9.61 3.00 -25.91
CA VAL A 1063 9.92 2.31 -27.16
C VAL A 1063 8.98 1.11 -27.29
N LYS A 1064 8.53 0.86 -28.51
CA LYS A 1064 7.58 -0.21 -28.74
C LYS A 1064 8.29 -1.49 -29.16
N PHE A 1065 7.61 -2.62 -28.95
CA PHE A 1065 8.07 -3.87 -29.52
C PHE A 1065 7.89 -3.81 -31.03
N LYS A 1066 8.88 -4.31 -31.75
CA LYS A 1066 8.90 -4.23 -33.21
C LYS A 1066 8.42 -5.54 -33.80
N ALA A 1067 7.65 -5.46 -34.88
CA ALA A 1067 7.02 -6.63 -35.47
C ALA A 1067 7.33 -6.74 -36.95
N GLU A 1068 7.35 -7.97 -37.45
CA GLU A 1068 7.60 -8.25 -38.86
C GLU A 1068 6.91 -9.57 -39.20
N PHE A 1069 6.35 -9.65 -40.41
CA PHE A 1069 5.52 -10.77 -40.81
C PHE A 1069 6.34 -11.78 -41.62
N ASP A 1070 6.37 -13.02 -41.16
CA ASP A 1070 7.09 -14.11 -41.82
C ASP A 1070 6.08 -15.10 -42.39
N SER A 1071 6.10 -15.29 -43.71
CA SER A 1071 5.15 -16.20 -44.34
C SER A 1071 5.55 -17.66 -44.21
N SER A 1072 6.80 -17.95 -43.82
CA SER A 1072 7.21 -19.33 -43.62
C SER A 1072 6.54 -19.92 -42.39
N ALA A 1073 6.59 -19.20 -41.26
CA ALA A 1073 5.92 -19.65 -40.05
C ALA A 1073 4.45 -19.25 -40.02
N GLY A 1074 4.06 -18.22 -40.75
CA GLY A 1074 2.69 -17.77 -40.77
C GLY A 1074 2.29 -16.87 -39.62
N LYS A 1075 3.25 -16.22 -38.98
CA LYS A 1075 2.97 -15.40 -37.80
C LYS A 1075 3.89 -14.19 -37.81
N TYR A 1076 3.92 -13.47 -36.70
CA TYR A 1076 4.78 -12.31 -36.51
C TYR A 1076 5.93 -12.67 -35.58
N VAL A 1077 7.06 -11.97 -35.75
CA VAL A 1077 8.26 -12.27 -34.98
C VAL A 1077 9.08 -10.99 -34.85
N THR A 1078 9.84 -10.89 -33.77
CA THR A 1078 10.68 -9.73 -33.49
C THR A 1078 12.12 -10.02 -33.86
N LYS A 1079 12.86 -8.96 -34.17
CA LYS A 1079 14.28 -9.06 -34.47
C LYS A 1079 14.94 -7.70 -34.25
N TRP A 1080 16.02 -7.69 -33.48
CA TRP A 1080 16.66 -6.47 -33.04
C TRP A 1080 18.02 -6.30 -33.71
N GLN A 1081 18.20 -5.19 -34.41
CA GLN A 1081 19.42 -4.95 -35.16
C GLN A 1081 20.56 -4.51 -34.22
N GLU A 1082 21.74 -4.37 -34.81
CA GLU A 1082 22.93 -4.05 -34.03
C GLU A 1082 22.89 -2.60 -33.57
N GLY A 1083 23.24 -2.39 -32.31
CA GLY A 1083 23.25 -1.05 -31.75
C GLY A 1083 21.89 -0.44 -31.51
N ASP A 1084 20.86 -1.26 -31.32
CA ASP A 1084 19.50 -0.78 -31.12
C ASP A 1084 19.04 -1.07 -29.70
N THR A 1085 18.14 -0.22 -29.20
CA THR A 1085 17.62 -0.36 -27.86
C THR A 1085 16.54 -1.45 -27.80
N ARG A 1086 16.48 -2.13 -26.66
CA ARG A 1086 15.53 -3.22 -26.44
C ARG A 1086 14.39 -2.77 -25.54
N ALA A 1087 13.19 -3.26 -25.85
CA ALA A 1087 12.03 -2.96 -25.02
C ALA A 1087 12.08 -3.75 -23.73
N ILE A 1088 11.45 -3.20 -22.69
CA ILE A 1088 11.50 -3.76 -21.35
C ILE A 1088 10.35 -4.74 -21.17
N ASP A 1089 10.60 -5.82 -20.45
CA ASP A 1089 9.62 -6.88 -20.26
C ASP A 1089 8.88 -6.80 -18.93
N VAL A 1090 9.59 -6.71 -17.81
CA VAL A 1090 8.96 -6.64 -16.50
C VAL A 1090 9.53 -5.43 -15.77
N VAL A 1091 8.65 -4.60 -15.20
CA VAL A 1091 9.06 -3.41 -14.46
C VAL A 1091 8.42 -3.45 -13.08
N LEU A 1092 9.19 -3.09 -12.07
CA LEU A 1092 8.79 -3.23 -10.67
C LEU A 1092 8.89 -1.87 -9.99
N ALA A 1093 7.86 -1.50 -9.23
CA ALA A 1093 7.72 -0.13 -8.76
C ALA A 1093 7.14 -0.08 -7.37
N THR A 1094 7.77 0.64 -6.45
CA THR A 1094 7.17 0.84 -5.15
C THR A 1094 6.18 2.00 -5.19
N ASN A 1095 5.83 2.51 -4.01
CA ASN A 1095 4.96 3.66 -3.77
C ASN A 1095 5.17 4.79 -4.76
N MET A 1096 6.44 5.05 -5.09
CA MET A 1096 6.79 6.13 -5.99
C MET A 1096 6.66 5.66 -7.44
N LEU A 1097 5.39 5.54 -7.87
CA LEU A 1097 5.05 5.39 -9.28
C LEU A 1097 4.94 6.77 -9.93
N SER A 1098 6.08 7.46 -9.95
CA SER A 1098 6.16 8.85 -10.40
C SER A 1098 6.38 8.89 -11.92
N VAL A 1099 5.32 8.54 -12.63
CA VAL A 1099 5.38 8.56 -14.09
C VAL A 1099 5.41 10.02 -14.54
N GLY A 1100 6.36 10.35 -15.40
CA GLY A 1100 6.59 11.75 -15.74
C GLY A 1100 5.46 12.34 -16.57
N VAL A 1101 5.02 11.63 -17.60
CA VAL A 1101 3.98 12.08 -18.51
C VAL A 1101 2.90 11.02 -18.61
N ASP A 1102 1.92 11.28 -19.46
CA ASP A 1102 0.91 10.27 -19.76
C ASP A 1102 1.48 9.24 -20.72
N VAL A 1103 2.24 8.28 -20.18
CA VAL A 1103 2.91 7.29 -21.01
C VAL A 1103 1.88 6.36 -21.64
N ASN A 1104 1.85 6.34 -22.96
CA ASN A 1104 0.73 5.76 -23.67
C ASN A 1104 0.79 4.24 -23.75
N ARG A 1105 1.91 3.63 -23.37
CA ARG A 1105 2.07 2.20 -23.64
C ARG A 1105 1.50 1.34 -22.51
N LEU A 1106 1.73 1.72 -21.26
CA LEU A 1106 1.45 0.82 -20.15
C LEU A 1106 -0.05 0.58 -19.96
N GLY A 1107 -0.45 -0.70 -20.03
CA GLY A 1107 -1.85 -1.08 -19.95
C GLY A 1107 -2.15 -2.39 -19.23
N LEU A 1108 -1.32 -2.78 -18.26
CA LEU A 1108 -1.53 -4.01 -17.51
C LEU A 1108 -0.72 -3.91 -16.22
N MET A 1109 -1.39 -3.97 -15.08
CA MET A 1109 -0.75 -3.89 -13.79
C MET A 1109 -1.23 -5.04 -12.91
N ALA A 1110 -0.34 -5.56 -12.07
CA ALA A 1110 -0.66 -6.64 -11.15
C ALA A 1110 -0.31 -6.21 -9.74
N VAL A 1111 -1.30 -5.71 -9.01
CA VAL A 1111 -1.12 -5.26 -7.64
C VAL A 1111 -0.86 -6.48 -6.77
N ASN A 1112 0.07 -6.35 -5.84
CA ASN A 1112 0.50 -7.45 -4.98
C ASN A 1112 0.16 -7.10 -3.54
N GLY A 1113 -1.05 -7.45 -3.13
CA GLY A 1113 -1.46 -7.17 -1.76
C GLY A 1113 -2.29 -5.90 -1.67
N GLN A 1114 -3.25 -5.92 -0.75
CA GLN A 1114 -4.10 -4.77 -0.55
C GLN A 1114 -3.32 -3.68 0.20
N PRO A 1115 -3.30 -2.44 -0.29
CA PRO A 1115 -2.58 -1.39 0.41
C PRO A 1115 -3.28 -1.00 1.69
N LYS A 1116 -2.58 -0.23 2.51
CA LYS A 1116 -3.13 0.19 3.79
C LYS A 1116 -4.10 1.36 3.67
N GLY A 1117 -4.31 1.89 2.48
CA GLY A 1117 -5.22 3.01 2.31
C GLY A 1117 -5.98 2.92 1.00
N THR A 1118 -7.10 3.64 0.96
CA THR A 1118 -7.93 3.65 -0.24
C THR A 1118 -7.43 4.66 -1.26
N ALA A 1119 -6.95 5.81 -0.77
CA ALA A 1119 -6.41 6.84 -1.65
C ALA A 1119 -5.20 6.31 -2.40
N GLU A 1120 -4.34 5.56 -1.73
CA GLU A 1120 -3.18 4.94 -2.38
C GLU A 1120 -3.61 3.97 -3.45
N TYR A 1121 -4.65 3.18 -3.18
CA TYR A 1121 -5.14 2.19 -4.14
C TYR A 1121 -5.70 2.86 -5.37
N ILE A 1122 -6.40 3.98 -5.21
CA ILE A 1122 -6.95 4.68 -6.37
C ILE A 1122 -5.86 5.41 -7.13
N GLN A 1123 -4.87 5.98 -6.43
CA GLN A 1123 -3.80 6.69 -7.11
C GLN A 1123 -2.93 5.75 -7.93
N ALA A 1124 -2.54 4.61 -7.35
CA ALA A 1124 -1.61 3.71 -8.01
C ALA A 1124 -2.25 3.03 -9.22
N THR A 1125 -3.50 2.61 -9.08
CA THR A 1125 -4.11 1.80 -10.13
C THR A 1125 -4.65 2.62 -11.29
N SER A 1126 -4.64 3.95 -11.17
CA SER A 1126 -5.22 4.79 -12.21
C SER A 1126 -4.20 5.22 -13.26
N ARG A 1127 -2.92 4.91 -13.08
CA ARG A 1127 -1.92 5.31 -14.06
C ARG A 1127 -2.05 4.52 -15.36
N VAL A 1128 -2.33 3.22 -15.26
CA VAL A 1128 -2.38 2.38 -16.45
C VAL A 1128 -3.76 2.49 -17.07
N GLY A 1129 -3.80 2.49 -18.39
CA GLY A 1129 -5.06 2.46 -19.11
C GLY A 1129 -5.69 3.81 -19.34
N ARG A 1130 -4.95 4.75 -19.91
CA ARG A 1130 -5.44 6.10 -20.15
C ARG A 1130 -5.76 6.37 -21.62
N SER A 1131 -5.01 5.80 -22.55
CA SER A 1131 -5.29 5.95 -23.96
C SER A 1131 -5.76 4.66 -24.63
N PHE A 1132 -5.49 3.52 -24.00
CA PHE A 1132 -5.90 2.19 -24.42
C PHE A 1132 -6.52 1.50 -23.22
N PRO A 1133 -7.40 0.50 -23.43
CA PRO A 1133 -8.15 -0.08 -22.31
C PRO A 1133 -7.25 -0.76 -21.29
N GLY A 1134 -7.63 -0.62 -20.03
CA GLY A 1134 -6.81 -1.08 -18.94
C GLY A 1134 -7.32 -2.35 -18.30
N LEU A 1135 -6.47 -2.96 -17.47
CA LEU A 1135 -6.78 -4.24 -16.86
C LEU A 1135 -5.88 -4.45 -15.66
N VAL A 1136 -6.46 -4.49 -14.47
CA VAL A 1136 -5.73 -4.68 -13.24
C VAL A 1136 -6.15 -6.01 -12.63
N CYS A 1137 -5.20 -6.71 -11.99
CA CYS A 1137 -5.49 -7.95 -11.28
C CYS A 1137 -4.88 -7.88 -9.89
N THR A 1138 -5.72 -7.74 -8.87
CA THR A 1138 -5.27 -7.75 -7.50
C THR A 1138 -5.11 -9.18 -7.02
N VAL A 1139 -3.97 -9.47 -6.41
CA VAL A 1139 -3.68 -10.78 -5.86
C VAL A 1139 -3.79 -10.68 -4.34
N LEU A 1140 -4.76 -11.38 -3.77
CA LEU A 1140 -5.02 -11.36 -2.34
C LEU A 1140 -4.66 -12.69 -1.70
N THR A 1141 -4.30 -12.64 -0.42
CA THR A 1141 -3.94 -13.83 0.33
C THR A 1141 -4.99 -14.13 1.38
N TRP A 1142 -5.34 -15.41 1.51
CA TRP A 1142 -6.37 -15.83 2.44
C TRP A 1142 -5.98 -15.61 3.89
N ALA A 1143 -4.70 -15.54 4.20
CA ALA A 1143 -4.30 -15.54 5.60
C ALA A 1143 -4.38 -14.17 6.26
N ARG A 1144 -4.55 -13.10 5.48
CA ARG A 1144 -4.61 -11.80 6.12
C ARG A 1144 -6.06 -11.32 6.22
N PRO A 1145 -6.42 -10.69 7.34
CA PRO A 1145 -7.82 -10.30 7.55
C PRO A 1145 -8.33 -9.28 6.55
N ARG A 1146 -7.52 -8.25 6.25
CA ARG A 1146 -7.96 -7.18 5.35
C ARG A 1146 -8.18 -7.71 3.95
N ASP A 1147 -7.31 -8.60 3.48
CA ASP A 1147 -7.45 -9.18 2.15
C ASP A 1147 -8.71 -10.01 2.02
N LEU A 1148 -9.01 -10.81 3.03
CA LEU A 1148 -10.21 -11.66 2.97
C LEU A 1148 -11.47 -10.84 3.04
N SER A 1149 -11.46 -9.80 3.90
CA SER A 1149 -12.60 -8.89 4.02
C SER A 1149 -12.86 -8.16 2.73
N HIS A 1150 -11.81 -7.82 1.99
CA HIS A 1150 -12.02 -7.16 0.71
C HIS A 1150 -12.43 -8.15 -0.37
N TYR A 1151 -11.97 -9.41 -0.26
CA TYR A 1151 -12.34 -10.41 -1.27
C TYR A 1151 -13.82 -10.73 -1.21
N GLU A 1152 -14.37 -10.87 0.00
CA GLU A 1152 -15.78 -11.23 0.12
C GLU A 1152 -16.72 -10.13 -0.33
N THR A 1153 -16.26 -8.88 -0.39
CA THR A 1153 -17.08 -7.73 -0.75
C THR A 1153 -16.50 -7.02 -1.97
N PHE A 1154 -16.10 -7.78 -2.98
CA PHE A 1154 -15.28 -7.23 -4.06
C PHE A 1154 -16.08 -6.32 -4.97
N GLU A 1155 -17.26 -6.76 -5.41
CA GLU A 1155 -17.97 -6.02 -6.44
C GLU A 1155 -18.70 -4.79 -5.92
N HIS A 1156 -18.82 -4.63 -4.60
CA HIS A 1156 -19.43 -3.45 -4.03
C HIS A 1156 -18.41 -2.39 -3.68
N TYR A 1157 -17.19 -2.80 -3.31
CA TYR A 1157 -16.12 -1.85 -3.04
C TYR A 1157 -15.67 -1.14 -4.31
N HIS A 1158 -15.86 -1.77 -5.46
CA HIS A 1158 -15.36 -1.23 -6.70
C HIS A 1158 -16.40 -0.42 -7.44
N ALA A 1159 -17.57 -0.23 -6.85
CA ALA A 1159 -18.59 0.64 -7.38
C ALA A 1159 -18.87 1.85 -6.50
N THR A 1160 -18.44 1.83 -5.25
CA THR A 1160 -18.61 2.92 -4.30
C THR A 1160 -17.30 3.22 -3.58
N PHE A 1161 -16.24 3.52 -4.35
CA PHE A 1161 -14.93 3.88 -3.79
C PHE A 1161 -15.00 4.87 -2.64
N TYR A 1162 -15.58 6.04 -2.89
CA TYR A 1162 -15.49 7.17 -1.96
C TYR A 1162 -16.29 6.98 -0.69
N LYS A 1163 -17.22 6.02 -0.67
CA LYS A 1163 -17.96 5.70 0.53
C LYS A 1163 -17.11 4.98 1.57
N HIS A 1164 -15.98 4.39 1.15
CA HIS A 1164 -15.23 3.44 1.97
C HIS A 1164 -13.90 3.98 2.46
N VAL A 1165 -13.68 5.29 2.43
CA VAL A 1165 -12.40 5.86 2.83
C VAL A 1165 -12.23 5.74 4.33
N GLU A 1166 -11.07 5.24 4.75
CA GLU A 1166 -10.71 5.01 6.14
C GLU A 1166 -10.55 6.33 6.89
N ALA A 1167 -10.61 6.23 8.21
CA ALA A 1167 -10.67 7.39 9.08
C ALA A 1167 -9.30 8.02 9.27
N GLN A 1168 -9.30 9.23 9.82
CA GLN A 1168 -8.10 10.00 10.09
C GLN A 1168 -8.30 10.75 11.40
N SER A 1169 -7.23 11.37 11.91
CA SER A 1169 -7.33 12.27 13.04
C SER A 1169 -6.10 13.18 13.07
N VAL A 1170 -6.32 14.44 13.47
CA VAL A 1170 -5.25 15.40 13.69
C VAL A 1170 -5.51 16.09 15.02
N THR A 1171 -4.73 15.78 16.04
CA THR A 1171 -4.97 16.31 17.39
C THR A 1171 -3.68 16.77 18.02
N PRO A 1172 -3.29 18.03 17.79
CA PRO A 1172 -2.27 18.65 18.64
C PRO A 1172 -2.86 18.99 20.01
N PHE A 1173 -1.97 19.47 20.88
CA PHE A 1173 -2.29 19.92 22.24
C PHE A 1173 -2.86 18.81 23.13
N SER A 1174 -2.65 17.55 22.78
CA SER A 1174 -2.77 16.46 23.73
C SER A 1174 -1.50 16.42 24.58
N PRO A 1175 -1.52 15.77 25.74
CA PRO A 1175 -0.28 15.74 26.56
C PRO A 1175 0.90 15.07 25.89
N ARG A 1176 0.66 14.04 25.09
CA ARG A 1176 1.74 13.34 24.43
C ARG A 1176 2.35 14.13 23.27
N ALA A 1177 1.57 15.03 22.66
CA ALA A 1177 2.13 15.89 21.62
C ALA A 1177 2.70 17.17 22.19
N MET A 1178 2.19 17.62 23.33
CA MET A 1178 2.81 18.74 24.02
C MET A 1178 4.14 18.36 24.64
N ASP A 1179 4.34 17.07 24.95
CA ASP A 1179 5.64 16.65 25.43
C ASP A 1179 6.70 16.66 24.35
N ARG A 1180 6.31 16.74 23.07
CA ARG A 1180 7.27 16.85 21.97
C ARG A 1180 7.40 18.26 21.42
N GLY A 1181 6.31 18.83 20.92
CA GLY A 1181 6.45 19.99 20.07
C GLY A 1181 6.48 21.35 20.75
N LEU A 1182 6.17 21.40 22.05
CA LEU A 1182 5.93 22.68 22.69
C LEU A 1182 7.20 23.51 22.81
N THR A 1183 8.31 22.88 23.20
CA THR A 1183 9.57 23.59 23.34
C THR A 1183 10.10 24.07 22.01
N GLY A 1184 9.96 23.24 20.97
CA GLY A 1184 10.40 23.65 19.65
C GLY A 1184 9.62 24.85 19.13
N SER A 1185 8.30 24.83 19.33
CA SER A 1185 7.48 25.96 18.88
C SER A 1185 7.77 27.22 19.68
N LEU A 1186 7.94 27.09 20.99
CA LEU A 1186 8.25 28.25 21.82
C LEU A 1186 9.57 28.89 21.40
N LEU A 1187 10.60 28.07 21.20
CA LEU A 1187 11.90 28.64 20.84
C LEU A 1187 11.89 29.19 19.41
N SER A 1188 11.10 28.58 18.51
CA SER A 1188 11.02 29.10 17.15
C SER A 1188 10.40 30.48 17.13
N LEU A 1189 9.29 30.66 17.84
CA LEU A 1189 8.66 31.97 17.90
C LEU A 1189 9.50 32.96 18.67
N MET A 1190 10.26 32.50 19.66
CA MET A 1190 11.15 33.39 20.40
C MET A 1190 12.31 33.88 19.55
N ARG A 1191 12.86 33.00 18.70
CA ARG A 1191 14.08 33.37 17.99
C ARG A 1191 13.78 34.13 16.71
N LEU A 1192 12.90 33.60 15.86
CA LEU A 1192 12.77 34.22 14.55
C LEU A 1192 11.96 35.50 14.54
N LYS A 1193 11.70 36.13 15.68
CA LYS A 1193 10.87 37.33 15.73
C LYS A 1193 11.59 38.51 16.38
N ASN A 1194 12.74 38.29 17.00
CA ASN A 1194 13.39 39.35 17.75
C ASN A 1194 14.86 39.43 17.39
N ASN A 1195 15.55 40.42 17.94
CA ASN A 1195 16.94 40.67 17.62
C ASN A 1195 17.90 40.26 18.73
N GLU A 1196 17.48 40.31 19.99
CA GLU A 1196 18.38 39.94 21.08
C GLU A 1196 18.55 38.43 21.18
N PHE A 1197 17.56 37.66 20.74
CA PHE A 1197 17.61 36.20 20.82
C PHE A 1197 18.01 35.54 19.51
N SER A 1198 18.21 36.32 18.45
CA SER A 1198 18.66 35.75 17.18
C SER A 1198 20.05 35.11 17.20
N PRO A 1199 21.12 35.72 17.75
CA PRO A 1199 22.42 35.05 17.70
C PRO A 1199 22.51 33.87 18.65
N ASN A 1200 23.54 33.06 18.42
CA ASN A 1200 23.74 31.83 19.17
C ASN A 1200 24.04 32.08 20.64
N GLU A 1201 24.51 33.27 20.99
CA GLU A 1201 24.81 33.62 22.36
C GLU A 1201 23.66 34.34 23.04
N GLY A 1202 22.45 34.24 22.50
CA GLY A 1202 21.32 34.98 23.05
C GLY A 1202 20.63 34.30 24.21
N ALA A 1203 21.06 33.08 24.57
CA ALA A 1203 20.38 32.36 25.64
C ALA A 1203 20.61 32.99 27.00
N GLY A 1204 21.72 33.68 27.18
CA GLY A 1204 21.97 34.36 28.44
C GLY A 1204 21.32 35.70 28.58
N LYS A 1205 20.68 36.19 27.53
CA LYS A 1205 20.13 37.54 27.49
C LYS A 1205 18.83 37.69 28.26
N LEU A 1206 18.20 36.60 28.70
CA LEU A 1206 16.85 36.66 29.26
C LEU A 1206 16.96 37.28 30.66
N ASP A 1207 16.83 38.60 30.68
CA ASP A 1207 16.99 39.37 31.90
C ASP A 1207 15.64 39.60 32.57
N MET A 1208 15.64 40.52 33.54
CA MET A 1208 14.39 40.95 34.16
C MET A 1208 13.79 42.13 33.39
N SER A 1209 14.41 42.52 32.27
CA SER A 1209 13.87 43.60 31.46
C SER A 1209 13.31 43.12 30.12
N ASN A 1210 13.52 41.85 29.77
CA ASN A 1210 13.12 41.36 28.45
C ASN A 1210 11.88 40.48 28.47
N GLN A 1211 11.21 40.34 29.62
CA GLN A 1211 10.19 39.30 29.77
C GLN A 1211 8.90 39.60 29.04
N SER A 1212 8.73 40.81 28.51
CA SER A 1212 7.47 41.17 27.87
C SER A 1212 7.26 40.45 26.56
N GLU A 1213 8.32 39.95 25.94
CA GLU A 1213 8.17 39.20 24.69
C GLU A 1213 7.80 37.75 24.96
N LEU A 1214 8.28 37.22 26.09
CA LEU A 1214 7.88 35.89 26.53
C LEU A 1214 6.38 35.81 26.75
N ALA A 1215 5.81 36.86 27.33
CA ALA A 1215 4.36 36.92 27.52
C ALA A 1215 3.64 36.92 26.19
N HIS A 1216 4.20 37.61 25.18
CA HIS A 1216 3.59 37.67 23.87
C HIS A 1216 3.52 36.29 23.22
N ALA A 1217 4.64 35.54 23.28
CA ALA A 1217 4.65 34.20 22.70
C ALA A 1217 3.73 33.25 23.45
N ILE A 1218 3.73 33.32 24.78
CA ILE A 1218 2.88 32.46 25.60
C ILE A 1218 1.41 32.72 25.30
N GLU A 1219 1.03 34.00 25.19
CA GLU A 1219 -0.35 34.35 24.89
C GLU A 1219 -0.77 33.86 23.52
N VAL A 1220 0.12 33.95 22.53
CA VAL A 1220 -0.21 33.45 21.19
C VAL A 1220 -0.48 31.95 21.22
N LEU A 1221 0.40 31.19 21.88
CA LEU A 1221 0.23 29.74 21.91
C LEU A 1221 -1.04 29.32 22.65
N ALA A 1222 -1.31 29.96 23.80
CA ALA A 1222 -2.51 29.63 24.57
C ALA A 1222 -3.78 29.99 23.80
N THR A 1223 -3.77 31.12 23.09
CA THR A 1223 -4.93 31.53 22.31
C THR A 1223 -5.24 30.51 21.22
N ARG A 1224 -4.23 30.06 20.49
CA ARG A 1224 -4.50 29.08 19.44
C ARG A 1224 -4.95 27.74 20.01
N ALA A 1225 -4.38 27.34 21.16
CA ALA A 1225 -4.78 26.09 21.79
C ALA A 1225 -6.25 26.13 22.20
N GLY A 1226 -6.67 27.24 22.81
CA GLY A 1226 -8.07 27.39 23.18
C GLY A 1226 -9.00 27.44 21.98
N ASN A 1227 -8.58 28.09 20.89
CA ASN A 1227 -9.48 28.24 19.75
C ASN A 1227 -9.61 26.95 18.96
N VAL A 1228 -8.59 26.09 19.00
CA VAL A 1228 -8.67 24.86 18.21
C VAL A 1228 -9.26 23.71 19.02
N ALA A 1229 -8.85 23.55 20.28
CA ALA A 1229 -9.35 22.43 21.06
C ALA A 1229 -10.81 22.60 21.47
N GLU A 1230 -11.28 23.85 21.56
CA GLU A 1230 -12.65 24.20 21.97
C GLU A 1230 -12.99 23.64 23.36
N ASP A 1231 -12.02 23.66 24.27
CA ASP A 1231 -12.23 23.22 25.65
C ASP A 1231 -11.24 23.96 26.53
N ASN A 1232 -11.72 24.48 27.66
CA ASN A 1232 -10.87 25.28 28.53
C ASN A 1232 -9.86 24.44 29.29
N ALA A 1233 -10.09 23.13 29.40
CA ALA A 1233 -9.12 22.25 30.06
C ALA A 1233 -7.82 22.21 29.28
N ARG A 1234 -7.90 22.15 27.95
CA ARG A 1234 -6.71 22.16 27.11
C ARG A 1234 -5.95 23.48 27.23
N LYS A 1235 -6.70 24.60 27.30
CA LYS A 1235 -6.06 25.90 27.44
C LYS A 1235 -5.35 26.03 28.79
N LEU A 1236 -5.98 25.55 29.86
CA LEU A 1236 -5.35 25.55 31.17
C LEU A 1236 -4.09 24.68 31.18
N LEU A 1237 -4.16 23.51 30.54
CA LEU A 1237 -3.01 22.61 30.47
C LEU A 1237 -1.85 23.26 29.72
N ALA A 1238 -2.15 23.90 28.58
CA ALA A 1238 -1.11 24.56 27.80
C ALA A 1238 -0.47 25.70 28.57
N GLU A 1239 -1.30 26.47 29.30
CA GLU A 1239 -0.77 27.56 30.11
C GLU A 1239 0.18 27.04 31.19
N ASN A 1240 -0.20 25.94 31.85
CA ASN A 1240 0.65 25.38 32.90
C ASN A 1240 1.97 24.87 32.33
N GLU A 1241 1.94 24.18 31.19
CA GLU A 1241 3.16 23.66 30.60
C GLU A 1241 4.09 24.78 30.16
N LEU A 1242 3.54 25.81 29.51
CA LEU A 1242 4.35 26.94 29.08
C LEU A 1242 4.94 27.69 30.26
N LYS A 1243 4.18 27.83 31.35
CA LYS A 1243 4.70 28.50 32.53
C LYS A 1243 5.86 27.72 33.14
N GLU A 1244 5.75 26.40 33.20
CA GLU A 1244 6.84 25.59 33.76
C GLU A 1244 8.09 25.69 32.90
N ARG A 1245 7.94 25.64 31.57
CA ARG A 1245 9.11 25.77 30.71
C ARG A 1245 9.75 27.15 30.81
N ALA A 1246 8.93 28.21 30.88
CA ALA A 1246 9.48 29.55 30.98
C ALA A 1246 10.22 29.76 32.31
N ASP A 1247 9.67 29.23 33.40
CA ASP A 1247 10.36 29.32 34.68
C ASP A 1247 11.67 28.53 34.68
N GLU A 1248 11.65 27.35 34.04
CA GLU A 1248 12.87 26.54 33.93
C GLU A 1248 13.94 27.27 33.15
N TRP A 1249 13.55 27.98 32.09
CA TRP A 1249 14.51 28.82 31.36
C TRP A 1249 15.01 29.95 32.25
N ALA A 1250 14.13 30.54 33.06
CA ALA A 1250 14.52 31.68 33.89
C ALA A 1250 15.52 31.31 34.97
N LYS A 1251 15.49 30.07 35.47
CA LYS A 1251 16.49 29.67 36.47
C LYS A 1251 17.89 29.56 35.88
N GLU A 1252 18.02 29.14 34.63
CA GLU A 1252 19.34 28.88 34.08
C GLU A 1252 20.11 30.15 33.72
N ALA A 1253 19.43 31.29 33.63
CA ALA A 1253 20.10 32.51 33.22
C ALA A 1253 21.02 33.04 34.32
N SER A 1254 20.54 33.06 35.55
CA SER A 1254 21.23 33.73 36.64
C SER A 1254 22.38 32.93 37.23
N LYS A 1255 22.69 31.76 36.67
CA LYS A 1255 23.79 30.93 37.18
C LYS A 1255 25.08 31.41 36.55
N GLY A 1256 25.76 32.33 37.24
CA GLY A 1256 26.98 32.91 36.74
C GLY A 1256 28.15 31.95 36.83
N GLY A 1257 29.27 32.39 36.27
CA GLY A 1257 30.44 31.54 36.15
C GLY A 1257 30.53 30.77 34.87
N ARG A 1258 29.66 31.05 33.90
CA ARG A 1258 29.63 30.32 32.64
C ARG A 1258 28.96 31.20 31.60
N ILE A 1259 29.19 30.87 30.34
CA ILE A 1259 28.58 31.56 29.21
C ILE A 1259 27.57 30.61 28.57
N LEU A 1260 26.32 31.06 28.50
CA LEU A 1260 25.19 30.22 28.12
C LEU A 1260 24.82 30.48 26.67
N GLY A 1261 24.60 29.40 25.92
CA GLY A 1261 24.21 29.50 24.53
C GLY A 1261 23.27 28.36 24.20
N TYR A 1262 22.88 28.28 22.92
CA TYR A 1262 22.02 27.19 22.50
C TYR A 1262 22.82 25.92 22.25
N GLU A 1263 23.86 26.00 21.43
CA GLU A 1263 24.68 24.85 21.09
C GLU A 1263 26.12 25.11 21.52
N LYS A 1264 26.90 24.03 21.57
CA LYS A 1264 28.34 24.14 21.72
C LYS A 1264 28.95 24.36 20.34
N ARG A 1265 29.33 25.60 20.06
CA ARG A 1265 29.72 25.99 18.72
C ARG A 1265 30.63 27.21 18.81
N GLY A 1266 31.66 27.22 17.98
CA GLY A 1266 32.54 28.36 17.87
C GLY A 1266 33.77 28.23 18.74
N PRO A 1267 34.72 29.15 18.56
CA PRO A 1267 35.98 29.08 19.34
C PRO A 1267 35.81 29.33 20.83
N ASP A 1268 34.66 29.83 21.26
CA ASP A 1268 34.39 30.06 22.68
C ASP A 1268 33.88 28.82 23.41
N LYS A 1269 33.93 27.65 22.77
CA LYS A 1269 33.27 26.45 23.29
C LYS A 1269 33.95 25.86 24.52
N ASP A 1270 35.11 26.35 24.90
CA ASP A 1270 35.77 25.83 26.10
C ASP A 1270 35.05 26.27 27.38
N LYS A 1271 34.27 27.35 27.32
CA LYS A 1271 33.45 27.78 28.44
C LYS A 1271 31.96 27.83 28.12
N THR A 1272 31.58 27.50 26.89
CA THR A 1272 30.17 27.49 26.52
C THR A 1272 29.46 26.31 27.19
N VAL A 1273 28.27 26.58 27.73
CA VAL A 1273 27.40 25.55 28.28
C VAL A 1273 26.15 25.51 27.41
N ALA A 1274 25.82 24.34 26.89
CA ALA A 1274 24.65 24.21 26.04
C ALA A 1274 23.37 24.27 26.86
N LEU A 1275 22.30 24.73 26.22
CA LEU A 1275 20.98 24.77 26.83
C LEU A 1275 20.06 23.67 26.35
N ILE A 1276 19.97 23.45 25.04
CA ILE A 1276 19.04 22.50 24.47
C ILE A 1276 19.82 21.30 23.94
N LYS A 1277 19.09 20.23 23.65
CA LYS A 1277 19.67 18.95 23.28
C LYS A 1277 19.11 18.48 21.95
N SER A 1278 19.44 17.24 21.63
CA SER A 1278 19.10 16.48 20.45
C SER A 1278 18.63 15.09 20.86
N PRO A 1279 17.80 14.42 20.06
CA PRO A 1279 17.41 13.04 20.42
C PRO A 1279 18.60 12.11 20.32
N GLY A 1280 18.97 11.55 21.48
CA GLY A 1280 20.17 10.76 21.58
C GLY A 1280 20.07 9.60 22.56
N LEU A 1281 21.05 9.46 23.44
CA LEU A 1281 21.08 8.33 24.36
C LEU A 1281 19.99 8.44 25.41
N GLN A 1282 19.84 9.62 26.02
CA GLN A 1282 18.95 9.75 27.17
C GLN A 1282 17.49 9.70 26.73
N ALA A 1283 16.61 9.49 27.72
CA ALA A 1283 15.18 9.55 27.46
C ALA A 1283 14.77 11.00 27.21
N TRP A 1284 13.54 11.16 26.70
CA TRP A 1284 13.05 12.47 26.31
C TRP A 1284 12.89 13.38 27.52
N ASP A 1285 13.01 14.67 27.28
CA ASP A 1285 12.96 15.66 28.35
C ASP A 1285 12.27 16.90 27.81
N ASN A 1286 12.17 17.92 28.67
CA ASN A 1286 11.60 19.20 28.25
C ASN A 1286 12.47 19.86 27.19
N TRP A 1287 13.79 19.75 27.31
CA TRP A 1287 14.72 20.47 26.47
C TRP A 1287 15.16 19.67 25.25
N THR A 1288 14.65 18.48 25.04
CA THR A 1288 14.93 17.78 23.80
C THR A 1288 14.12 18.39 22.67
N VAL A 1289 14.80 18.76 21.59
CA VAL A 1289 14.20 19.46 20.47
C VAL A 1289 14.44 18.61 19.22
N PRO A 1290 13.41 18.21 18.49
CA PRO A 1290 13.60 17.31 17.36
C PRO A 1290 14.20 18.03 16.16
N MET A 1291 14.63 17.23 15.19
CA MET A 1291 15.17 17.75 13.94
C MET A 1291 14.38 17.30 12.72
N SER A 1292 13.21 16.69 12.91
CA SER A 1292 12.32 16.36 11.81
C SER A 1292 10.91 16.24 12.35
N MET A 1293 9.96 15.99 11.46
CA MET A 1293 8.59 15.74 11.89
C MET A 1293 8.35 14.26 12.20
N ARG A 1294 9.34 13.41 11.98
CA ARG A 1294 9.22 11.99 12.30
C ARG A 1294 10.60 11.50 12.72
N GLU A 1295 10.65 10.72 13.80
CA GLU A 1295 11.90 10.11 14.23
C GLU A 1295 11.68 8.67 14.67
N VAL A 1296 12.61 7.81 14.25
CA VAL A 1296 12.81 6.50 14.84
C VAL A 1296 14.11 6.57 15.63
N GLU A 1297 14.12 5.94 16.79
CA GLU A 1297 15.35 5.83 17.55
C GLU A 1297 16.35 5.01 16.76
N SER A 1298 17.63 5.38 16.89
CA SER A 1298 18.67 4.73 16.11
C SER A 1298 18.81 3.27 16.49
N GLY A 1299 19.03 2.42 15.50
CA GLY A 1299 19.09 1.00 15.71
C GLY A 1299 20.40 0.53 16.30
N VAL A 1300 20.52 -0.78 16.40
CA VAL A 1300 21.72 -1.44 16.88
C VAL A 1300 22.28 -2.27 15.71
N ARG A 1301 23.59 -2.31 15.59
CA ARG A 1301 24.26 -2.93 14.48
C ARG A 1301 24.80 -4.31 14.87
N LEU A 1302 24.83 -5.22 13.91
CA LEU A 1302 25.21 -6.61 14.14
C LEU A 1302 26.68 -6.82 13.80
N ILE A 1303 27.36 -7.64 14.60
CA ILE A 1303 28.80 -7.85 14.46
C ILE A 1303 29.05 -9.33 14.21
N MET A 1304 29.39 -9.68 12.97
CA MET A 1304 29.60 -11.06 12.57
C MET A 1304 30.91 -11.59 13.15
N ASP A 1305 31.01 -12.92 13.22
CA ASP A 1305 32.24 -13.61 13.59
C ASP A 1305 32.49 -14.71 12.58
N THR A 1306 33.68 -14.73 12.01
CA THR A 1306 34.06 -15.74 11.03
C THR A 1306 35.23 -16.56 11.55
N LYS A 1307 35.03 -17.86 11.65
CA LYS A 1307 36.03 -18.75 12.23
C LYS A 1307 35.71 -20.16 11.75
N PHE A 1308 36.40 -21.14 12.34
CA PHE A 1308 36.19 -22.55 12.03
C PHE A 1308 35.95 -23.34 13.31
N ILE A 1309 34.94 -24.21 13.27
CA ILE A 1309 34.64 -25.12 14.37
C ILE A 1309 34.48 -26.52 13.78
N LYS A 1310 35.11 -27.50 14.42
CA LYS A 1310 35.08 -28.88 13.94
C LYS A 1310 34.02 -29.68 14.71
N ASP A 1311 33.40 -30.63 14.02
CA ASP A 1311 32.29 -31.42 14.56
C ASP A 1311 32.70 -32.89 14.69
N ASP A 1312 33.24 -33.24 15.86
CA ASP A 1312 33.65 -34.62 16.11
C ASP A 1312 32.46 -35.53 16.35
N HIS A 1313 31.36 -34.99 16.84
CA HIS A 1313 30.19 -35.80 17.18
C HIS A 1313 29.48 -36.26 15.90
N ASP A 1314 28.89 -37.44 15.98
CA ASP A 1314 28.36 -38.12 14.81
C ASP A 1314 26.93 -38.60 15.05
N TRP A 1315 26.20 -38.79 13.96
CA TRP A 1315 24.81 -39.20 14.02
C TRP A 1315 24.69 -40.70 14.30
N LYS A 1316 23.52 -41.10 14.77
CA LYS A 1316 23.22 -42.49 15.07
C LYS A 1316 21.71 -42.67 15.12
N PRO A 1317 21.21 -43.87 14.84
CA PRO A 1317 19.75 -44.09 14.88
C PRO A 1317 19.17 -44.07 16.29
N ASN B 5 39.07 -9.27 12.79
CA ASN B 5 38.49 -10.61 12.77
C ASN B 5 36.97 -10.55 12.76
N LYS B 6 36.43 -9.33 12.82
CA LYS B 6 34.99 -9.10 12.92
C LYS B 6 34.57 -8.09 11.86
N THR B 7 33.28 -8.11 11.50
CA THR B 7 32.80 -7.23 10.45
C THR B 7 31.32 -6.91 10.61
N PRO B 8 30.88 -5.70 10.29
CA PRO B 8 29.45 -5.38 10.36
C PRO B 8 28.67 -6.02 9.22
N VAL B 9 27.38 -6.27 9.47
CA VAL B 9 26.48 -6.86 8.47
C VAL B 9 25.25 -6.00 8.25
N GLY B 10 24.59 -5.59 9.32
CA GLY B 10 23.36 -4.83 9.17
C GLY B 10 22.93 -4.20 10.48
N GLU B 11 21.66 -3.77 10.52
CA GLU B 11 21.09 -3.16 11.71
C GLU B 11 19.61 -3.51 11.83
N VAL B 12 19.12 -3.46 13.07
CA VAL B 12 17.71 -3.69 13.37
C VAL B 12 17.29 -2.71 14.46
N ARG B 13 15.97 -2.49 14.54
CA ARG B 13 15.41 -1.62 15.57
C ARG B 13 15.52 -2.27 16.94
N PRO B 14 15.69 -1.47 18.00
CA PRO B 14 15.87 -2.07 19.33
C PRO B 14 14.62 -2.70 19.91
N SER B 15 13.45 -2.50 19.30
CA SER B 15 12.25 -3.17 19.76
C SER B 15 12.29 -4.66 19.50
N GLN B 16 12.83 -5.07 18.35
CA GLN B 16 12.75 -6.45 17.92
C GLN B 16 13.72 -7.37 18.63
N LEU B 17 14.59 -6.85 19.50
CA LEU B 17 15.53 -7.71 20.19
C LEU B 17 14.91 -8.46 21.35
N LEU B 18 13.68 -8.17 21.73
CA LEU B 18 13.02 -8.92 22.78
C LEU B 18 11.70 -9.53 22.37
N TRP B 19 11.30 -9.40 21.11
CA TRP B 19 10.09 -10.04 20.62
C TRP B 19 10.26 -10.87 19.37
N THR B 20 11.17 -10.55 18.49
CA THR B 20 11.35 -11.48 17.39
C THR B 20 12.74 -12.10 17.35
N TYR B 21 13.79 -11.28 17.34
CA TYR B 21 15.16 -11.73 17.46
C TYR B 21 15.56 -11.67 18.92
N GLY B 22 16.79 -12.07 19.19
CA GLY B 22 17.26 -12.13 20.56
C GLY B 22 18.17 -13.31 20.71
N PRO B 23 18.64 -13.58 21.92
CA PRO B 23 19.72 -14.55 22.10
C PRO B 23 19.34 -15.99 21.79
N GLY B 24 19.28 -16.32 20.50
CA GLY B 24 18.88 -17.64 20.11
C GLY B 24 18.10 -17.75 18.82
N ALA B 25 17.90 -16.65 18.10
CA ALA B 25 16.96 -16.66 16.99
C ALA B 25 17.64 -16.59 15.63
N LEU B 26 17.04 -17.25 14.66
CA LEU B 26 17.48 -17.12 13.27
C LEU B 26 17.09 -15.76 12.73
N ILE B 27 18.01 -15.11 12.01
CA ILE B 27 17.78 -13.78 11.44
C ILE B 27 17.98 -13.88 9.94
N ASP B 28 16.89 -13.79 9.18
CA ASP B 28 16.95 -13.91 7.74
C ASP B 28 17.20 -12.53 7.14
N LEU B 29 18.47 -12.24 6.91
CA LEU B 29 18.91 -10.99 6.30
C LEU B 29 18.76 -11.08 4.79
N PRO B 30 18.90 -9.96 4.06
CA PRO B 30 18.82 -10.04 2.59
C PRO B 30 19.86 -10.93 1.94
N SER B 31 21.03 -11.11 2.55
CA SER B 31 22.12 -11.82 1.89
C SER B 31 22.57 -13.08 2.59
N LEU B 32 22.17 -13.30 3.84
CA LEU B 32 22.69 -14.39 4.65
C LEU B 32 21.78 -14.57 5.86
N SER B 33 22.17 -15.48 6.74
CA SER B 33 21.42 -15.76 7.96
C SER B 33 22.37 -16.02 9.10
N VAL B 34 22.04 -15.51 10.29
CA VAL B 34 22.89 -15.64 11.47
C VAL B 34 22.02 -15.98 12.67
N VAL B 35 22.67 -16.27 13.79
CA VAL B 35 22.04 -16.61 15.05
C VAL B 35 22.71 -15.80 16.13
N THR B 36 21.92 -15.08 16.93
CA THR B 36 22.45 -14.23 17.97
C THR B 36 23.09 -15.07 19.08
N LEU B 37 24.22 -14.61 19.57
CA LEU B 37 24.92 -15.32 20.63
C LEU B 37 24.32 -15.02 21.99
N GLY B 38 24.80 -15.72 22.99
CA GLY B 38 24.33 -15.53 24.35
C GLY B 38 24.90 -14.27 24.96
N ILE B 39 24.54 -14.05 26.22
CA ILE B 39 24.76 -12.72 26.81
C ILE B 39 26.00 -12.64 27.71
N ASP B 40 26.64 -13.76 28.01
CA ASP B 40 27.90 -13.65 28.74
C ASP B 40 29.06 -13.33 27.81
N ARG B 41 28.83 -13.33 26.51
CA ARG B 41 29.77 -12.79 25.53
C ARG B 41 29.35 -11.42 25.01
N TRP B 42 28.53 -10.69 25.76
CA TRP B 42 28.14 -9.35 25.39
C TRP B 42 29.00 -8.33 26.14
N GLU B 43 29.03 -7.11 25.61
CA GLU B 43 29.81 -6.04 26.22
C GLU B 43 28.95 -5.42 27.32
N ARG B 44 29.25 -5.79 28.57
CA ARG B 44 28.42 -5.36 29.69
C ARG B 44 28.60 -3.88 29.99
N GLU B 45 29.80 -3.34 29.75
CA GLU B 45 30.09 -1.97 30.15
C GLU B 45 29.37 -0.93 29.29
N ARG B 46 28.75 -1.34 28.19
CA ARG B 46 28.06 -0.43 27.30
C ARG B 46 26.55 -0.67 27.26
N CYS B 47 25.95 -1.01 28.40
CA CYS B 47 24.51 -1.19 28.51
C CYS B 47 23.98 -0.31 29.64
N GLN B 48 23.01 0.53 29.30
CA GLN B 48 22.53 1.54 30.24
C GLN B 48 21.44 0.95 31.12
N PRO B 49 21.57 1.00 32.44
CA PRO B 49 20.56 0.40 33.32
C PRO B 49 19.22 1.13 33.28
N ILE B 50 18.19 0.39 33.65
CA ILE B 50 16.82 0.89 33.75
C ILE B 50 16.35 0.67 35.18
N GLN B 51 15.83 1.73 35.80
CA GLN B 51 15.49 1.69 37.22
C GLN B 51 14.04 1.25 37.39
N GLU B 52 13.85 0.05 37.95
CA GLU B 52 12.51 -0.49 38.20
C GLU B 52 12.64 -1.59 39.25
N ALA B 53 12.16 -1.33 40.46
CA ALA B 53 12.35 -2.29 41.55
C ALA B 53 11.25 -3.35 41.59
N ARG B 54 10.02 -2.96 41.29
CA ARG B 54 8.88 -3.85 41.41
C ARG B 54 8.94 -5.02 40.44
N LEU B 55 9.70 -4.89 39.34
CA LEU B 55 9.95 -5.98 38.41
C LEU B 55 11.24 -6.73 38.72
N LEU B 56 12.23 -6.04 39.29
CA LEU B 56 13.46 -6.71 39.70
C LEU B 56 13.18 -7.73 40.79
N ALA B 57 12.32 -7.38 41.74
CA ALA B 57 11.95 -8.33 42.79
C ALA B 57 11.12 -9.49 42.27
N ALA B 58 10.57 -9.38 41.05
CA ALA B 58 9.84 -10.49 40.46
C ALA B 58 10.78 -11.40 39.68
N VAL B 59 11.77 -10.82 39.00
CA VAL B 59 12.75 -11.64 38.28
C VAL B 59 13.65 -12.40 39.26
N ARG B 60 14.02 -11.75 40.37
CA ARG B 60 14.92 -12.37 41.33
C ARG B 60 14.31 -13.61 41.97
N LYS B 61 13.00 -13.64 42.13
CA LYS B 61 12.34 -14.81 42.71
C LYS B 61 12.46 -16.01 41.79
N VAL B 62 12.35 -15.79 40.48
CA VAL B 62 12.40 -16.89 39.52
C VAL B 62 13.83 -17.36 39.32
N LEU B 63 14.75 -16.45 39.03
CA LEU B 63 16.09 -16.82 38.59
C LEU B 63 17.13 -16.74 39.69
N GLY B 64 16.73 -16.58 40.94
CA GLY B 64 17.67 -16.61 42.04
C GLY B 64 18.16 -15.24 42.44
N PRO B 65 18.72 -15.14 43.64
CA PRO B 65 19.07 -13.82 44.18
C PRO B 65 20.28 -13.18 43.53
N GLN B 66 20.98 -13.87 42.64
CA GLN B 66 22.22 -13.33 42.11
C GLN B 66 21.99 -12.32 40.98
N VAL B 67 20.76 -12.16 40.50
CA VAL B 67 20.52 -11.21 39.42
C VAL B 67 20.71 -9.79 39.92
N GLU B 68 21.42 -8.98 39.14
CA GLU B 68 21.91 -7.69 39.60
C GLU B 68 21.05 -6.52 39.13
N ASN B 69 20.87 -6.35 37.82
CA ASN B 69 20.18 -5.20 37.28
C ASN B 69 19.54 -5.56 35.95
N LEU B 70 18.66 -4.69 35.48
CA LEU B 70 18.11 -4.79 34.13
C LEU B 70 18.85 -3.80 33.23
N ARG B 71 19.22 -4.24 32.03
CA ARG B 71 20.07 -3.43 31.17
C ARG B 71 19.55 -3.42 29.75
N MET B 72 19.63 -2.25 29.12
CA MET B 72 19.15 -1.88 27.79
C MET B 72 20.06 -2.54 26.75
N PRO B 73 19.67 -2.64 25.48
CA PRO B 73 20.58 -3.15 24.46
C PRO B 73 21.85 -2.33 24.34
N PRO B 74 22.97 -2.96 23.98
CA PRO B 74 24.27 -2.26 23.96
C PRO B 74 24.37 -1.26 22.83
N PHE B 75 24.70 -0.02 23.17
CA PHE B 75 24.75 1.07 22.22
C PHE B 75 25.62 2.21 22.76
N ALA B 88 34.79 1.39 16.45
CA ALA B 88 33.58 1.48 15.63
C ALA B 88 33.00 0.10 15.37
N ASN B 89 33.20 -0.80 16.33
CA ASN B 89 32.68 -2.16 16.26
C ASN B 89 31.88 -2.54 17.50
N ILE B 90 30.96 -1.69 17.91
CA ILE B 90 30.11 -1.99 19.06
C ILE B 90 28.74 -2.44 18.58
N GLY B 91 28.31 -3.61 19.04
CA GLY B 91 27.02 -4.11 18.61
C GLY B 91 26.73 -5.47 19.19
N VAL B 92 25.68 -6.09 18.65
CA VAL B 92 25.22 -7.42 19.06
C VAL B 92 25.98 -8.46 18.25
N PRO B 93 26.62 -9.44 18.90
CA PRO B 93 27.39 -10.43 18.15
C PRO B 93 26.56 -11.57 17.63
N VAL B 94 26.84 -11.98 16.40
CA VAL B 94 26.17 -13.10 15.75
C VAL B 94 27.21 -14.06 15.22
N ARG B 95 26.75 -15.08 14.48
CA ARG B 95 27.60 -16.12 13.90
C ARG B 95 26.78 -16.80 12.82
N PRO B 96 27.40 -17.19 11.70
CA PRO B 96 26.61 -17.77 10.60
C PRO B 96 25.99 -19.11 10.98
N PHE B 97 24.73 -19.27 10.57
CA PHE B 97 23.99 -20.52 10.79
C PHE B 97 22.78 -20.52 9.86
N PRO B 98 22.49 -21.61 9.15
CA PRO B 98 23.12 -22.92 9.08
C PRO B 98 24.48 -22.87 8.41
N ARG B 99 25.34 -23.85 8.70
CA ARG B 99 26.71 -23.82 8.23
C ARG B 99 26.88 -24.63 6.96
N TRP B 100 25.84 -24.73 6.15
CA TRP B 100 25.87 -25.34 4.83
C TRP B 100 25.21 -24.36 3.87
N MET B 101 25.65 -24.33 2.61
CA MET B 101 25.14 -23.36 1.66
C MET B 101 24.96 -24.00 0.29
N ARG B 102 24.43 -23.21 -0.64
CA ARG B 102 24.15 -23.65 -1.99
C ARG B 102 24.73 -22.66 -2.98
N CYS B 103 25.12 -23.16 -4.15
CA CYS B 103 25.64 -22.31 -5.22
C CYS B 103 24.61 -22.12 -6.32
N VAL B 104 24.51 -20.89 -6.81
CA VAL B 104 23.50 -20.54 -7.80
C VAL B 104 23.79 -21.16 -9.16
N LYS B 105 25.05 -21.15 -9.60
CA LYS B 105 25.39 -21.56 -10.95
C LYS B 105 25.57 -23.07 -11.10
N CYS B 106 26.37 -23.70 -10.24
CA CYS B 106 26.66 -25.12 -10.38
C CYS B 106 25.77 -26.00 -9.51
N GLY B 107 24.95 -25.42 -8.64
CA GLY B 107 24.02 -26.19 -7.84
C GLY B 107 24.67 -27.13 -6.85
N LEU B 108 25.67 -26.66 -6.11
CA LEU B 108 26.49 -27.51 -5.28
C LEU B 108 26.18 -27.27 -3.80
N LEU B 109 26.33 -28.32 -3.02
CA LEU B 109 25.97 -28.34 -1.60
C LEU B 109 27.20 -28.75 -0.81
N SER B 110 27.68 -27.86 0.06
CA SER B 110 28.91 -28.13 0.80
C SER B 110 28.95 -27.23 2.01
N PRO B 111 29.52 -27.68 3.13
CA PRO B 111 29.58 -26.83 4.32
C PRO B 111 30.58 -25.70 4.15
N PHE B 112 30.39 -24.67 4.97
CA PHE B 112 31.24 -23.48 4.89
C PHE B 112 32.68 -23.81 5.24
N ASP B 113 32.89 -24.70 6.20
CA ASP B 113 34.22 -24.98 6.71
C ASP B 113 34.82 -26.29 6.18
N ASP B 114 34.56 -26.61 4.91
CA ASP B 114 35.45 -27.48 4.17
C ASP B 114 36.63 -26.71 3.57
N GLY B 115 36.43 -25.44 3.23
CA GLY B 115 37.44 -24.64 2.59
C GLY B 115 37.15 -24.26 1.15
N LEU B 116 36.03 -24.72 0.59
CA LEU B 116 35.70 -24.44 -0.80
C LEU B 116 34.87 -23.19 -0.99
N LEU B 117 34.57 -22.45 0.08
CA LEU B 117 33.77 -21.24 -0.01
C LEU B 117 34.54 -20.07 0.58
N GLU B 118 34.41 -18.91 -0.05
CA GLU B 118 35.15 -17.72 0.33
C GLU B 118 34.16 -16.59 0.59
N ILE B 119 34.62 -15.56 1.29
CA ILE B 119 33.78 -14.47 1.75
C ILE B 119 34.24 -13.15 1.14
N LYS B 120 33.31 -12.40 0.55
CA LYS B 120 33.54 -11.07 0.01
C LYS B 120 32.86 -10.04 0.90
N GLU B 121 33.38 -8.81 0.89
CA GLU B 121 32.77 -7.74 1.67
C GLU B 121 33.09 -6.39 1.07
N ASP B 122 32.30 -5.40 1.53
CA ASP B 122 32.61 -3.98 1.30
C ASP B 122 32.17 -3.25 2.55
N ARG B 123 33.10 -2.56 3.22
CA ARG B 123 32.86 -2.16 4.60
C ARG B 123 31.93 -0.95 4.71
N PHE B 124 31.97 -0.03 3.75
CA PHE B 124 31.11 1.15 3.84
C PHE B 124 29.65 0.84 3.59
N ARG B 125 29.34 -0.29 2.96
CA ARG B 125 28.01 -0.66 2.49
C ARG B 125 27.69 -2.10 2.88
N ALA B 126 27.82 -2.39 4.18
CA ALA B 126 27.89 -3.75 4.72
C ALA B 126 26.70 -4.65 4.37
N GLU B 127 25.61 -4.10 3.83
CA GLU B 127 24.49 -4.91 3.42
C GLU B 127 24.77 -5.73 2.16
N ARG B 128 25.91 -5.51 1.50
CA ARG B 128 26.25 -6.23 0.29
C ARG B 128 27.24 -7.37 0.53
N THR B 129 27.57 -7.67 1.78
CA THR B 129 28.40 -8.81 2.12
C THR B 129 27.70 -10.11 1.75
N ARG B 130 28.44 -11.03 1.15
CA ARG B 130 27.90 -12.35 0.83
C ARG B 130 29.06 -13.34 0.71
N PHE B 131 28.72 -14.60 0.54
CA PHE B 131 29.67 -15.67 0.30
C PHE B 131 29.75 -15.97 -1.18
N VAL B 132 30.91 -16.47 -1.61
CA VAL B 132 31.14 -16.78 -3.02
C VAL B 132 31.73 -18.17 -3.18
N HIS B 133 31.38 -18.81 -4.28
CA HIS B 133 31.98 -20.08 -4.70
C HIS B 133 33.12 -19.74 -5.65
N LYS B 134 34.35 -19.92 -5.19
CA LYS B 134 35.51 -19.47 -5.94
C LYS B 134 35.80 -20.42 -7.10
N GLY B 135 35.97 -19.85 -8.29
CA GLY B 135 36.31 -20.65 -9.46
C GLY B 135 35.20 -21.58 -9.92
N CYS B 136 33.98 -21.06 -10.05
CA CYS B 136 32.88 -21.86 -10.56
C CYS B 136 33.02 -22.01 -12.08
N THR B 137 32.86 -23.23 -12.56
CA THR B 137 33.08 -23.52 -13.98
C THR B 137 31.85 -24.10 -14.67
N GLY B 138 30.71 -24.17 -14.00
CA GLY B 138 29.53 -24.80 -14.53
C GLY B 138 29.30 -26.18 -13.92
N SER B 139 28.11 -26.72 -14.19
CA SER B 139 27.74 -28.02 -13.62
C SER B 139 28.62 -29.14 -14.19
N LYS B 140 28.71 -29.20 -15.52
CA LYS B 140 29.67 -30.10 -16.15
C LYS B 140 31.09 -29.61 -15.98
N GLY B 141 31.29 -28.30 -15.82
CA GLY B 141 32.61 -27.73 -15.70
C GLY B 141 33.27 -27.46 -17.04
N ASN B 142 32.67 -26.59 -17.86
CA ASN B 142 33.24 -26.25 -19.15
C ASN B 142 33.10 -24.78 -19.52
N LEU B 143 33.24 -23.87 -18.57
CA LEU B 143 33.20 -22.43 -18.82
C LEU B 143 34.39 -21.74 -18.18
N PRO B 144 34.72 -20.52 -18.63
CA PRO B 144 35.78 -19.76 -17.95
C PRO B 144 35.44 -19.48 -16.49
N ALA B 145 36.45 -19.61 -15.63
CA ALA B 145 36.24 -19.57 -14.20
C ALA B 145 35.95 -18.16 -13.72
N LYS B 146 35.06 -18.06 -12.74
CA LYS B 146 34.59 -16.77 -12.25
C LYS B 146 34.17 -16.96 -10.80
N ASP B 147 33.42 -15.99 -10.29
CA ASP B 147 32.85 -16.07 -8.94
C ASP B 147 31.34 -15.95 -9.01
N ALA B 148 30.66 -16.81 -8.27
CA ALA B 148 29.20 -16.81 -8.19
C ALA B 148 28.77 -16.63 -6.75
N ASP B 149 27.48 -16.38 -6.57
CA ASP B 149 26.92 -16.07 -5.27
C ASP B 149 26.45 -17.34 -4.57
N ALA B 150 26.59 -17.38 -3.25
CA ALA B 150 26.21 -18.53 -2.44
C ALA B 150 25.09 -18.15 -1.50
N VAL B 151 24.07 -19.02 -1.43
CA VAL B 151 22.88 -18.78 -0.64
C VAL B 151 22.73 -19.92 0.36
N PRO B 152 22.09 -19.66 1.51
CA PRO B 152 21.93 -20.72 2.50
C PRO B 152 20.92 -21.77 2.07
N ALA B 153 21.02 -22.94 2.71
CA ALA B 153 20.03 -24.01 2.58
C ALA B 153 18.97 -23.83 3.65
N ARG B 154 17.72 -24.14 3.30
CA ARG B 154 16.56 -23.63 4.01
C ARG B 154 15.76 -24.72 4.73
N PHE B 155 16.44 -25.66 5.39
CA PHE B 155 15.81 -26.63 6.27
C PHE B 155 16.71 -26.84 7.46
N LEU B 156 16.11 -27.05 8.63
CA LEU B 156 16.87 -27.23 9.86
C LEU B 156 16.32 -28.43 10.60
N LEU B 157 16.82 -28.64 11.82
CA LEU B 157 16.39 -29.76 12.65
C LEU B 157 16.15 -29.26 14.06
N ALA B 158 14.92 -29.37 14.53
CA ALA B 158 14.51 -28.81 15.81
C ALA B 158 14.14 -29.91 16.79
N CYS B 159 14.49 -29.69 18.05
CA CYS B 159 14.19 -30.60 19.14
C CYS B 159 13.35 -29.86 20.16
N ARG B 160 12.34 -30.55 20.71
CA ARG B 160 11.37 -29.91 21.58
C ARG B 160 12.02 -29.37 22.86
N ASP B 161 13.05 -30.04 23.36
CA ASP B 161 13.66 -29.66 24.61
C ASP B 161 14.54 -28.42 24.51
N GLY B 162 14.82 -27.93 23.31
CA GLY B 162 15.53 -26.68 23.18
C GLY B 162 16.69 -26.67 22.20
N HIS B 163 16.96 -27.79 21.55
CA HIS B 163 18.11 -27.87 20.66
C HIS B 163 17.74 -27.59 19.22
N LEU B 164 18.66 -26.94 18.52
CA LEU B 164 18.59 -26.73 17.08
C LEU B 164 19.95 -27.10 16.48
N ASP B 165 19.93 -27.67 15.29
CA ASP B 165 21.16 -28.19 14.71
C ASP B 165 20.94 -28.29 13.19
N ASP B 166 22.03 -28.48 12.46
CA ASP B 166 21.95 -28.59 11.00
C ASP B 166 21.22 -29.87 10.58
N PHE B 167 20.64 -29.82 9.39
CA PHE B 167 19.98 -30.99 8.84
C PHE B 167 21.02 -32.04 8.45
N PRO B 168 20.77 -33.32 8.73
CA PRO B 168 21.72 -34.37 8.33
C PRO B 168 21.55 -34.77 6.87
N TRP B 169 22.26 -34.10 5.97
CA TRP B 169 22.10 -34.34 4.54
C TRP B 169 22.65 -35.70 4.14
N HIS B 170 23.82 -36.06 4.65
CA HIS B 170 24.52 -37.25 4.18
C HIS B 170 23.77 -38.52 4.58
N TYR B 171 23.34 -38.58 5.84
CA TYR B 171 22.59 -39.72 6.33
C TYR B 171 21.26 -39.86 5.62
N PHE B 172 20.61 -38.73 5.35
CA PHE B 172 19.32 -38.77 4.68
C PHE B 172 19.46 -39.25 3.25
N VAL B 173 20.52 -38.83 2.56
CA VAL B 173 20.61 -39.17 1.14
C VAL B 173 21.13 -40.59 0.95
N HIS B 174 21.97 -41.07 1.86
CA HIS B 174 22.53 -42.42 1.68
C HIS B 174 21.69 -43.50 2.35
N GLY B 175 20.52 -43.16 2.87
CA GLY B 175 19.62 -44.14 3.46
C GLY B 175 20.16 -44.77 4.72
N GLY B 176 20.87 -43.99 5.53
CA GLY B 176 21.55 -44.48 6.70
C GLY B 176 23.03 -44.18 6.61
N ASN B 177 23.81 -44.92 7.41
CA ASN B 177 25.25 -44.73 7.40
C ASN B 177 25.85 -45.29 6.12
N SER B 178 26.90 -44.62 5.63
CA SER B 178 27.60 -45.05 4.43
C SER B 178 28.99 -44.44 4.45
N THR B 179 29.88 -45.02 3.65
CA THR B 179 31.29 -44.69 3.66
C THR B 179 31.66 -43.67 2.59
N CYS B 180 30.72 -43.33 1.70
CA CYS B 180 31.02 -42.52 0.53
C CYS B 180 31.44 -41.11 0.91
N LYS B 181 32.25 -40.49 0.05
CA LYS B 181 32.76 -39.14 0.25
C LYS B 181 32.66 -38.34 -1.04
N GLY B 182 31.52 -38.40 -1.70
CA GLY B 182 31.27 -37.65 -2.91
C GLY B 182 30.72 -36.27 -2.65
N THR B 183 30.10 -35.69 -3.67
CA THR B 183 29.46 -34.39 -3.59
C THR B 183 27.98 -34.52 -3.92
N LEU B 184 27.23 -33.45 -3.66
CA LEU B 184 25.77 -33.49 -3.70
C LEU B 184 25.25 -32.32 -4.53
N ARG B 185 24.04 -32.50 -5.07
CA ARG B 185 23.39 -31.48 -5.90
C ARG B 185 21.93 -31.34 -5.49
N PHE B 186 21.26 -30.34 -6.07
CA PHE B 186 19.81 -30.24 -6.07
C PHE B 186 19.26 -30.38 -7.48
N PHE B 187 18.12 -31.03 -7.60
CA PHE B 187 17.41 -31.17 -8.86
C PHE B 187 15.97 -30.72 -8.64
N GLU B 188 15.34 -30.21 -9.71
CA GLU B 188 13.95 -29.82 -9.64
C GLU B 188 13.13 -30.65 -10.59
N SER B 189 11.83 -30.35 -10.64
CA SER B 189 10.89 -31.20 -11.36
C SER B 189 11.07 -31.11 -12.86
N GLY B 190 11.62 -30.01 -13.35
CA GLY B 190 11.80 -29.85 -14.78
C GLY B 190 10.54 -29.58 -15.56
N ALA B 191 9.40 -29.44 -14.88
CA ALA B 191 8.14 -29.07 -15.51
C ALA B 191 7.85 -27.61 -15.24
N SER B 192 6.93 -27.06 -16.03
CA SER B 192 6.59 -25.66 -15.89
C SER B 192 5.56 -25.40 -14.80
N LEU B 193 5.04 -26.44 -14.16
CA LEU B 193 3.87 -26.28 -13.31
C LEU B 193 4.10 -26.76 -11.89
N GLN B 194 4.84 -27.85 -11.68
CA GLN B 194 5.24 -28.22 -10.34
C GLN B 194 6.25 -27.23 -9.80
N THR B 195 6.13 -26.90 -8.52
CA THR B 195 6.87 -25.77 -7.97
C THR B 195 7.59 -26.08 -6.66
N GLU B 196 7.15 -27.04 -5.87
CA GLU B 196 7.69 -27.23 -4.53
C GLU B 196 8.62 -28.44 -4.39
N ASN B 197 8.74 -29.30 -5.39
CA ASN B 197 9.50 -30.53 -5.25
C ASN B 197 11.00 -30.29 -5.31
N LEU B 198 11.74 -31.10 -4.57
CA LEU B 198 13.19 -31.05 -4.52
C LEU B 198 13.74 -32.47 -4.55
N TRP B 199 14.99 -32.60 -5.00
CA TRP B 199 15.64 -33.90 -5.09
C TRP B 199 17.12 -33.73 -4.79
N VAL B 200 17.71 -34.73 -4.15
CA VAL B 200 19.13 -34.73 -3.80
C VAL B 200 19.80 -35.94 -4.44
N ARG B 201 20.90 -35.70 -5.14
CA ARG B 201 21.54 -36.74 -5.93
C ARG B 201 23.02 -36.79 -5.58
N CYS B 202 23.53 -38.02 -5.44
CA CYS B 202 24.95 -38.26 -5.19
C CYS B 202 25.68 -38.41 -6.51
N ASP B 203 26.89 -37.84 -6.59
CA ASP B 203 27.63 -37.83 -7.84
C ASP B 203 28.33 -39.16 -8.10
N SER B 204 28.61 -39.93 -7.06
CA SER B 204 29.32 -41.19 -7.20
C SER B 204 28.41 -42.40 -7.00
N CYS B 205 27.65 -42.44 -5.90
CA CYS B 205 26.75 -43.56 -5.66
C CYS B 205 25.47 -43.48 -6.48
N GLU B 206 25.15 -42.32 -7.04
CA GLU B 206 23.87 -42.01 -7.68
C GLU B 206 22.68 -42.30 -6.78
N ALA B 207 22.80 -42.05 -5.49
CA ALA B 207 21.66 -42.18 -4.60
C ALA B 207 20.77 -40.95 -4.73
N SER B 208 19.48 -41.18 -5.00
CA SER B 208 18.53 -40.11 -5.21
C SER B 208 17.38 -40.24 -4.23
N ARG B 209 16.91 -39.10 -3.72
CA ARG B 209 15.82 -39.08 -2.77
C ARG B 209 15.15 -37.71 -2.84
N SER B 210 13.93 -37.63 -2.30
CA SER B 210 13.14 -36.41 -2.33
C SER B 210 12.99 -35.84 -0.92
N MET B 211 12.71 -34.54 -0.86
CA MET B 211 12.58 -33.84 0.41
C MET B 211 11.21 -34.03 1.05
N ALA B 212 10.27 -34.66 0.36
CA ALA B 212 8.95 -34.86 0.93
C ALA B 212 8.97 -35.89 2.05
N HIS B 213 9.95 -36.78 2.04
CA HIS B 213 10.04 -37.87 3.01
C HIS B 213 10.62 -37.44 4.35
N ALA B 214 10.67 -36.15 4.63
CA ALA B 214 11.12 -35.67 5.93
C ALA B 214 9.99 -35.12 6.79
N PHE B 215 8.82 -34.90 6.21
CA PHE B 215 7.68 -34.38 6.94
C PHE B 215 6.57 -35.42 6.97
N GLY B 216 5.69 -35.29 7.96
CA GLY B 216 4.56 -36.19 8.05
C GLY B 216 4.87 -37.45 8.85
N LYS B 217 4.16 -38.52 8.52
CA LYS B 217 4.32 -39.78 9.24
C LYS B 217 5.58 -40.52 8.81
N ALA B 218 6.10 -40.22 7.62
CA ALA B 218 7.31 -40.87 7.15
C ALA B 218 8.56 -40.33 7.82
N GLY B 219 8.44 -39.20 8.53
CA GLY B 219 9.61 -38.59 9.14
C GLY B 219 10.15 -39.39 10.30
N LYS B 220 9.27 -40.13 11.00
CA LYS B 220 9.70 -40.88 12.17
C LYS B 220 10.61 -42.04 11.79
N GLU B 221 10.44 -42.58 10.58
CA GLU B 221 11.23 -43.71 10.14
C GLU B 221 12.50 -43.32 9.42
N ASN B 222 12.72 -42.04 9.14
CA ASN B 222 13.81 -41.63 8.27
C ASN B 222 14.79 -40.66 8.92
N LEU B 223 14.48 -40.09 10.05
CA LEU B 223 15.44 -39.13 10.57
C LEU B 223 16.14 -39.69 11.80
N PRO B 224 17.39 -39.32 12.05
CA PRO B 224 18.11 -39.88 13.20
C PRO B 224 17.86 -39.13 14.50
N ALA B 225 18.51 -39.56 15.56
CA ALA B 225 18.24 -39.04 16.89
C ALA B 225 18.93 -37.69 17.11
N CYS B 226 18.41 -36.93 18.06
CA CYS B 226 18.94 -35.62 18.40
C CYS B 226 20.36 -35.75 18.94
N ARG B 227 21.18 -34.73 18.65
CA ARG B 227 22.57 -34.71 19.10
C ARG B 227 22.80 -33.87 20.34
N GLY B 228 21.96 -32.87 20.59
CA GLY B 228 22.08 -32.07 21.80
C GLY B 228 22.97 -30.85 21.65
N ARG B 229 22.70 -30.02 20.65
CA ARG B 229 23.54 -28.88 20.33
C ARG B 229 22.84 -27.58 20.65
N HIS B 230 23.39 -26.81 21.59
CA HIS B 230 22.99 -25.44 21.84
C HIS B 230 23.94 -24.53 21.06
N PRO B 231 23.54 -24.03 19.89
CA PRO B 231 24.50 -23.34 19.03
C PRO B 231 25.01 -22.05 19.62
N HIS B 232 24.19 -21.36 20.41
CA HIS B 232 24.59 -20.06 20.91
C HIS B 232 25.55 -20.16 22.08
N LEU B 233 25.75 -21.35 22.63
CA LEU B 233 26.69 -21.52 23.74
C LEU B 233 27.95 -22.28 23.35
N ASP B 234 27.98 -22.87 22.15
CA ASP B 234 29.08 -23.72 21.67
C ASP B 234 29.35 -24.86 22.65
N GLN B 235 28.35 -25.73 22.78
CA GLN B 235 28.32 -26.69 23.87
C GLN B 235 27.38 -27.83 23.49
N PHE B 236 27.77 -29.06 23.84
CA PHE B 236 27.00 -30.26 23.51
C PHE B 236 26.60 -30.98 24.78
N ASP B 237 25.35 -31.42 24.85
CA ASP B 237 24.91 -32.33 25.90
C ASP B 237 25.27 -33.76 25.53
N ILE B 238 25.08 -34.66 26.49
CA ILE B 238 25.52 -36.04 26.31
C ILE B 238 24.57 -36.80 25.41
N ASP B 239 23.28 -36.81 25.75
CA ASP B 239 22.28 -37.50 24.95
C ASP B 239 20.92 -36.85 25.19
N CYS B 240 20.00 -37.08 24.26
CA CYS B 240 18.67 -36.49 24.33
C CYS B 240 17.65 -37.51 23.88
N GLY B 241 16.75 -37.89 24.79
CA GLY B 241 15.76 -38.91 24.50
C GLY B 241 14.55 -38.45 23.74
N GLU B 242 14.42 -37.16 23.47
CA GLU B 242 13.24 -36.66 22.80
C GLU B 242 13.30 -36.98 21.31
N GLU B 243 12.15 -36.88 20.66
CA GLU B 243 12.15 -37.13 19.23
C GLU B 243 12.32 -35.82 18.46
N PRO B 244 12.99 -35.85 17.32
CA PRO B 244 13.25 -34.62 16.57
C PRO B 244 12.16 -34.29 15.57
N ARG B 245 12.24 -33.06 15.05
CA ARG B 245 11.29 -32.54 14.09
C ARG B 245 12.00 -31.61 13.13
N ALA B 246 11.62 -31.66 11.85
CA ALA B 246 12.22 -30.82 10.83
C ALA B 246 11.39 -29.56 10.63
N VAL B 247 12.08 -28.42 10.51
CA VAL B 247 11.45 -27.11 10.42
C VAL B 247 12.08 -26.36 9.26
N LEU B 248 11.32 -25.44 8.66
CA LEU B 248 11.82 -24.58 7.60
C LEU B 248 12.58 -23.39 8.19
N LEU B 249 13.31 -22.70 7.31
CA LEU B 249 14.01 -21.49 7.70
C LEU B 249 13.04 -20.32 7.73
N GLY B 250 13.03 -19.59 8.85
CA GLY B 250 12.19 -18.42 8.97
C GLY B 250 10.75 -18.69 9.35
N ALA B 251 10.39 -19.93 9.66
CA ALA B 251 9.03 -20.21 10.08
C ALA B 251 8.80 -19.71 11.50
N THR B 252 7.54 -19.46 11.82
CA THR B 252 7.21 -18.82 13.10
C THR B 252 7.30 -19.77 14.28
N ASN B 253 7.37 -21.08 14.05
CA ASN B 253 7.36 -22.05 15.13
C ASN B 253 8.75 -22.51 15.55
N SER B 254 9.76 -21.64 15.41
CA SER B 254 11.13 -22.01 15.72
C SER B 254 11.72 -21.27 16.92
N TRP B 255 11.16 -20.13 17.30
CA TRP B 255 11.64 -19.42 18.49
C TRP B 255 10.46 -18.72 19.15
N PHE B 256 10.29 -18.94 20.45
CA PHE B 256 9.27 -18.30 21.25
C PHE B 256 9.94 -17.67 22.46
N PRO B 257 9.57 -16.46 22.83
CA PRO B 257 10.18 -15.81 24.00
C PRO B 257 9.39 -16.03 25.28
N ILE B 258 10.08 -15.82 26.40
CA ILE B 258 9.47 -15.82 27.72
C ILE B 258 9.61 -14.41 28.27
N THR B 259 8.48 -13.79 28.62
CA THR B 259 8.44 -12.38 28.97
C THR B 259 7.75 -12.15 30.31
N LEU B 260 8.05 -11.01 30.92
CA LEU B 260 7.46 -10.59 32.18
C LEU B 260 7.40 -9.08 32.20
N SER B 261 6.19 -8.52 32.19
CA SER B 261 6.00 -7.09 32.01
C SER B 261 5.20 -6.52 33.18
N ALA B 262 5.34 -5.21 33.37
CA ALA B 262 4.70 -4.53 34.49
C ALA B 262 4.32 -3.12 34.08
N LEU B 263 3.35 -2.55 34.80
CA LEU B 263 2.94 -1.16 34.60
C LEU B 263 3.54 -0.28 35.68
N ALA B 264 3.87 0.95 35.30
CA ALA B 264 4.51 1.90 36.20
C ALA B 264 3.42 2.69 36.92
N ILE B 265 3.08 2.22 38.11
CA ILE B 265 1.99 2.80 38.88
C ILE B 265 2.58 3.59 40.05
N PRO B 266 1.86 4.55 40.63
CA PRO B 266 2.37 5.26 41.81
C PRO B 266 2.55 4.36 43.03
N GLN B 267 3.30 4.84 44.00
CA GLN B 267 3.56 4.05 45.20
C GLN B 267 3.24 4.81 46.47
N ALA B 335 2.10 -11.32 46.63
CA ALA B 335 2.96 -10.36 45.95
C ALA B 335 2.89 -10.54 44.44
N ASP B 336 1.69 -10.70 43.92
CA ASP B 336 1.48 -10.87 42.49
C ASP B 336 1.74 -9.55 41.78
N ILE B 337 2.00 -9.64 40.47
CA ILE B 337 2.20 -8.44 39.67
C ILE B 337 0.91 -7.64 39.56
N LYS B 338 -0.19 -8.30 39.22
CA LYS B 338 -1.40 -7.61 38.79
C LYS B 338 -2.31 -7.18 39.94
N GLY B 339 -1.87 -7.28 41.18
CA GLY B 339 -2.67 -6.91 42.31
C GLY B 339 -2.83 -5.41 42.50
N PRO B 340 -1.72 -4.73 42.78
CA PRO B 340 -1.79 -3.26 42.91
C PRO B 340 -2.21 -2.53 41.64
N GLU B 341 -2.07 -3.13 40.46
CA GLU B 341 -2.60 -2.52 39.25
C GLU B 341 -4.11 -2.38 39.33
N TRP B 342 -4.80 -3.45 39.72
CA TRP B 342 -6.24 -3.40 39.87
C TRP B 342 -6.64 -2.53 41.05
N GLU B 343 -5.84 -2.55 42.13
CA GLU B 343 -6.16 -1.71 43.27
C GLU B 343 -6.09 -0.23 42.91
N VAL B 344 -5.09 0.17 42.13
CA VAL B 344 -4.92 1.58 41.78
C VAL B 344 -5.92 2.01 40.73
N LEU B 345 -6.09 1.20 39.66
CA LEU B 345 -6.90 1.63 38.52
C LEU B 345 -8.38 1.77 38.85
N THR B 346 -8.87 1.16 39.94
CA THR B 346 -10.29 1.21 40.28
C THR B 346 -10.55 1.95 41.58
N GLU B 347 -9.67 2.87 41.96
CA GLU B 347 -9.92 3.71 43.12
C GLU B 347 -10.99 4.74 42.77
N ALA B 348 -11.56 5.35 43.80
CA ALA B 348 -12.55 6.41 43.60
C ALA B 348 -11.94 7.61 42.88
N ASN B 349 -10.72 7.99 43.26
CA ASN B 349 -10.00 9.13 42.68
C ASN B 349 -8.61 8.67 42.28
N PRO B 350 -8.43 8.23 41.03
CA PRO B 350 -7.10 7.80 40.59
C PRO B 350 -6.12 8.94 40.58
N PRO B 351 -4.95 8.76 41.21
CA PRO B 351 -4.03 9.88 41.41
C PRO B 351 -3.44 10.40 40.11
N THR B 352 -3.11 11.70 40.11
CA THR B 352 -2.57 12.36 38.93
C THR B 352 -1.40 13.29 39.27
N ASP B 353 -0.66 13.03 40.34
CA ASP B 353 0.48 13.87 40.69
C ASP B 353 1.80 13.30 40.22
N TYR B 354 1.88 12.00 39.94
CA TYR B 354 3.08 11.42 39.38
C TYR B 354 3.21 11.80 37.90
N PRO B 355 4.45 12.00 37.41
CA PRO B 355 4.65 12.48 36.03
C PRO B 355 4.14 11.56 34.93
N HIS B 356 4.20 10.25 35.13
CA HIS B 356 3.94 9.30 34.07
C HIS B 356 2.59 8.61 34.20
N PHE B 357 1.70 9.13 35.05
CA PHE B 357 0.38 8.53 35.25
C PHE B 357 -0.63 9.66 35.34
N MET B 358 -1.48 9.78 34.33
CA MET B 358 -2.49 10.85 34.29
C MET B 358 -3.74 10.31 33.62
N SER B 359 -4.88 10.44 34.28
CA SER B 359 -6.10 9.75 33.89
C SER B 359 -7.30 10.67 33.89
N LYS B 360 -8.28 10.36 33.04
CA LYS B 360 -9.52 11.10 32.91
C LYS B 360 -10.70 10.14 32.89
N LYS B 361 -11.86 10.64 33.29
CA LYS B 361 -13.05 9.82 33.57
C LYS B 361 -14.19 10.06 32.59
N ILE B 362 -13.89 10.13 31.29
CA ILE B 362 -14.87 10.65 30.34
C ILE B 362 -15.86 9.54 29.96
N GLY B 363 -17.12 9.74 30.34
CA GLY B 363 -18.26 9.13 29.67
C GLY B 363 -18.51 7.66 29.97
N THR B 364 -19.59 7.16 29.32
CA THR B 364 -20.04 5.77 29.23
C THR B 364 -21.11 5.73 28.14
N PRO B 365 -21.09 4.76 27.22
CA PRO B 365 -22.05 4.77 26.11
C PRO B 365 -23.51 4.57 26.50
N ALA B 366 -24.40 4.64 25.52
CA ALA B 366 -25.84 4.70 25.77
C ALA B 366 -26.50 3.33 25.88
N GLN B 367 -26.21 2.42 24.94
CA GLN B 367 -26.81 1.10 24.97
C GLN B 367 -26.21 0.21 26.04
N PHE B 368 -25.04 0.54 26.56
CA PHE B 368 -24.28 -0.34 27.43
C PHE B 368 -24.31 0.09 28.88
N ILE B 369 -25.43 0.67 29.31
CA ILE B 369 -25.57 1.04 30.73
C ILE B 369 -25.52 -0.15 31.68
N PRO B 370 -26.30 -1.23 31.50
CA PRO B 370 -26.35 -2.25 32.56
C PRO B 370 -25.07 -3.04 32.75
N TYR B 371 -24.22 -3.12 31.72
CA TYR B 371 -23.04 -3.99 31.75
C TYR B 371 -21.78 -3.30 32.21
N ILE B 372 -21.56 -2.07 31.74
CA ILE B 372 -20.31 -1.35 31.93
C ILE B 372 -20.50 -0.34 33.05
N SER B 373 -19.60 -0.34 34.02
CA SER B 373 -19.74 0.56 35.17
C SER B 373 -18.85 1.78 35.09
N ARG B 374 -17.64 1.64 34.55
CA ARG B 374 -16.69 2.74 34.48
C ARG B 374 -15.87 2.58 33.21
N VAL B 375 -15.59 3.70 32.54
CA VAL B 375 -14.65 3.72 31.43
C VAL B 375 -13.62 4.81 31.71
N LEU B 376 -12.35 4.45 31.75
CA LEU B 376 -11.30 5.34 32.22
C LEU B 376 -10.26 5.49 31.13
N LEU B 377 -9.89 6.74 30.84
CA LEU B 377 -8.87 7.04 29.84
C LEU B 377 -7.54 7.33 30.51
N LEU B 378 -6.46 6.86 29.91
CA LEU B 378 -5.12 7.15 30.38
C LEU B 378 -4.41 7.99 29.32
N GLU B 379 -3.95 9.17 29.72
CA GLU B 379 -3.30 10.08 28.80
C GLU B 379 -1.78 9.89 28.79
N ARG B 380 -1.22 9.34 29.86
CA ARG B 380 0.21 9.09 29.97
C ARG B 380 0.42 7.76 30.67
N LEU B 381 1.11 6.84 29.98
CA LEU B 381 1.29 5.48 30.47
C LEU B 381 2.72 5.03 30.20
N ARG B 382 3.23 4.13 31.03
CA ARG B 382 4.60 3.66 30.94
C ARG B 382 4.69 2.20 31.34
N GLU B 383 5.32 1.39 30.48
CA GLU B 383 5.43 -0.05 30.71
C GLU B 383 6.86 -0.53 30.42
N VAL B 384 7.40 -1.31 31.35
CA VAL B 384 8.75 -1.87 31.23
C VAL B 384 8.62 -3.37 30.99
N ASN B 385 9.63 -3.97 30.38
CA ASN B 385 9.63 -5.38 30.05
C ASN B 385 10.90 -6.07 30.51
N ALA B 386 10.95 -7.39 30.29
CA ALA B 386 12.12 -8.20 30.60
C ALA B 386 12.07 -9.46 29.75
N LEU B 387 13.22 -10.13 29.64
CA LEU B 387 13.36 -11.35 28.85
C LEU B 387 14.15 -12.37 29.65
N LEU B 388 13.62 -13.61 29.71
CA LEU B 388 14.16 -14.61 30.62
C LEU B 388 14.56 -15.94 29.96
N GLY B 389 14.02 -16.29 28.80
CA GLY B 389 14.29 -17.59 28.25
C GLY B 389 13.70 -17.75 26.88
N PHE B 390 13.55 -19.00 26.45
CA PHE B 390 12.94 -19.31 25.17
C PHE B 390 12.61 -20.80 25.10
N THR B 391 11.80 -21.16 24.10
CA THR B 391 11.40 -22.53 23.81
C THR B 391 11.29 -22.67 22.30
N ARG B 392 11.32 -23.90 21.80
CA ARG B 392 11.55 -24.12 20.38
C ARG B 392 10.29 -24.44 19.56
N VAL B 393 9.62 -25.55 19.84
CA VAL B 393 8.64 -26.07 18.89
C VAL B 393 7.22 -25.70 19.30
N GLU B 394 6.93 -25.74 20.58
CA GLU B 394 5.61 -25.45 21.09
C GLU B 394 5.67 -24.21 21.95
N ALA B 395 4.57 -23.45 21.98
CA ALA B 395 4.48 -22.28 22.82
C ALA B 395 4.52 -22.71 24.29
N PRO B 396 5.06 -21.88 25.18
CA PRO B 396 5.20 -22.31 26.57
C PRO B 396 3.86 -22.38 27.29
N GLU B 397 3.87 -23.07 28.42
CA GLU B 397 2.65 -23.23 29.20
C GLU B 397 2.50 -22.07 30.19
N ARG B 405 10.03 -26.00 35.96
CA ARG B 405 10.10 -25.52 34.59
C ARG B 405 11.21 -26.22 33.82
N PRO B 406 10.96 -27.45 33.36
CA PRO B 406 12.03 -28.25 32.74
C PRO B 406 12.14 -28.20 31.23
N GLN B 407 11.25 -27.50 30.53
CA GLN B 407 11.33 -27.38 29.08
C GLN B 407 11.90 -26.04 28.63
N MET B 408 12.42 -25.23 29.53
CA MET B 408 12.91 -23.91 29.18
C MET B 408 14.43 -23.90 29.14
N ALA B 409 14.99 -23.12 28.22
CA ALA B 409 16.43 -23.07 27.98
C ALA B 409 16.99 -21.72 28.37
N SER B 410 18.14 -21.74 29.03
CA SER B 410 18.70 -20.55 29.64
C SER B 410 19.38 -19.66 28.59
N LEU B 411 19.86 -18.52 29.04
CA LEU B 411 20.51 -17.55 28.16
C LEU B 411 22.03 -17.59 28.26
N ALA B 412 22.59 -18.16 29.33
CA ALA B 412 24.02 -18.11 29.58
C ALA B 412 24.53 -19.47 30.03
N ARG B 413 25.84 -19.57 30.18
CA ARG B 413 26.47 -20.83 30.56
C ARG B 413 26.16 -21.20 32.00
N ASN B 414 26.04 -20.21 32.86
CA ASN B 414 25.70 -20.42 34.26
C ASN B 414 24.50 -19.57 34.62
N LYS B 415 24.25 -19.44 35.92
CA LYS B 415 23.22 -18.55 36.41
C LYS B 415 23.55 -17.11 36.02
N PRO B 416 22.65 -16.40 35.33
CA PRO B 416 23.01 -15.10 34.75
C PRO B 416 23.09 -14.00 35.81
N GLU B 417 23.58 -12.85 35.37
CA GLU B 417 23.79 -11.71 36.25
C GLU B 417 23.06 -10.45 35.82
N TRP B 418 22.56 -10.39 34.58
CA TRP B 418 21.65 -9.34 34.17
C TRP B 418 20.79 -9.88 33.06
N VAL B 419 19.66 -9.22 32.81
CA VAL B 419 18.72 -9.63 31.77
C VAL B 419 18.40 -8.43 30.89
N PRO B 420 18.08 -8.63 29.61
CA PRO B 420 17.67 -7.51 28.76
C PRO B 420 16.33 -6.92 29.18
N ALA B 421 16.17 -5.63 28.90
CA ALA B 421 14.98 -4.89 29.33
C ALA B 421 14.63 -3.87 28.28
N ASN B 422 13.48 -3.22 28.47
CA ASN B 422 12.94 -2.25 27.53
C ASN B 422 11.90 -1.40 28.25
N GLN B 423 11.60 -0.23 27.68
CA GLN B 423 10.50 0.60 28.20
C GLN B 423 9.91 1.44 27.07
N VAL B 424 8.60 1.68 27.14
CA VAL B 424 7.86 2.44 26.14
C VAL B 424 6.87 3.35 26.86
N HIS B 425 6.80 4.60 26.42
CA HIS B 425 5.81 5.57 26.91
C HIS B 425 4.63 5.63 25.94
N GLY B 426 3.43 5.46 26.45
CA GLY B 426 2.26 5.38 25.61
C GLY B 426 0.98 5.78 26.31
N GLU B 427 -0.14 5.25 25.81
CA GLU B 427 -1.46 5.64 26.25
C GLU B 427 -2.42 4.45 26.13
N GLY B 428 -3.48 4.44 26.95
CA GLY B 428 -4.36 3.30 27.00
C GLY B 428 -5.79 3.63 27.37
N ILE B 429 -6.64 2.58 27.33
CA ILE B 429 -8.08 2.65 27.57
C ILE B 429 -8.48 1.52 28.50
N PHE B 430 -9.18 1.85 29.58
CA PHE B 430 -9.55 0.86 30.60
C PHE B 430 -11.06 0.76 30.70
N ILE B 431 -11.59 -0.47 30.59
CA ILE B 431 -13.02 -0.76 30.62
C ILE B 431 -13.30 -1.63 31.83
N GLN B 432 -14.28 -1.23 32.65
CA GLN B 432 -14.70 -2.01 33.80
C GLN B 432 -16.12 -2.49 33.61
N PHE B 433 -16.42 -3.66 34.19
CA PHE B 433 -17.70 -4.32 34.01
C PHE B 433 -18.42 -4.47 35.34
N ASN B 434 -19.73 -4.72 35.26
CA ASN B 434 -20.58 -4.75 36.43
C ASN B 434 -20.52 -6.12 37.12
N GLU B 435 -20.41 -6.10 38.45
CA GLU B 435 -20.22 -7.33 39.21
C GLU B 435 -21.49 -8.18 39.23
N LYS B 436 -22.62 -7.57 39.54
CA LYS B 436 -23.86 -8.31 39.77
C LYS B 436 -24.37 -8.96 38.49
N THR B 437 -24.22 -8.26 37.36
CA THR B 437 -24.60 -8.82 36.07
C THR B 437 -23.78 -10.07 35.76
N LEU B 438 -22.49 -10.04 36.09
CA LEU B 438 -21.64 -11.19 35.84
C LEU B 438 -22.00 -12.36 36.74
N VAL B 439 -22.23 -12.10 38.03
CA VAL B 439 -22.55 -13.18 38.96
C VAL B 439 -23.89 -13.81 38.60
N ALA B 440 -24.84 -13.00 38.11
CA ALA B 440 -26.10 -13.57 37.62
C ALA B 440 -25.87 -14.47 36.43
N TRP B 441 -24.99 -14.07 35.51
CA TRP B 441 -24.74 -14.83 34.29
C TRP B 441 -23.89 -16.07 34.53
N GLU B 442 -23.13 -16.11 35.63
CA GLU B 442 -22.25 -17.25 35.88
C GLU B 442 -23.02 -18.50 36.27
N SER B 443 -24.23 -18.36 36.81
CA SER B 443 -24.96 -19.48 37.38
C SER B 443 -26.08 -20.00 36.49
N LEU B 444 -26.07 -19.71 35.20
CA LEU B 444 -27.06 -20.28 34.29
C LEU B 444 -26.68 -21.72 33.92
N ASP B 445 -27.39 -22.28 32.95
CA ASP B 445 -27.21 -23.69 32.62
C ASP B 445 -26.26 -23.92 31.44
N ALA B 446 -26.51 -23.24 30.31
CA ALA B 446 -25.66 -23.43 29.13
C ALA B 446 -24.24 -22.97 29.39
N VAL B 447 -24.07 -21.99 30.27
CA VAL B 447 -22.75 -21.56 30.71
C VAL B 447 -22.04 -22.70 31.44
N LYS B 448 -22.76 -23.41 32.30
CA LYS B 448 -22.16 -24.54 33.02
C LYS B 448 -21.80 -25.68 32.08
N GLN B 449 -22.64 -25.92 31.07
CA GLN B 449 -22.33 -26.98 30.11
C GLN B 449 -21.09 -26.65 29.29
N VAL B 450 -20.96 -25.39 28.85
CA VAL B 450 -19.77 -24.97 28.10
C VAL B 450 -18.53 -25.01 28.98
N ASP B 451 -18.68 -24.67 30.26
CA ASP B 451 -17.56 -24.76 31.20
C ASP B 451 -17.10 -26.20 31.40
N GLU B 452 -18.05 -27.13 31.49
CA GLU B 452 -17.68 -28.54 31.62
C GLU B 452 -16.96 -29.05 30.37
N MET B 453 -17.42 -28.62 29.19
CA MET B 453 -16.75 -28.99 27.95
C MET B 453 -15.30 -28.47 27.91
N LEU B 454 -15.10 -27.21 28.31
CA LEU B 454 -13.75 -26.65 28.28
C LEU B 454 -12.85 -27.31 29.31
N ARG B 455 -13.38 -27.66 30.47
CA ARG B 455 -12.52 -28.30 31.47
C ARG B 455 -12.15 -29.72 31.04
N GLY B 456 -13.06 -30.42 30.35
CA GLY B 456 -12.69 -31.70 29.77
C GLY B 456 -11.58 -31.58 28.74
N GLY B 457 -11.67 -30.54 27.89
CA GLY B 457 -10.59 -30.30 26.93
C GLY B 457 -9.26 -29.96 27.59
N HIS B 458 -9.29 -29.20 28.68
CA HIS B 458 -8.07 -28.85 29.40
C HIS B 458 -7.43 -30.09 30.00
N THR B 459 -8.25 -30.98 30.57
CA THR B 459 -7.73 -32.23 31.11
C THR B 459 -7.14 -33.11 30.02
N GLY B 460 -7.79 -33.16 28.86
CA GLY B 460 -7.25 -33.92 27.75
C GLY B 460 -5.91 -33.37 27.26
N TRP B 461 -5.77 -32.04 27.23
CA TRP B 461 -4.53 -31.43 26.78
C TRP B 461 -3.38 -31.70 27.76
N ARG B 462 -3.63 -31.51 29.05
CA ARG B 462 -2.52 -31.66 30.00
C ARG B 462 -2.10 -33.11 30.24
N ASN B 463 -2.90 -34.08 29.80
CA ASN B 463 -2.50 -35.47 29.95
C ASN B 463 -1.39 -35.85 28.97
N SER B 464 -1.47 -35.34 27.74
CA SER B 464 -0.57 -35.75 26.67
C SER B 464 0.84 -35.19 26.81
N ARG B 465 1.13 -34.40 27.83
CA ARG B 465 2.45 -33.80 28.01
C ARG B 465 2.99 -34.02 29.41
N ASN B 466 2.39 -34.94 30.17
CA ASN B 466 2.86 -35.37 31.49
C ASN B 466 2.96 -34.21 32.47
N LEU B 467 1.82 -33.61 32.75
CA LEU B 467 1.71 -32.50 33.70
C LEU B 467 0.50 -32.73 34.59
N ASP B 468 0.50 -32.06 35.75
CA ASP B 468 -0.56 -32.17 36.73
C ASP B 468 -1.87 -31.65 36.14
N PRO B 469 -2.91 -32.46 36.02
CA PRO B 469 -4.11 -32.06 35.27
C PRO B 469 -5.19 -31.36 36.08
N ASN B 470 -4.92 -30.93 37.30
CA ASN B 470 -5.92 -30.29 38.15
C ASN B 470 -5.47 -28.91 38.62
N GLU B 471 -4.55 -28.29 37.89
CA GLU B 471 -4.00 -27.01 38.30
C GLU B 471 -4.04 -26.02 37.15
N ASP B 472 -3.97 -24.74 37.52
CA ASP B 472 -3.82 -23.61 36.60
C ASP B 472 -4.94 -23.54 35.57
N TYR B 473 -6.16 -23.82 35.99
CA TYR B 473 -7.30 -23.54 35.13
C TYR B 473 -7.76 -22.11 35.34
N PRO B 474 -7.86 -21.29 34.29
CA PRO B 474 -8.30 -19.90 34.47
C PRO B 474 -9.73 -19.73 34.97
N GLY B 475 -10.71 -20.25 34.23
CA GLY B 475 -12.10 -20.05 34.56
C GLY B 475 -12.93 -19.76 33.33
N ILE B 476 -14.22 -19.54 33.56
CA ILE B 476 -15.15 -19.31 32.46
C ILE B 476 -15.30 -17.82 32.17
N ARG B 477 -15.09 -16.96 33.17
CA ARG B 477 -15.12 -15.52 32.96
C ARG B 477 -14.00 -15.08 32.02
N TYR B 478 -12.85 -15.77 32.14
CA TYR B 478 -11.66 -15.43 31.37
C TYR B 478 -11.90 -15.59 29.89
N ALA B 479 -12.57 -16.67 29.48
CA ALA B 479 -12.79 -16.92 28.07
C ALA B 479 -13.65 -15.84 27.44
N MET B 480 -14.68 -15.39 28.16
CA MET B 480 -15.59 -14.37 27.65
C MET B 480 -14.88 -13.02 27.50
N LEU B 481 -14.19 -12.59 28.57
CA LEU B 481 -13.50 -11.30 28.51
C LEU B 481 -12.41 -11.31 27.45
N HIS B 482 -11.69 -12.43 27.34
CA HIS B 482 -10.54 -12.56 26.48
C HIS B 482 -10.98 -12.58 25.01
N THR B 483 -12.11 -13.23 24.73
CA THR B 483 -12.68 -13.22 23.40
C THR B 483 -13.12 -11.82 22.99
N LEU B 484 -13.76 -11.09 23.93
CA LEU B 484 -14.21 -9.73 23.62
C LEU B 484 -13.04 -8.82 23.31
N SER B 485 -11.94 -8.96 24.07
CA SER B 485 -10.72 -8.20 23.82
C SER B 485 -10.14 -8.47 22.44
N HIS B 486 -10.04 -9.74 22.07
CA HIS B 486 -9.49 -10.07 20.75
C HIS B 486 -10.35 -9.49 19.62
N LEU B 487 -11.67 -9.55 19.77
CA LEU B 487 -12.55 -8.96 18.75
C LEU B 487 -12.37 -7.45 18.66
N LEU B 488 -12.26 -6.79 19.81
CA LEU B 488 -12.09 -5.33 19.84
C LEU B 488 -10.80 -4.91 19.15
N ILE B 489 -9.71 -5.65 19.37
CA ILE B 489 -8.42 -5.33 18.73
C ILE B 489 -8.53 -5.51 17.22
N ARG B 490 -9.16 -6.59 16.77
CA ARG B 490 -9.35 -6.78 15.35
C ARG B 490 -10.16 -5.65 14.72
N GLU B 491 -11.16 -5.14 15.45
CA GLU B 491 -11.99 -4.09 14.86
C GLU B 491 -11.28 -2.74 14.87
N LEU B 492 -10.44 -2.49 15.87
CA LEU B 492 -9.58 -1.30 15.86
C LEU B 492 -8.67 -1.30 14.66
N ALA B 493 -8.12 -2.47 14.31
CA ALA B 493 -7.29 -2.55 13.11
C ALA B 493 -8.11 -2.35 11.84
N LEU B 494 -9.29 -2.97 11.76
CA LEU B 494 -10.07 -2.93 10.52
C LEU B 494 -10.63 -1.54 10.23
N GLU B 495 -11.11 -0.84 11.25
CA GLU B 495 -11.80 0.43 11.01
C GLU B 495 -10.82 1.57 10.77
N CYS B 496 -9.81 1.69 11.62
CA CYS B 496 -8.94 2.87 11.62
C CYS B 496 -7.70 2.70 10.75
N GLY B 497 -7.52 1.56 10.10
CA GLY B 497 -6.35 1.37 9.26
C GLY B 497 -5.04 1.19 9.99
N TYR B 498 -5.08 0.82 11.27
CA TYR B 498 -3.88 0.65 12.06
C TYR B 498 -3.12 -0.61 11.64
N ASN B 499 -1.93 -0.77 12.22
CA ASN B 499 -1.22 -2.02 12.12
C ASN B 499 -1.61 -2.94 13.27
N ALA B 500 -1.68 -4.24 12.98
CA ALA B 500 -2.18 -5.20 13.96
C ALA B 500 -1.23 -5.32 15.15
N ALA B 501 0.07 -5.30 14.91
CA ALA B 501 1.04 -5.52 15.97
C ALA B 501 1.20 -4.33 16.91
N SER B 502 0.56 -3.21 16.61
CA SER B 502 0.79 -1.98 17.37
C SER B 502 0.08 -1.96 18.71
N ILE B 503 -0.83 -2.91 18.97
CA ILE B 503 -1.78 -2.82 20.06
C ILE B 503 -1.61 -4.03 20.96
N ARG B 504 -1.62 -3.83 22.26
CA ARG B 504 -1.42 -4.91 23.21
C ARG B 504 -2.54 -4.96 24.24
N GLU B 505 -2.89 -6.16 24.67
CA GLU B 505 -3.97 -6.41 25.62
C GLU B 505 -3.44 -6.77 27.00
N ARG B 506 -4.33 -6.74 27.98
CA ARG B 506 -4.01 -7.11 29.36
C ARG B 506 -5.32 -7.31 30.12
N ILE B 507 -5.56 -8.54 30.61
CA ILE B 507 -6.84 -8.94 31.17
C ILE B 507 -6.71 -9.14 32.67
N TYR B 508 -7.79 -8.84 33.40
CA TYR B 508 -7.83 -8.89 34.87
C TYR B 508 -9.05 -9.72 35.29
N ALA B 509 -8.85 -11.01 35.59
CA ALA B 509 -10.00 -11.86 35.90
C ALA B 509 -9.75 -12.82 37.05
N ASP B 510 -8.85 -12.51 37.96
CA ASP B 510 -8.56 -13.40 39.06
C ASP B 510 -9.70 -13.41 40.06
N THR B 511 -10.03 -14.60 40.58
CA THR B 511 -11.14 -14.76 41.51
C THR B 511 -10.81 -15.67 42.69
N SER B 512 -9.55 -15.73 43.11
CA SER B 512 -9.14 -16.77 44.06
C SER B 512 -9.15 -16.28 45.51
N ASN B 513 -8.75 -15.04 45.75
CA ASN B 513 -8.54 -14.54 47.11
C ASN B 513 -9.70 -13.72 47.64
N GLY B 514 -10.86 -13.74 46.98
CA GLY B 514 -12.02 -13.03 47.48
C GLY B 514 -12.12 -11.58 47.08
N SER B 515 -11.20 -11.08 46.25
CA SER B 515 -11.31 -9.74 45.68
C SER B 515 -11.59 -9.89 44.19
N PRO B 516 -12.87 -10.01 43.79
CA PRO B 516 -13.18 -10.34 42.40
C PRO B 516 -12.75 -9.25 41.43
N GLN B 517 -12.40 -9.67 40.22
CA GLN B 517 -11.92 -8.78 39.19
C GLN B 517 -12.68 -9.01 37.89
N ALA B 518 -12.86 -7.94 37.13
CA ALA B 518 -13.41 -8.00 35.78
C ALA B 518 -13.05 -6.71 35.06
N GLY B 519 -12.28 -6.83 33.98
CA GLY B 519 -11.94 -5.66 33.17
C GLY B 519 -10.83 -6.00 32.21
N ILE B 520 -10.76 -5.24 31.13
CA ILE B 520 -9.70 -5.38 30.15
C ILE B 520 -8.93 -4.08 30.03
N LEU B 521 -7.69 -4.17 29.56
CA LEU B 521 -6.84 -3.03 29.23
C LEU B 521 -6.33 -3.17 27.81
N ILE B 522 -6.15 -2.04 27.14
CA ILE B 522 -5.56 -2.02 25.81
C ILE B 522 -4.63 -0.81 25.75
N TYR B 523 -3.35 -1.05 25.42
CA TYR B 523 -2.36 0.02 25.33
C TYR B 523 -1.63 -0.10 24.01
N THR B 524 -0.54 0.65 23.87
CA THR B 524 0.20 0.74 22.62
C THR B 524 1.52 0.00 22.73
N ALA B 525 1.89 -0.71 21.67
CA ALA B 525 3.07 -1.56 21.73
C ALA B 525 4.35 -0.75 21.57
N ALA B 526 4.52 -0.11 20.42
CA ALA B 526 5.78 0.52 20.05
C ALA B 526 5.75 2.01 20.35
N ALA B 527 6.94 2.62 20.32
CA ALA B 527 7.08 4.05 20.52
C ALA B 527 6.87 4.86 19.26
N ASP B 528 6.77 4.21 18.10
CA ASP B 528 6.62 4.89 16.81
C ASP B 528 5.48 4.27 16.01
N SER B 529 4.49 3.77 16.71
CA SER B 529 3.45 2.95 16.11
C SER B 529 2.28 3.82 15.62
N ASP B 530 1.19 3.16 15.26
CA ASP B 530 0.02 3.84 14.72
C ASP B 530 -0.88 4.29 15.86
N GLY B 531 -1.39 5.51 15.76
CA GLY B 531 -2.12 6.10 16.85
C GLY B 531 -1.28 6.39 18.08
N THR B 532 -0.07 6.92 17.88
CA THR B 532 0.85 7.11 19.01
C THR B 532 0.57 8.41 19.74
N LEU B 533 0.42 9.52 19.02
CA LEU B 533 0.28 10.83 19.65
C LEU B 533 -1.20 11.15 19.80
N GLY B 534 -1.81 10.59 20.84
CA GLY B 534 -3.19 10.88 21.16
C GLY B 534 -4.22 10.28 20.23
N GLY B 535 -3.86 9.28 19.43
CA GLY B 535 -4.81 8.75 18.47
C GLY B 535 -5.73 7.69 19.05
N LEU B 536 -5.25 6.94 20.03
CA LEU B 536 -6.07 5.90 20.64
C LEU B 536 -7.07 6.51 21.62
N VAL B 537 -6.66 7.53 22.38
CA VAL B 537 -7.53 8.17 23.35
C VAL B 537 -8.64 8.95 22.66
N ASP B 538 -8.47 9.30 21.39
CA ASP B 538 -9.56 9.88 20.61
C ASP B 538 -10.75 8.94 20.50
N LEU B 539 -10.48 7.63 20.40
CA LEU B 539 -11.55 6.68 20.24
C LEU B 539 -12.17 6.26 21.58
N GLY B 540 -11.67 6.77 22.69
CA GLY B 540 -12.25 6.46 23.98
C GLY B 540 -13.46 7.28 24.36
N LYS B 541 -13.85 8.23 23.52
CA LYS B 541 -15.01 9.05 23.79
C LYS B 541 -16.29 8.29 23.41
N PRO B 542 -17.40 8.58 24.09
CA PRO B 542 -18.60 7.75 23.91
C PRO B 542 -19.26 7.83 22.54
N GLU B 543 -18.86 8.78 21.69
CA GLU B 543 -19.48 8.87 20.37
C GLU B 543 -18.93 7.81 19.42
N ASN B 544 -17.71 7.33 19.63
CA ASN B 544 -17.06 6.40 18.73
C ASN B 544 -17.03 4.97 19.27
N LEU B 545 -16.92 4.81 20.60
CA LEU B 545 -16.74 3.49 21.18
C LEU B 545 -17.98 2.63 21.03
N GLY B 546 -19.17 3.23 21.13
CA GLY B 546 -20.38 2.47 20.93
C GLY B 546 -20.54 1.96 19.51
N ARG B 547 -20.19 2.79 18.53
CA ARG B 547 -20.23 2.37 17.14
C ARG B 547 -19.21 1.26 16.87
N LEU B 548 -18.02 1.38 17.46
CA LEU B 548 -17.01 0.35 17.29
C LEU B 548 -17.47 -0.98 17.90
N LEU B 549 -18.06 -0.93 19.09
CA LEU B 549 -18.55 -2.13 19.74
C LEU B 549 -19.68 -2.78 18.96
N VAL B 550 -20.62 -1.99 18.45
CA VAL B 550 -21.75 -2.54 17.70
C VAL B 550 -21.28 -3.20 16.43
N GLN B 551 -20.36 -2.55 15.70
CA GLN B 551 -19.84 -3.17 14.49
C GLN B 551 -18.99 -4.39 14.79
N ALA B 552 -18.28 -4.39 15.92
CA ALA B 552 -17.46 -5.54 16.28
C ALA B 552 -18.31 -6.75 16.58
N LEU B 553 -19.41 -6.56 17.30
CA LEU B 553 -20.28 -7.68 17.66
C LEU B 553 -21.15 -8.13 16.49
N ASN B 554 -21.55 -7.22 15.60
CA ASN B 554 -22.42 -7.65 14.52
C ASN B 554 -21.67 -8.36 13.40
N ARG B 555 -20.34 -8.21 13.35
CA ARG B 555 -19.58 -8.90 12.31
C ARG B 555 -19.42 -10.39 12.63
N SER B 556 -19.23 -10.72 13.89
CA SER B 556 -18.88 -12.06 14.33
C SER B 556 -20.07 -13.01 14.41
N LYS B 557 -21.19 -12.69 13.77
CA LYS B 557 -22.34 -13.59 13.83
C LYS B 557 -22.16 -14.82 12.96
N ILE B 558 -21.59 -14.68 11.77
CA ILE B 558 -21.32 -15.82 10.92
C ILE B 558 -19.89 -15.73 10.41
N CYS B 559 -19.08 -16.74 10.69
CA CYS B 559 -17.68 -16.78 10.29
C CYS B 559 -17.55 -17.23 8.85
N SER B 560 -16.33 -17.14 8.33
CA SER B 560 -16.14 -17.44 6.91
C SER B 560 -15.86 -18.91 6.66
N SER B 561 -15.76 -19.72 7.70
CA SER B 561 -15.57 -21.16 7.64
C SER B 561 -16.58 -21.83 8.54
N ASP B 562 -17.85 -21.53 8.32
CA ASP B 562 -18.78 -21.46 9.43
C ASP B 562 -19.38 -22.76 9.96
N PRO B 563 -19.89 -23.70 9.15
CA PRO B 563 -20.51 -24.87 9.77
C PRO B 563 -19.51 -25.72 10.53
N LEU B 564 -18.28 -25.84 10.03
CA LEU B 564 -17.28 -26.62 10.74
C LEU B 564 -16.70 -25.87 11.93
N CYS B 565 -16.79 -24.54 11.95
CA CYS B 565 -16.20 -23.81 13.07
C CYS B 565 -17.06 -23.92 14.32
N SER B 566 -18.39 -23.85 14.17
CA SER B 566 -19.24 -23.87 15.34
C SER B 566 -19.49 -25.28 15.84
N GLU B 567 -19.30 -26.29 14.98
CA GLU B 567 -19.47 -27.68 15.38
C GLU B 567 -18.25 -28.23 16.10
N HIS B 568 -17.18 -27.45 16.22
CA HIS B 568 -15.93 -27.94 16.77
C HIS B 568 -16.10 -28.28 18.25
N ASN B 569 -15.63 -29.45 18.64
CA ASN B 569 -15.75 -29.95 20.01
C ASN B 569 -14.36 -30.24 20.56
N PRO B 570 -13.92 -29.54 21.60
CA PRO B 570 -12.56 -29.73 22.08
C PRO B 570 -12.36 -30.96 22.95
N GLU B 571 -13.42 -31.61 23.41
CA GLU B 571 -13.26 -32.84 24.17
C GLU B 571 -12.76 -33.97 23.28
N LYS B 572 -13.07 -33.90 21.98
CA LYS B 572 -12.69 -34.96 21.06
C LYS B 572 -11.18 -35.00 20.85
N ASP B 573 -10.53 -33.84 20.68
CA ASP B 573 -9.12 -33.86 20.30
C ASP B 573 -8.28 -32.86 21.09
N ARG B 574 -8.63 -32.64 22.36
CA ARG B 574 -7.72 -32.08 23.38
C ARG B 574 -7.24 -30.66 23.06
N SER B 575 -8.04 -29.88 22.35
CA SER B 575 -7.68 -28.49 22.10
C SER B 575 -8.12 -27.60 23.26
N LEU B 576 -7.61 -26.38 23.26
CA LEU B 576 -7.97 -25.38 24.25
C LEU B 576 -8.87 -24.29 23.68
N HIS B 577 -9.37 -24.45 22.47
CA HIS B 577 -10.28 -23.50 21.88
C HIS B 577 -11.51 -24.23 21.35
N ALA B 578 -12.61 -23.52 21.29
CA ALA B 578 -13.85 -24.05 20.74
C ALA B 578 -14.57 -22.91 20.05
N ALA B 579 -14.89 -23.10 18.76
CA ALA B 579 -15.55 -22.08 17.93
C ALA B 579 -14.76 -20.78 17.89
N ALA B 580 -13.45 -20.89 17.64
CA ALA B 580 -12.59 -19.72 17.56
C ALA B 580 -11.43 -20.06 16.62
N CYS B 581 -11.59 -19.74 15.35
CA CYS B 581 -10.63 -20.11 14.33
C CYS B 581 -9.72 -18.94 14.00
N HIS B 582 -8.94 -19.09 12.94
CA HIS B 582 -8.05 -18.00 12.52
C HIS B 582 -8.83 -16.86 11.88
N ALA B 583 -9.94 -17.17 11.22
CA ALA B 583 -10.66 -16.18 10.44
C ALA B 583 -11.68 -15.41 11.26
N CYS B 584 -11.71 -15.60 12.57
CA CYS B 584 -12.63 -14.83 13.40
C CYS B 584 -12.04 -14.34 14.70
N THR B 585 -11.01 -14.95 15.25
CA THR B 585 -10.67 -14.64 16.64
C THR B 585 -9.20 -14.35 16.91
N LEU B 586 -8.26 -14.99 16.21
CA LEU B 586 -6.86 -14.95 16.62
C LEU B 586 -6.15 -13.69 16.13
N VAL B 587 -5.17 -13.23 16.91
CA VAL B 587 -4.36 -12.08 16.60
C VAL B 587 -2.91 -12.53 16.48
N ALA B 588 -2.03 -11.57 16.19
CA ALA B 588 -0.61 -11.84 16.04
C ALA B 588 0.03 -12.14 17.39
N GLU B 589 1.11 -12.93 17.36
CA GLU B 589 1.70 -13.45 18.59
C GLU B 589 2.32 -12.35 19.43
N THR B 590 2.62 -11.20 18.83
CA THR B 590 3.14 -10.07 19.60
C THR B 590 2.07 -9.51 20.52
N SER B 591 0.85 -9.37 20.02
CA SER B 591 -0.23 -8.76 20.79
C SER B 591 -0.74 -9.64 21.91
N CYS B 592 -0.78 -10.96 21.71
CA CYS B 592 -1.51 -11.84 22.60
C CYS B 592 -0.76 -12.10 23.89
N GLU B 593 -1.53 -12.27 24.95
CA GLU B 593 -1.03 -12.42 26.30
C GLU B 593 -0.85 -13.87 26.71
N GLN B 594 -1.50 -14.79 26.02
CA GLN B 594 -1.54 -16.19 26.44
C GLN B 594 -1.16 -17.14 25.31
N GLY B 595 -1.50 -16.81 24.09
CA GLY B 595 -1.16 -17.68 22.99
C GLY B 595 -2.32 -18.43 22.39
N ASN B 596 -3.44 -17.72 22.22
CA ASN B 596 -4.66 -18.25 21.59
C ASN B 596 -5.24 -19.45 22.33
N ARG B 597 -5.05 -19.49 23.64
CA ARG B 597 -5.63 -20.49 24.51
C ARG B 597 -6.77 -19.88 25.29
N TYR B 598 -7.81 -20.69 25.52
CA TYR B 598 -9.03 -20.30 26.25
C TYR B 598 -9.76 -19.14 25.55
N LEU B 599 -10.26 -19.42 24.35
CA LEU B 599 -11.09 -18.48 23.62
C LEU B 599 -12.29 -19.18 23.03
N ASP B 600 -13.47 -18.56 23.15
CA ASP B 600 -14.71 -19.10 22.61
C ASP B 600 -15.70 -17.97 22.38
N ARG B 601 -16.32 -17.93 21.20
CA ARG B 601 -17.13 -16.77 20.84
C ARG B 601 -18.62 -16.97 21.05
N SER B 602 -19.09 -18.21 21.21
CA SER B 602 -20.50 -18.45 21.48
C SER B 602 -20.89 -18.03 22.88
N LEU B 603 -19.93 -17.74 23.75
CA LEU B 603 -20.22 -17.14 25.04
C LEU B 603 -20.65 -15.69 24.94
N LEU B 604 -20.55 -15.07 23.77
CA LEU B 604 -20.81 -13.65 23.62
C LEU B 604 -22.06 -13.34 22.82
N ILE B 605 -22.30 -13.99 21.69
CA ILE B 605 -23.52 -13.76 20.91
C ILE B 605 -24.11 -15.10 20.51
N PRO B 606 -25.39 -15.12 20.10
CA PRO B 606 -25.94 -16.34 19.51
C PRO B 606 -25.22 -16.72 18.22
N THR B 607 -24.82 -17.99 18.14
CA THR B 607 -24.14 -18.56 16.99
C THR B 607 -25.07 -19.54 16.30
N LEU B 608 -24.53 -20.25 15.31
CA LEU B 608 -25.33 -21.13 14.48
C LEU B 608 -25.77 -22.40 15.20
N GLU B 609 -25.14 -22.75 16.33
CA GLU B 609 -25.49 -23.97 17.06
C GLU B 609 -25.89 -23.75 18.51
N ARG B 610 -25.43 -22.69 19.16
CA ARG B 610 -25.83 -22.39 20.54
C ARG B 610 -26.49 -21.03 20.58
N ILE B 611 -27.50 -20.89 21.45
CA ILE B 611 -28.28 -19.67 21.56
C ILE B 611 -28.28 -19.12 22.98
N HIS B 612 -28.50 -19.97 23.97
CA HIS B 612 -28.79 -19.51 25.31
C HIS B 612 -27.55 -19.24 26.16
N ALA B 613 -26.36 -19.25 25.58
CA ALA B 613 -25.14 -18.99 26.34
C ALA B 613 -24.64 -17.55 26.23
N ALA B 614 -25.35 -16.70 25.50
CA ALA B 614 -24.86 -15.36 25.20
C ALA B 614 -24.87 -14.46 26.43
N PHE B 615 -23.97 -13.48 26.44
CA PHE B 615 -23.91 -12.46 27.48
C PHE B 615 -24.52 -11.15 27.06
N PHE B 616 -24.43 -10.82 25.76
CA PHE B 616 -25.05 -9.63 25.22
C PHE B 616 -26.31 -10.03 24.46
N LYS B 617 -27.46 -9.63 24.98
CA LYS B 617 -28.75 -10.10 24.49
C LYS B 617 -29.43 -8.98 23.70
N GLY B 618 -30.10 -9.37 22.60
CA GLY B 618 -30.86 -8.44 21.81
C GLY B 618 -30.07 -7.70 20.76
N PHE B 619 -28.76 -7.93 20.66
CA PHE B 619 -27.95 -7.28 19.64
C PHE B 619 -27.95 -8.12 18.37
#